data_2N81
#
_entry.id   2N81
#
_entity_poly.entity_id   1
_entity_poly.type   'polypeptide(L)'
_entity_poly.pdbx_seq_one_letter_code
;ALSCGTVSADLAPCVTYLQAPNNASPPPPCCAGVKKLLAAATTTPDRQAACNCLKSAAGSIPKLNTNNAAALPGKCGVSI
PYKISTSTNCNTVRF
;
_entity_poly.pdbx_strand_id   A
#
# COMPACT_ATOMS: atom_id res chain seq x y z
N ALA A 1 19.48 0.79 -0.89
CA ALA A 1 18.60 -0.36 -0.76
C ALA A 1 17.37 -0.03 0.08
N LEU A 2 16.20 -0.34 -0.45
CA LEU A 2 14.94 -0.08 0.25
C LEU A 2 14.60 -1.21 1.21
N SER A 3 14.42 -0.86 2.48
CA SER A 3 14.09 -1.85 3.50
C SER A 3 12.65 -1.68 3.98
N CYS A 4 11.99 -2.79 4.26
CA CYS A 4 10.60 -2.77 4.72
C CYS A 4 10.46 -1.85 5.92
N GLY A 5 11.52 -1.73 6.71
CA GLY A 5 11.48 -0.88 7.89
C GLY A 5 11.09 0.54 7.56
N THR A 6 11.32 0.94 6.31
CA THR A 6 11.00 2.29 5.87
C THR A 6 9.68 2.32 5.11
N VAL A 7 9.30 1.19 4.53
CA VAL A 7 8.06 1.08 3.79
C VAL A 7 6.85 1.31 4.68
N SER A 8 6.93 0.81 5.91
CA SER A 8 5.84 0.97 6.87
C SER A 8 5.64 2.44 7.23
N ALA A 9 6.69 3.23 7.07
CA ALA A 9 6.63 4.65 7.37
C ALA A 9 5.48 5.33 6.62
N ASP A 10 5.33 4.97 5.35
CA ASP A 10 4.28 5.54 4.52
C ASP A 10 2.92 4.90 4.83
N LEU A 11 2.98 3.68 5.35
CA LEU A 11 1.75 2.95 5.70
C LEU A 11 1.14 3.50 6.98
N ALA A 12 1.97 4.13 7.80
CA ALA A 12 1.51 4.70 9.06
C ALA A 12 0.26 5.56 8.86
N PRO A 13 0.39 6.61 8.03
CA PRO A 13 -0.71 7.53 7.73
C PRO A 13 -1.80 6.87 6.88
N CYS A 14 -1.52 5.66 6.41
CA CYS A 14 -2.47 4.92 5.59
C CYS A 14 -3.28 3.94 6.43
N VAL A 15 -2.77 3.64 7.63
CA VAL A 15 -3.43 2.71 8.53
C VAL A 15 -4.77 3.26 9.00
N THR A 16 -4.80 4.57 9.25
CA THR A 16 -6.03 5.23 9.70
C THR A 16 -7.20 4.91 8.78
N TYR A 17 -6.96 4.98 7.48
CA TYR A 17 -7.99 4.70 6.49
C TYR A 17 -8.27 3.21 6.40
N LEU A 18 -7.24 2.40 6.67
CA LEU A 18 -7.37 0.95 6.62
C LEU A 18 -8.32 0.45 7.72
N GLN A 19 -8.49 1.26 8.75
CA GLN A 19 -9.37 0.90 9.86
C GLN A 19 -10.70 1.67 9.79
N ALA A 20 -10.76 2.62 8.86
CA ALA A 20 -11.97 3.42 8.69
C ALA A 20 -12.96 2.73 7.77
N PRO A 21 -14.23 3.17 7.83
CA PRO A 21 -15.31 2.59 7.02
C PRO A 21 -15.16 2.93 5.53
N ASN A 22 -15.97 2.29 4.71
CA ASN A 22 -15.93 2.52 3.26
C ASN A 22 -16.35 3.95 2.93
N ASN A 23 -16.97 4.62 3.90
CA ASN A 23 -17.42 5.99 3.70
C ASN A 23 -16.28 6.98 3.93
N ALA A 24 -15.20 6.49 4.54
CA ALA A 24 -14.04 7.33 4.81
C ALA A 24 -13.17 7.48 3.57
N SER A 25 -12.39 8.56 3.52
CA SER A 25 -11.52 8.82 2.39
C SER A 25 -10.06 8.76 2.81
N PRO A 26 -9.17 8.60 1.82
CA PRO A 26 -7.72 8.51 2.06
C PRO A 26 -7.10 9.87 2.38
N PRO A 27 -6.02 9.86 3.17
CA PRO A 27 -5.32 11.09 3.56
C PRO A 27 -4.31 11.55 2.50
N PRO A 28 -4.29 12.86 2.23
CA PRO A 28 -3.39 13.46 1.25
C PRO A 28 -1.94 13.00 1.44
N PRO A 29 -1.48 13.02 2.69
CA PRO A 29 -0.12 12.61 3.04
C PRO A 29 0.13 11.13 2.78
N CYS A 30 -0.94 10.33 2.88
CA CYS A 30 -0.84 8.89 2.65
C CYS A 30 -0.65 8.59 1.17
N CYS A 31 -1.54 9.12 0.34
CA CYS A 31 -1.48 8.90 -1.10
C CYS A 31 -0.10 9.24 -1.64
N ALA A 32 0.46 10.36 -1.19
CA ALA A 32 1.77 10.79 -1.63
C ALA A 32 2.80 9.66 -1.49
N GLY A 33 2.79 9.00 -0.33
CA GLY A 33 3.71 7.91 -0.09
C GLY A 33 3.73 6.91 -1.23
N VAL A 34 2.55 6.52 -1.69
CA VAL A 34 2.43 5.55 -2.77
C VAL A 34 3.24 5.98 -3.98
N LYS A 35 3.10 7.25 -4.36
CA LYS A 35 3.83 7.80 -5.51
C LYS A 35 5.33 7.81 -5.24
N LYS A 36 5.70 8.00 -3.98
CA LYS A 36 7.11 8.03 -3.59
C LYS A 36 7.76 6.66 -3.79
N LEU A 37 6.96 5.61 -3.70
CA LEU A 37 7.46 4.25 -3.87
C LEU A 37 8.24 4.12 -5.17
N LEU A 38 7.87 4.92 -6.15
CA LEU A 38 8.54 4.91 -7.45
C LEU A 38 10.04 5.14 -7.30
N ALA A 39 10.39 6.22 -6.59
CA ALA A 39 11.79 6.55 -6.36
C ALA A 39 12.35 5.81 -5.16
N ALA A 40 11.48 5.06 -4.48
CA ALA A 40 11.89 4.30 -3.30
C ALA A 40 12.88 3.21 -3.67
N ALA A 41 12.46 2.32 -4.57
CA ALA A 41 13.31 1.23 -5.01
C ALA A 41 14.40 1.73 -5.96
N THR A 42 15.27 0.81 -6.40
CA THR A 42 16.36 1.16 -7.31
C THR A 42 16.26 0.36 -8.60
N THR A 43 15.78 -0.87 -8.50
CA THR A 43 15.64 -1.74 -9.66
C THR A 43 14.17 -1.95 -10.02
N THR A 44 13.93 -2.75 -11.05
CA THR A 44 12.57 -3.03 -11.50
C THR A 44 11.83 -3.90 -10.48
N PRO A 45 12.41 -5.08 -10.19
CA PRO A 45 11.82 -6.03 -9.23
C PRO A 45 11.90 -5.52 -7.79
N ASP A 46 12.84 -4.61 -7.54
CA ASP A 46 13.02 -4.05 -6.21
C ASP A 46 11.78 -3.28 -5.78
N ARG A 47 11.10 -2.67 -6.76
CA ARG A 47 9.89 -1.89 -6.48
C ARG A 47 8.79 -2.78 -5.92
N GLN A 48 8.72 -4.02 -6.40
CA GLN A 48 7.71 -4.96 -5.95
C GLN A 48 7.86 -5.26 -4.45
N ALA A 49 9.10 -5.21 -3.97
CA ALA A 49 9.38 -5.47 -2.57
C ALA A 49 8.47 -4.64 -1.66
N ALA A 50 8.17 -3.41 -2.10
CA ALA A 50 7.31 -2.52 -1.33
C ALA A 50 5.95 -3.17 -1.07
N CYS A 51 5.32 -3.65 -2.14
CA CYS A 51 4.01 -4.29 -2.03
C CYS A 51 4.08 -5.52 -1.13
N ASN A 52 5.27 -6.12 -1.05
CA ASN A 52 5.46 -7.31 -0.22
C ASN A 52 5.52 -6.94 1.26
N CYS A 53 6.10 -5.78 1.55
CA CYS A 53 6.22 -5.31 2.93
C CYS A 53 4.84 -5.00 3.52
N LEU A 54 4.00 -4.36 2.72
CA LEU A 54 2.65 -4.00 3.17
C LEU A 54 1.83 -5.25 3.46
N LYS A 55 2.30 -6.39 2.97
CA LYS A 55 1.61 -7.66 3.18
C LYS A 55 1.81 -8.16 4.61
N SER A 56 3.01 -7.94 5.14
CA SER A 56 3.32 -8.37 6.50
C SER A 56 2.67 -7.45 7.53
N ALA A 57 2.90 -6.15 7.38
CA ALA A 57 2.33 -5.17 8.30
C ALA A 57 0.81 -5.17 8.23
N ALA A 58 0.27 -5.66 7.12
CA ALA A 58 -1.18 -5.73 6.95
C ALA A 58 -1.82 -6.64 7.99
N GLY A 59 -1.13 -7.73 8.32
CA GLY A 59 -1.65 -8.66 9.31
C GLY A 59 -1.40 -8.20 10.72
N SER A 60 -0.99 -6.95 10.88
CA SER A 60 -0.71 -6.39 12.20
C SER A 60 -1.51 -5.11 12.43
N ILE A 61 -2.53 -4.90 11.60
CA ILE A 61 -3.37 -3.72 11.72
C ILE A 61 -4.67 -4.04 12.43
N PRO A 62 -5.00 -3.24 13.46
CA PRO A 62 -6.23 -3.42 14.25
C PRO A 62 -7.49 -3.08 13.45
N LYS A 63 -8.38 -4.06 13.30
CA LYS A 63 -9.62 -3.86 12.56
C LYS A 63 -9.34 -3.60 11.09
N LEU A 64 -8.24 -4.16 10.59
CA LEU A 64 -7.86 -3.99 9.19
C LEU A 64 -9.05 -4.26 8.27
N ASN A 65 -9.27 -3.36 7.31
CA ASN A 65 -10.36 -3.49 6.37
C ASN A 65 -9.84 -3.71 4.95
N THR A 66 -9.71 -4.97 4.54
CA THR A 66 -9.22 -5.29 3.21
C THR A 66 -10.04 -4.59 2.13
N ASN A 67 -11.32 -4.39 2.41
CA ASN A 67 -12.22 -3.74 1.47
C ASN A 67 -11.75 -2.31 1.18
N ASN A 68 -11.32 -1.61 2.23
CA ASN A 68 -10.86 -0.24 2.09
C ASN A 68 -9.56 -0.18 1.30
N ALA A 69 -8.78 -1.26 1.37
CA ALA A 69 -7.51 -1.34 0.65
C ALA A 69 -7.72 -1.21 -0.85
N ALA A 70 -8.91 -1.59 -1.32
CA ALA A 70 -9.23 -1.52 -2.73
C ALA A 70 -9.51 -0.09 -3.16
N ALA A 71 -10.13 0.68 -2.28
CA ALA A 71 -10.46 2.08 -2.56
C ALA A 71 -9.28 2.99 -2.22
N LEU A 72 -8.30 2.45 -1.50
CA LEU A 72 -7.12 3.21 -1.11
C LEU A 72 -6.52 3.92 -2.32
N PRO A 73 -6.14 3.14 -3.34
CA PRO A 73 -5.55 3.68 -4.57
C PRO A 73 -6.54 4.47 -5.40
N GLY A 74 -7.73 3.90 -5.59
CA GLY A 74 -8.76 4.57 -6.37
C GLY A 74 -8.92 6.03 -5.99
N LYS A 75 -9.39 6.26 -4.76
CA LYS A 75 -9.59 7.63 -4.28
C LYS A 75 -8.28 8.43 -4.35
N CYS A 76 -7.16 7.73 -4.24
CA CYS A 76 -5.86 8.37 -4.29
C CYS A 76 -5.54 8.84 -5.70
N GLY A 77 -6.26 8.30 -6.68
CA GLY A 77 -6.03 8.68 -8.06
C GLY A 77 -4.98 7.83 -8.73
N VAL A 78 -4.39 6.90 -7.98
CA VAL A 78 -3.37 6.02 -8.50
C VAL A 78 -3.96 4.72 -9.03
N SER A 79 -3.36 4.19 -10.10
CA SER A 79 -3.84 2.96 -10.71
C SER A 79 -2.70 1.96 -10.88
N ILE A 80 -2.94 0.73 -10.44
CA ILE A 80 -1.94 -0.32 -10.54
C ILE A 80 -2.44 -1.49 -11.40
N PRO A 81 -1.49 -2.25 -11.96
CA PRO A 81 -1.82 -3.40 -12.82
C PRO A 81 -2.41 -4.55 -12.02
N TYR A 82 -2.37 -4.44 -10.69
CA TYR A 82 -2.91 -5.48 -9.82
C TYR A 82 -3.79 -4.88 -8.73
N LYS A 83 -4.27 -5.73 -7.83
CA LYS A 83 -5.12 -5.27 -6.74
C LYS A 83 -4.40 -5.41 -5.40
N ILE A 84 -4.51 -4.37 -4.57
CA ILE A 84 -3.87 -4.37 -3.26
C ILE A 84 -4.74 -5.06 -2.21
N SER A 85 -4.58 -6.37 -2.09
CA SER A 85 -5.36 -7.15 -1.13
C SER A 85 -4.56 -8.35 -0.63
N THR A 86 -4.92 -8.83 0.56
CA THR A 86 -4.24 -9.97 1.16
C THR A 86 -4.46 -11.24 0.33
N SER A 87 -5.56 -11.27 -0.41
CA SER A 87 -5.89 -12.42 -1.25
C SER A 87 -5.19 -12.32 -2.60
N THR A 88 -4.81 -11.11 -2.98
CA THR A 88 -4.13 -10.89 -4.25
C THR A 88 -2.67 -11.32 -4.19
N ASN A 89 -2.22 -12.02 -5.21
CA ASN A 89 -0.84 -12.50 -5.27
C ASN A 89 0.07 -11.46 -5.94
N CYS A 90 0.53 -10.49 -5.16
CA CYS A 90 1.41 -9.45 -5.67
C CYS A 90 2.64 -10.05 -6.33
N ASN A 91 3.01 -11.26 -5.93
CA ASN A 91 4.16 -11.94 -6.49
C ASN A 91 3.93 -12.28 -7.95
N THR A 92 2.66 -12.37 -8.34
CA THR A 92 2.31 -12.69 -9.72
C THR A 92 2.08 -11.43 -10.54
N VAL A 93 2.65 -10.32 -10.09
CA VAL A 93 2.51 -9.04 -10.78
C VAL A 93 3.69 -8.80 -11.72
N ARG A 94 3.40 -8.16 -12.86
CA ARG A 94 4.44 -7.86 -13.84
C ARG A 94 5.31 -6.70 -13.38
N PHE A 95 6.25 -6.29 -14.23
CA PHE A 95 7.14 -5.19 -13.90
C PHE A 95 6.51 -3.84 -14.26
N ALA A 1 18.21 0.89 -2.46
CA ALA A 1 18.22 0.91 -1.00
C ALA A 1 16.80 0.93 -0.44
N LEU A 2 15.93 0.13 -1.04
CA LEU A 2 14.54 0.06 -0.60
C LEU A 2 14.39 -0.95 0.54
N SER A 3 13.84 -0.49 1.66
CA SER A 3 13.64 -1.34 2.82
C SER A 3 12.21 -1.24 3.33
N CYS A 4 11.62 -2.39 3.67
CA CYS A 4 10.25 -2.44 4.17
C CYS A 4 10.08 -1.49 5.35
N GLY A 5 11.13 -1.30 6.12
CA GLY A 5 11.07 -0.42 7.27
C GLY A 5 10.57 0.97 6.90
N THR A 6 10.79 1.36 5.65
CA THR A 6 10.36 2.67 5.17
C THR A 6 9.06 2.58 4.39
N VAL A 7 8.80 1.40 3.82
CA VAL A 7 7.58 1.18 3.05
C VAL A 7 6.33 1.33 3.92
N SER A 8 6.37 0.75 5.12
CA SER A 8 5.26 0.82 6.04
C SER A 8 4.91 2.27 6.38
N ALA A 9 5.89 3.16 6.19
CA ALA A 9 5.70 4.57 6.47
C ALA A 9 4.55 5.15 5.63
N ASP A 10 4.22 4.46 4.55
CA ASP A 10 3.15 4.91 3.67
C ASP A 10 1.79 4.53 4.23
N LEU A 11 1.72 3.36 4.85
CA LEU A 11 0.48 2.86 5.43
C LEU A 11 0.22 3.50 6.80
N ALA A 12 1.29 4.01 7.40
CA ALA A 12 1.19 4.65 8.72
C ALA A 12 0.08 5.71 8.72
N PRO A 13 0.22 6.71 7.84
CA PRO A 13 -0.76 7.80 7.73
C PRO A 13 -2.08 7.33 7.14
N CYS A 14 -2.12 6.08 6.70
CA CYS A 14 -3.32 5.51 6.11
C CYS A 14 -3.91 4.43 7.01
N VAL A 15 -3.35 4.30 8.22
CA VAL A 15 -3.83 3.31 9.18
C VAL A 15 -5.25 3.61 9.62
N THR A 16 -5.48 4.84 10.07
CA THR A 16 -6.81 5.25 10.53
C THR A 16 -7.86 5.01 9.46
N TYR A 17 -7.52 5.32 8.20
CA TYR A 17 -8.43 5.13 7.09
C TYR A 17 -8.75 3.66 6.89
N LEU A 18 -7.73 2.81 7.02
CA LEU A 18 -7.90 1.38 6.85
C LEU A 18 -8.95 0.83 7.80
N GLN A 19 -9.01 1.41 9.00
CA GLN A 19 -9.98 0.98 10.01
C GLN A 19 -11.32 1.70 9.81
N ALA A 20 -11.33 2.69 8.93
CA ALA A 20 -12.54 3.45 8.66
C ALA A 20 -13.38 2.77 7.59
N PRO A 21 -14.67 3.17 7.50
CA PRO A 21 -15.60 2.60 6.54
C PRO A 21 -15.28 3.01 5.10
N ASN A 22 -15.96 2.39 4.14
CA ASN A 22 -15.74 2.68 2.73
C ASN A 22 -16.13 4.12 2.41
N ASN A 23 -17.02 4.68 3.22
CA ASN A 23 -17.47 6.05 3.02
C ASN A 23 -16.36 7.05 3.32
N ALA A 24 -15.35 6.59 4.05
CA ALA A 24 -14.22 7.45 4.42
C ALA A 24 -13.22 7.54 3.27
N SER A 25 -12.39 8.58 3.31
CA SER A 25 -11.39 8.78 2.27
C SER A 25 -9.98 8.83 2.87
N PRO A 26 -8.97 8.64 2.00
CA PRO A 26 -7.57 8.66 2.42
C PRO A 26 -7.02 10.06 2.58
N PRO A 27 -5.91 10.20 3.33
CA PRO A 27 -5.27 11.49 3.57
C PRO A 27 -4.32 11.89 2.44
N PRO A 28 -4.45 13.14 1.98
CA PRO A 28 -3.62 13.67 0.89
C PRO A 28 -2.13 13.40 1.12
N PRO A 29 -1.66 13.63 2.36
CA PRO A 29 -0.26 13.42 2.73
C PRO A 29 0.15 11.96 2.61
N CYS A 30 -0.81 11.06 2.82
CA CYS A 30 -0.55 9.63 2.74
C CYS A 30 -0.35 9.19 1.28
N CYS A 31 -1.27 9.60 0.42
CA CYS A 31 -1.20 9.26 -0.99
C CYS A 31 0.15 9.65 -1.58
N ALA A 32 0.61 10.85 -1.23
CA ALA A 32 1.89 11.35 -1.72
C ALA A 32 3.01 10.33 -1.49
N GLY A 33 3.03 9.75 -0.30
CA GLY A 33 4.05 8.76 0.02
C GLY A 33 4.19 7.70 -1.05
N VAL A 34 3.06 7.17 -1.52
CA VAL A 34 3.07 6.15 -2.55
C VAL A 34 3.87 6.59 -3.77
N LYS A 35 3.61 7.82 -4.22
CA LYS A 35 4.31 8.36 -5.38
C LYS A 35 5.79 8.54 -5.09
N LYS A 36 6.12 8.80 -3.82
CA LYS A 36 7.50 8.98 -3.41
C LYS A 36 8.28 7.67 -3.50
N LEU A 37 7.58 6.56 -3.27
CA LEU A 37 8.20 5.24 -3.32
C LEU A 37 8.77 4.97 -4.71
N LEU A 38 8.30 5.71 -5.70
CA LEU A 38 8.76 5.56 -7.08
C LEU A 38 10.28 5.61 -7.15
N ALA A 39 10.86 6.55 -6.42
CA ALA A 39 12.31 6.72 -6.40
C ALA A 39 12.95 5.80 -5.36
N ALA A 40 12.12 5.25 -4.48
CA ALA A 40 12.60 4.36 -3.43
C ALA A 40 13.17 3.07 -4.02
N ALA A 41 12.61 2.64 -5.16
CA ALA A 41 13.06 1.44 -5.83
C ALA A 41 14.39 1.66 -6.53
N THR A 42 15.31 0.71 -6.39
CA THR A 42 16.62 0.81 -7.02
C THR A 42 16.65 0.08 -8.35
N THR A 43 15.86 -0.99 -8.46
CA THR A 43 15.80 -1.77 -9.68
C THR A 43 14.36 -1.92 -10.17
N THR A 44 14.18 -2.59 -11.30
CA THR A 44 12.86 -2.79 -11.88
C THR A 44 12.03 -3.74 -11.02
N PRO A 45 12.56 -4.95 -10.80
CA PRO A 45 11.88 -5.98 -9.99
C PRO A 45 11.85 -5.62 -8.51
N ASP A 46 12.74 -4.73 -8.11
CA ASP A 46 12.82 -4.30 -6.72
C ASP A 46 11.55 -3.56 -6.30
N ARG A 47 10.87 -2.98 -7.28
CA ARG A 47 9.64 -2.24 -7.02
C ARG A 47 8.57 -3.16 -6.44
N GLN A 48 8.58 -4.41 -6.86
CA GLN A 48 7.61 -5.39 -6.38
C GLN A 48 7.76 -5.61 -4.88
N ALA A 49 8.99 -5.54 -4.40
CA ALA A 49 9.26 -5.73 -2.97
C ALA A 49 8.34 -4.86 -2.12
N ALA A 50 8.03 -3.68 -2.62
CA ALA A 50 7.16 -2.75 -1.90
C ALA A 50 5.80 -3.39 -1.59
N CYS A 51 5.18 -3.96 -2.62
CA CYS A 51 3.88 -4.61 -2.46
C CYS A 51 3.98 -5.79 -1.49
N ASN A 52 5.17 -6.37 -1.39
CA ASN A 52 5.39 -7.50 -0.50
C ASN A 52 5.42 -7.05 0.95
N CYS A 53 5.96 -5.86 1.19
CA CYS A 53 6.06 -5.32 2.54
C CYS A 53 4.67 -5.05 3.12
N LEU A 54 3.79 -4.50 2.30
CA LEU A 54 2.43 -4.20 2.73
C LEU A 54 1.72 -5.46 3.20
N LYS A 55 2.20 -6.61 2.75
CA LYS A 55 1.62 -7.89 3.14
C LYS A 55 1.92 -8.22 4.59
N SER A 56 3.17 -7.98 4.99
CA SER A 56 3.60 -8.25 6.36
C SER A 56 2.85 -7.35 7.35
N ALA A 57 2.92 -6.04 7.13
CA ALA A 57 2.26 -5.09 8.00
C ALA A 57 0.75 -5.33 8.02
N ALA A 58 0.21 -5.74 6.88
CA ALA A 58 -1.23 -6.01 6.77
C ALA A 58 -1.66 -7.10 7.75
N GLY A 59 -0.78 -8.08 7.96
CA GLY A 59 -1.08 -9.17 8.87
C GLY A 59 -0.87 -8.79 10.33
N SER A 60 -0.65 -7.50 10.57
CA SER A 60 -0.43 -7.02 11.93
C SER A 60 -1.31 -5.82 12.24
N ILE A 61 -2.31 -5.60 11.38
CA ILE A 61 -3.24 -4.48 11.57
C ILE A 61 -4.54 -4.95 12.21
N PRO A 62 -4.86 -4.36 13.38
CA PRO A 62 -6.08 -4.70 14.11
C PRO A 62 -7.33 -4.20 13.41
N LYS A 63 -8.25 -5.12 13.12
CA LYS A 63 -9.50 -4.77 12.45
C LYS A 63 -9.23 -4.27 11.03
N LEU A 64 -8.14 -4.75 10.44
CA LEU A 64 -7.77 -4.35 9.08
C LEU A 64 -8.96 -4.52 8.14
N ASN A 65 -9.14 -3.55 7.25
CA ASN A 65 -10.23 -3.58 6.28
C ASN A 65 -9.70 -3.66 4.85
N THR A 66 -9.40 -4.88 4.41
CA THR A 66 -8.88 -5.09 3.06
C THR A 66 -9.75 -4.40 2.02
N ASN A 67 -11.03 -4.24 2.33
CA ASN A 67 -11.96 -3.59 1.42
C ASN A 67 -11.54 -2.15 1.14
N ASN A 68 -11.17 -1.43 2.21
CA ASN A 68 -10.75 -0.04 2.07
C ASN A 68 -9.41 0.05 1.35
N ALA A 69 -8.62 -1.02 1.45
CA ALA A 69 -7.31 -1.06 0.82
C ALA A 69 -7.44 -0.98 -0.70
N ALA A 70 -8.59 -1.39 -1.22
CA ALA A 70 -8.84 -1.37 -2.66
C ALA A 70 -9.12 0.06 -3.13
N ALA A 71 -9.77 0.85 -2.29
CA ALA A 71 -10.10 2.22 -2.63
C ALA A 71 -8.95 3.17 -2.27
N LEU A 72 -7.99 2.65 -1.51
CA LEU A 72 -6.84 3.46 -1.11
C LEU A 72 -6.18 4.12 -2.31
N PRO A 73 -5.75 3.29 -3.28
CA PRO A 73 -5.11 3.78 -4.50
C PRO A 73 -6.07 4.51 -5.42
N GLY A 74 -7.21 3.88 -5.70
CA GLY A 74 -8.20 4.48 -6.56
C GLY A 74 -8.59 5.88 -6.12
N LYS A 75 -8.87 6.03 -4.83
CA LYS A 75 -9.26 7.32 -4.28
C LYS A 75 -8.06 8.26 -4.21
N CYS A 76 -6.86 7.69 -4.12
CA CYS A 76 -5.64 8.48 -4.06
C CYS A 76 -5.24 8.98 -5.45
N GLY A 77 -5.98 8.55 -6.46
CA GLY A 77 -5.70 8.96 -7.82
C GLY A 77 -4.67 8.08 -8.49
N VAL A 78 -4.06 7.18 -7.71
CA VAL A 78 -3.05 6.27 -8.23
C VAL A 78 -3.67 4.95 -8.67
N SER A 79 -3.01 4.25 -9.59
CA SER A 79 -3.50 2.98 -10.09
C SER A 79 -2.35 2.01 -10.32
N ILE A 80 -2.43 0.84 -9.68
CA ILE A 80 -1.40 -0.18 -9.82
C ILE A 80 -1.96 -1.46 -10.43
N PRO A 81 -1.08 -2.25 -11.05
CA PRO A 81 -1.46 -3.52 -11.68
C PRO A 81 -1.86 -4.58 -10.66
N TYR A 82 -1.61 -4.30 -9.39
CA TYR A 82 -1.93 -5.22 -8.32
C TYR A 82 -2.85 -4.57 -7.28
N LYS A 83 -3.11 -5.29 -6.20
CA LYS A 83 -3.97 -4.79 -5.14
C LYS A 83 -3.31 -4.98 -3.77
N ILE A 84 -3.91 -4.39 -2.74
CA ILE A 84 -3.39 -4.50 -1.39
C ILE A 84 -4.30 -5.34 -0.51
N SER A 85 -4.25 -6.65 -0.68
CA SER A 85 -5.07 -7.56 0.10
C SER A 85 -4.37 -8.89 0.31
N THR A 86 -4.65 -9.54 1.44
CA THR A 86 -4.04 -10.82 1.76
C THR A 86 -4.49 -11.90 0.80
N SER A 87 -5.65 -11.69 0.16
CA SER A 87 -6.19 -12.65 -0.79
C SER A 87 -5.60 -12.44 -2.18
N THR A 88 -5.10 -11.23 -2.43
CA THR A 88 -4.51 -10.90 -3.71
C THR A 88 -3.16 -11.58 -3.89
N ASN A 89 -2.94 -12.16 -5.06
CA ASN A 89 -1.69 -12.85 -5.36
C ASN A 89 -0.68 -11.89 -5.97
N CYS A 90 -0.18 -10.96 -5.15
CA CYS A 90 0.81 -9.99 -5.60
C CYS A 90 2.08 -10.67 -6.10
N ASN A 91 2.27 -11.93 -5.67
CA ASN A 91 3.43 -12.69 -6.07
C ASN A 91 3.42 -12.97 -7.57
N THR A 92 2.24 -12.87 -8.17
CA THR A 92 2.09 -13.12 -9.61
C THR A 92 2.02 -11.81 -10.38
N VAL A 93 2.65 -10.77 -9.83
CA VAL A 93 2.66 -9.46 -10.48
C VAL A 93 3.91 -9.27 -11.32
N ARG A 94 3.75 -8.64 -12.48
CA ARG A 94 4.87 -8.40 -13.39
C ARG A 94 5.52 -7.06 -13.08
N PHE A 95 6.54 -6.71 -13.87
CA PHE A 95 7.26 -5.45 -13.69
C PHE A 95 6.44 -4.27 -14.18
N ALA A 1 18.50 1.23 -1.47
CA ALA A 1 17.46 0.26 -1.79
C ALA A 1 16.23 0.48 -0.91
N LEU A 2 15.08 -0.03 -1.36
CA LEU A 2 13.84 0.11 -0.62
C LEU A 2 13.70 -0.99 0.43
N SER A 3 13.54 -0.60 1.69
CA SER A 3 13.40 -1.55 2.77
C SER A 3 12.01 -1.47 3.40
N CYS A 4 11.54 -2.58 3.93
CA CYS A 4 10.22 -2.63 4.57
C CYS A 4 10.19 -1.79 5.83
N GLY A 5 11.34 -1.66 6.49
CA GLY A 5 11.42 -0.87 7.71
C GLY A 5 10.99 0.56 7.50
N THR A 6 11.03 1.01 6.25
CA THR A 6 10.63 2.38 5.92
C THR A 6 9.19 2.44 5.45
N VAL A 7 8.70 1.32 4.92
CA VAL A 7 7.33 1.24 4.43
C VAL A 7 6.33 1.54 5.54
N SER A 8 6.58 1.00 6.72
CA SER A 8 5.70 1.20 7.86
C SER A 8 5.46 2.70 8.11
N ALA A 9 6.48 3.50 7.82
CA ALA A 9 6.38 4.94 7.99
C ALA A 9 5.21 5.52 7.21
N ASP A 10 5.09 5.11 5.95
CA ASP A 10 4.01 5.59 5.10
C ASP A 10 2.70 4.88 5.44
N LEU A 11 2.80 3.74 6.10
CA LEU A 11 1.62 2.97 6.49
C LEU A 11 0.92 3.61 7.68
N ALA A 12 1.68 4.37 8.47
CA ALA A 12 1.12 5.05 9.64
C ALA A 12 -0.13 5.82 9.28
N PRO A 13 0.01 6.80 8.37
CA PRO A 13 -1.11 7.63 7.92
C PRO A 13 -2.11 6.85 7.08
N CYS A 14 -1.77 5.61 6.75
CA CYS A 14 -2.64 4.77 5.95
C CYS A 14 -3.48 3.85 6.84
N VAL A 15 -3.03 3.67 8.08
CA VAL A 15 -3.74 2.83 9.04
C VAL A 15 -5.10 3.41 9.37
N THR A 16 -5.15 4.72 9.60
CA THR A 16 -6.40 5.40 9.93
C THR A 16 -7.48 5.11 8.89
N TYR A 17 -7.09 5.16 7.62
CA TYR A 17 -8.02 4.90 6.52
C TYR A 17 -8.35 3.42 6.42
N LEU A 18 -7.36 2.58 6.72
CA LEU A 18 -7.55 1.13 6.65
C LEU A 18 -8.48 0.65 7.76
N GLN A 19 -8.75 1.54 8.72
CA GLN A 19 -9.63 1.21 9.84
C GLN A 19 -10.98 1.89 9.69
N ALA A 20 -11.06 2.85 8.76
CA ALA A 20 -12.29 3.59 8.53
C ALA A 20 -13.26 2.77 7.67
N PRO A 21 -14.54 3.14 7.70
CA PRO A 21 -15.59 2.47 6.94
C PRO A 21 -15.46 2.69 5.43
N ASN A 22 -16.48 2.28 4.68
CA ASN A 22 -16.46 2.44 3.24
C ASN A 22 -16.36 3.91 2.84
N ASN A 23 -16.86 4.78 3.72
CA ASN A 23 -16.82 6.22 3.47
C ASN A 23 -15.60 6.85 4.14
N ALA A 24 -14.51 6.11 4.19
CA ALA A 24 -13.27 6.59 4.79
C ALA A 24 -12.81 7.87 4.12
N SER A 25 -11.79 8.51 4.70
CA SER A 25 -11.25 9.75 4.16
C SER A 25 -9.74 9.63 3.92
N PRO A 26 -9.37 8.96 2.82
CA PRO A 26 -7.97 8.77 2.46
C PRO A 26 -7.13 10.03 2.67
N PRO A 27 -6.33 10.03 3.75
CA PRO A 27 -5.47 11.16 4.10
C PRO A 27 -4.42 11.44 3.03
N PRO A 28 -4.30 12.72 2.63
CA PRO A 28 -3.34 13.15 1.61
C PRO A 28 -1.94 12.59 1.87
N PRO A 29 -1.49 12.68 3.13
CA PRO A 29 -0.16 12.19 3.53
C PRO A 29 0.05 10.72 3.17
N CYS A 30 -1.03 9.94 3.25
CA CYS A 30 -0.97 8.52 2.93
C CYS A 30 -0.83 8.30 1.42
N CYS A 31 -1.71 8.94 0.66
CA CYS A 31 -1.69 8.82 -0.79
C CYS A 31 -0.32 9.18 -1.35
N ALA A 32 0.29 10.22 -0.79
CA ALA A 32 1.60 10.67 -1.24
C ALA A 32 2.61 9.52 -1.19
N GLY A 33 2.56 8.74 -0.13
CA GLY A 33 3.48 7.63 0.02
C GLY A 33 3.51 6.74 -1.21
N VAL A 34 2.34 6.47 -1.77
CA VAL A 34 2.24 5.62 -2.95
C VAL A 34 3.04 6.20 -4.11
N LYS A 35 2.94 7.52 -4.30
CA LYS A 35 3.66 8.19 -5.38
C LYS A 35 5.15 8.23 -5.08
N LYS A 36 5.51 8.20 -3.80
CA LYS A 36 6.90 8.22 -3.38
C LYS A 36 7.64 6.97 -3.85
N LEU A 37 6.89 5.89 -4.00
CA LEU A 37 7.47 4.62 -4.45
C LEU A 37 8.31 4.82 -5.70
N LEU A 38 7.92 5.78 -6.53
CA LEU A 38 8.63 6.07 -7.77
C LEU A 38 10.12 6.24 -7.50
N ALA A 39 10.45 7.11 -6.55
CA ALA A 39 11.85 7.36 -6.20
C ALA A 39 12.35 6.33 -5.19
N ALA A 40 11.43 5.59 -4.58
CA ALA A 40 11.78 4.58 -3.60
C ALA A 40 12.37 3.34 -4.27
N ALA A 41 11.68 2.84 -5.28
CA ALA A 41 12.13 1.66 -6.01
C ALA A 41 13.29 2.01 -6.94
N THR A 42 14.30 1.13 -6.98
CA THR A 42 15.46 1.34 -7.83
C THR A 42 15.30 0.62 -9.16
N THR A 43 15.11 -0.69 -9.11
CA THR A 43 14.94 -1.49 -10.31
C THR A 43 13.47 -1.74 -10.62
N THR A 44 13.20 -2.47 -11.69
CA THR A 44 11.85 -2.78 -12.10
C THR A 44 11.16 -3.70 -11.08
N PRO A 45 11.78 -4.87 -10.86
CA PRO A 45 11.24 -5.86 -9.91
C PRO A 45 11.36 -5.40 -8.47
N ASP A 46 12.25 -4.45 -8.22
CA ASP A 46 12.47 -3.93 -6.87
C ASP A 46 11.21 -3.21 -6.36
N ARG A 47 10.42 -2.69 -7.30
CA ARG A 47 9.20 -1.98 -6.94
C ARG A 47 8.20 -2.93 -6.27
N GLN A 48 8.22 -4.20 -6.68
CA GLN A 48 7.32 -5.19 -6.11
C GLN A 48 7.59 -5.38 -4.62
N ALA A 49 8.85 -5.21 -4.22
CA ALA A 49 9.23 -5.37 -2.82
C ALA A 49 8.30 -4.59 -1.91
N ALA A 50 7.88 -3.41 -2.36
CA ALA A 50 6.98 -2.58 -1.58
C ALA A 50 5.66 -3.28 -1.31
N CYS A 51 5.05 -3.82 -2.37
CA CYS A 51 3.78 -4.53 -2.26
C CYS A 51 3.92 -5.75 -1.36
N ASN A 52 5.14 -6.24 -1.21
CA ASN A 52 5.41 -7.40 -0.37
C ASN A 52 5.39 -7.02 1.11
N CYS A 53 5.90 -5.82 1.41
CA CYS A 53 5.95 -5.35 2.79
C CYS A 53 4.54 -5.10 3.33
N LEU A 54 3.68 -4.53 2.48
CA LEU A 54 2.31 -4.23 2.87
C LEU A 54 1.57 -5.50 3.27
N LYS A 55 2.10 -6.64 2.85
CA LYS A 55 1.50 -7.94 3.18
C LYS A 55 1.77 -8.31 4.63
N SER A 56 2.99 -8.06 5.09
CA SER A 56 3.38 -8.37 6.45
C SER A 56 2.78 -7.36 7.43
N ALA A 57 2.98 -6.08 7.15
CA ALA A 57 2.46 -5.03 8.01
C ALA A 57 0.94 -5.10 8.10
N ALA A 58 0.32 -5.68 7.09
CA ALA A 58 -1.14 -5.81 7.05
C ALA A 58 -1.63 -6.73 8.17
N GLY A 59 -0.84 -7.76 8.48
CA GLY A 59 -1.21 -8.69 9.52
C GLY A 59 -0.90 -8.16 10.91
N SER A 60 -0.54 -6.88 10.98
CA SER A 60 -0.21 -6.26 12.26
C SER A 60 -1.06 -5.01 12.49
N ILE A 61 -2.10 -4.85 11.67
CA ILE A 61 -2.98 -3.69 11.79
C ILE A 61 -4.26 -4.05 12.53
N PRO A 62 -4.59 -3.25 13.56
CA PRO A 62 -5.81 -3.47 14.36
C PRO A 62 -7.09 -3.17 13.59
N LYS A 63 -7.94 -4.19 13.47
CA LYS A 63 -9.21 -4.04 12.76
C LYS A 63 -8.96 -3.82 11.27
N LEU A 64 -7.85 -4.35 10.76
CA LEU A 64 -7.51 -4.20 9.36
C LEU A 64 -8.69 -4.53 8.47
N ASN A 65 -8.97 -3.67 7.50
CA ASN A 65 -10.07 -3.87 6.58
C ASN A 65 -9.58 -4.06 5.15
N THR A 66 -9.46 -5.32 4.73
CA THR A 66 -8.99 -5.64 3.39
C THR A 66 -9.84 -4.95 2.33
N ASN A 67 -11.12 -4.76 2.63
CA ASN A 67 -12.03 -4.12 1.70
C ASN A 67 -11.60 -2.68 1.43
N ASN A 68 -11.12 -2.00 2.47
CA ASN A 68 -10.67 -0.62 2.34
C ASN A 68 -9.42 -0.53 1.48
N ALA A 69 -8.62 -1.60 1.49
CA ALA A 69 -7.39 -1.64 0.72
C ALA A 69 -7.68 -1.52 -0.77
N ALA A 70 -8.89 -1.89 -1.17
CA ALA A 70 -9.29 -1.82 -2.57
C ALA A 70 -9.58 -0.38 -2.98
N ALA A 71 -10.15 0.39 -2.06
CA ALA A 71 -10.47 1.78 -2.33
C ALA A 71 -9.28 2.70 -2.06
N LEU A 72 -8.25 2.15 -1.42
CA LEU A 72 -7.05 2.92 -1.10
C LEU A 72 -6.52 3.61 -2.35
N PRO A 73 -6.21 2.82 -3.39
CA PRO A 73 -5.69 3.35 -4.65
C PRO A 73 -6.74 4.13 -5.43
N GLY A 74 -7.92 3.53 -5.60
CA GLY A 74 -8.98 4.19 -6.33
C GLY A 74 -9.26 5.58 -5.82
N LYS A 75 -9.47 5.71 -4.52
CA LYS A 75 -9.75 7.00 -3.90
C LYS A 75 -8.53 7.92 -3.98
N CYS A 76 -7.34 7.33 -4.02
CA CYS A 76 -6.11 8.08 -4.11
C CYS A 76 -5.90 8.63 -5.52
N GLY A 77 -6.55 7.99 -6.49
CA GLY A 77 -6.43 8.43 -7.87
C GLY A 77 -5.16 7.91 -8.53
N VAL A 78 -4.59 6.86 -7.95
CA VAL A 78 -3.37 6.26 -8.50
C VAL A 78 -3.68 4.98 -9.25
N SER A 79 -2.98 4.76 -10.36
CA SER A 79 -3.18 3.57 -11.17
C SER A 79 -1.93 2.71 -11.17
N ILE A 80 -2.07 1.46 -10.71
CA ILE A 80 -0.95 0.54 -10.66
C ILE A 80 -1.30 -0.78 -11.36
N PRO A 81 -0.26 -1.53 -11.76
CA PRO A 81 -0.43 -2.81 -12.45
C PRO A 81 -0.97 -3.89 -11.52
N TYR A 82 -1.02 -3.59 -10.23
CA TYR A 82 -1.52 -4.53 -9.24
C TYR A 82 -2.17 -3.81 -8.07
N LYS A 83 -3.21 -4.42 -7.50
CA LYS A 83 -3.92 -3.83 -6.38
C LYS A 83 -3.24 -4.17 -5.06
N ILE A 84 -3.37 -3.29 -4.08
CA ILE A 84 -2.76 -3.50 -2.77
C ILE A 84 -3.77 -4.09 -1.79
N SER A 85 -3.91 -5.42 -1.80
CA SER A 85 -4.84 -6.10 -0.92
C SER A 85 -4.33 -7.50 -0.58
N THR A 86 -4.67 -7.97 0.62
CA THR A 86 -4.26 -9.30 1.07
C THR A 86 -4.87 -10.39 0.20
N SER A 87 -5.97 -10.06 -0.48
CA SER A 87 -6.65 -11.02 -1.34
C SER A 87 -6.03 -11.04 -2.73
N THR A 88 -5.40 -9.94 -3.10
CA THR A 88 -4.76 -9.82 -4.41
C THR A 88 -3.45 -10.59 -4.44
N ASN A 89 -3.20 -11.29 -5.54
CA ASN A 89 -1.98 -12.07 -5.71
C ASN A 89 -0.87 -11.22 -6.32
N CYS A 90 -0.16 -10.48 -5.49
CA CYS A 90 0.92 -9.63 -5.96
C CYS A 90 2.07 -10.46 -6.52
N ASN A 91 2.03 -11.76 -6.25
CA ASN A 91 3.07 -12.68 -6.74
C ASN A 91 2.90 -12.94 -8.22
N THR A 92 1.83 -12.41 -8.80
CA THR A 92 1.54 -12.60 -10.22
C THR A 92 2.31 -11.59 -11.08
N VAL A 93 2.94 -10.62 -10.42
CA VAL A 93 3.70 -9.60 -11.11
C VAL A 93 5.16 -10.04 -11.30
N ARG A 94 5.61 -10.03 -12.55
CA ARG A 94 6.99 -10.42 -12.87
C ARG A 94 7.84 -9.21 -13.17
N PHE A 95 7.51 -8.08 -12.55
CA PHE A 95 8.25 -6.84 -12.76
C PHE A 95 8.14 -5.93 -11.54
N ALA A 1 17.51 3.66 -1.33
CA ALA A 1 17.15 2.24 -1.40
C ALA A 1 15.81 1.97 -0.74
N LEU A 2 15.01 1.11 -1.36
CA LEU A 2 13.69 0.78 -0.84
C LEU A 2 13.79 -0.34 0.20
N SER A 3 13.27 -0.08 1.40
CA SER A 3 13.30 -1.06 2.47
C SER A 3 12.02 -1.00 3.30
N CYS A 4 11.55 -2.17 3.74
CA CYS A 4 10.33 -2.26 4.52
C CYS A 4 10.39 -1.32 5.73
N GLY A 5 11.59 -1.15 6.28
CA GLY A 5 11.77 -0.28 7.42
C GLY A 5 11.15 1.09 7.21
N THR A 6 11.08 1.52 5.95
CA THR A 6 10.52 2.82 5.62
C THR A 6 9.15 2.67 4.97
N VAL A 7 8.89 1.50 4.40
CA VAL A 7 7.62 1.22 3.74
C VAL A 7 6.46 1.33 4.73
N SER A 8 6.65 0.78 5.92
CA SER A 8 5.61 0.80 6.95
C SER A 8 5.17 2.24 7.23
N ALA A 9 6.09 3.18 7.04
CA ALA A 9 5.79 4.59 7.27
C ALA A 9 4.69 5.08 6.34
N ASP A 10 4.43 4.31 5.28
CA ASP A 10 3.39 4.67 4.33
C ASP A 10 2.01 4.29 4.84
N LEU A 11 1.94 3.16 5.54
CA LEU A 11 0.67 2.69 6.09
C LEU A 11 0.33 3.42 7.39
N ALA A 12 1.35 4.01 8.01
CA ALA A 12 1.16 4.75 9.26
C ALA A 12 0.03 5.77 9.12
N PRO A 13 0.19 6.71 8.18
CA PRO A 13 -0.80 7.76 7.93
C PRO A 13 -2.07 7.21 7.30
N CYS A 14 -2.04 5.93 6.95
CA CYS A 14 -3.20 5.28 6.33
C CYS A 14 -3.87 4.31 7.30
N VAL A 15 -3.34 4.26 8.52
CA VAL A 15 -3.88 3.38 9.55
C VAL A 15 -5.30 3.77 9.93
N THR A 16 -5.47 5.03 10.30
CA THR A 16 -6.78 5.55 10.70
C THR A 16 -7.84 5.23 9.64
N TYR A 17 -7.47 5.40 8.38
CA TYR A 17 -8.39 5.14 7.27
C TYR A 17 -8.69 3.64 7.17
N LEU A 18 -7.65 2.83 7.30
CA LEU A 18 -7.80 1.38 7.21
C LEU A 18 -8.75 0.86 8.30
N GLN A 19 -8.86 1.63 9.39
CA GLN A 19 -9.73 1.26 10.50
C GLN A 19 -11.08 1.95 10.39
N ALA A 20 -11.16 2.94 9.50
CA ALA A 20 -12.40 3.68 9.30
C ALA A 20 -13.31 2.96 8.30
N PRO A 21 -14.59 3.34 8.29
CA PRO A 21 -15.59 2.75 7.38
C PRO A 21 -15.36 3.16 5.93
N ASN A 22 -16.11 2.52 5.02
CA ASN A 22 -15.98 2.81 3.60
C ASN A 22 -16.41 4.25 3.30
N ASN A 23 -17.11 4.85 4.25
CA ASN A 23 -17.59 6.22 4.08
C ASN A 23 -16.45 7.22 4.24
N ALA A 24 -15.40 6.81 4.94
CA ALA A 24 -14.25 7.67 5.16
C ALA A 24 -13.31 7.65 3.95
N SER A 25 -12.47 8.67 3.85
CA SER A 25 -11.53 8.77 2.74
C SER A 25 -10.09 8.77 3.24
N PRO A 26 -9.16 8.50 2.33
CA PRO A 26 -7.72 8.45 2.66
C PRO A 26 -7.10 9.85 2.71
N PRO A 27 -6.02 9.98 3.49
CA PRO A 27 -5.30 11.25 3.65
C PRO A 27 -4.32 11.51 2.51
N PRO A 28 -4.40 12.71 1.92
CA PRO A 28 -3.53 13.11 0.82
C PRO A 28 -2.06 12.85 1.12
N PRO A 29 -1.63 13.22 2.34
CA PRO A 29 -0.24 13.03 2.78
C PRO A 29 0.20 11.57 2.69
N CYS A 30 -0.73 10.66 2.90
CA CYS A 30 -0.44 9.23 2.85
C CYS A 30 -0.22 8.77 1.40
N CYS A 31 -1.12 9.20 0.52
CA CYS A 31 -1.03 8.84 -0.89
C CYS A 31 0.34 9.22 -1.46
N ALA A 32 0.85 10.37 -1.05
CA ALA A 32 2.15 10.83 -1.52
C ALA A 32 3.21 9.75 -1.37
N GLY A 33 3.23 9.11 -0.21
CA GLY A 33 4.20 8.06 0.04
C GLY A 33 4.23 7.02 -1.06
N VAL A 34 3.06 6.57 -1.48
CA VAL A 34 2.94 5.58 -2.54
C VAL A 34 3.73 6.00 -3.78
N LYS A 35 3.59 7.25 -4.16
CA LYS A 35 4.29 7.78 -5.33
C LYS A 35 5.79 7.89 -5.06
N LYS A 36 6.14 8.07 -3.79
CA LYS A 36 7.54 8.19 -3.40
C LYS A 36 8.33 6.96 -3.83
N LEU A 37 7.62 5.84 -4.03
CA LEU A 37 8.26 4.61 -4.45
C LEU A 37 9.19 4.84 -5.65
N LEU A 38 8.83 5.80 -6.48
CA LEU A 38 9.63 6.12 -7.66
C LEU A 38 11.08 6.36 -7.28
N ALA A 39 11.31 7.27 -6.34
CA ALA A 39 12.66 7.59 -5.89
C ALA A 39 13.11 6.63 -4.78
N ALA A 40 12.23 5.70 -4.42
CA ALA A 40 12.53 4.71 -3.39
C ALA A 40 13.11 3.44 -3.99
N ALA A 41 12.65 3.10 -5.19
CA ALA A 41 13.13 1.90 -5.87
C ALA A 41 14.54 2.11 -6.42
N THR A 42 15.36 1.05 -6.35
CA THR A 42 16.73 1.12 -6.82
C THR A 42 16.89 0.33 -8.12
N THR A 43 15.99 -0.63 -8.35
CA THR A 43 16.03 -1.46 -9.54
C THR A 43 14.62 -1.73 -10.07
N THR A 44 14.55 -2.50 -11.15
CA THR A 44 13.27 -2.84 -11.76
C THR A 44 12.46 -3.78 -10.86
N PRO A 45 13.05 -4.93 -10.53
CA PRO A 45 12.42 -5.93 -9.67
C PRO A 45 12.29 -5.46 -8.22
N ASP A 46 13.11 -4.48 -7.85
CA ASP A 46 13.09 -3.94 -6.50
C ASP A 46 11.76 -3.27 -6.20
N ARG A 47 11.11 -2.76 -7.24
CA ARG A 47 9.83 -2.08 -7.08
C ARG A 47 8.78 -3.04 -6.55
N GLN A 48 8.89 -4.31 -6.91
CA GLN A 48 7.95 -5.33 -6.47
C GLN A 48 8.01 -5.50 -4.95
N ALA A 49 9.20 -5.34 -4.39
CA ALA A 49 9.40 -5.47 -2.96
C ALA A 49 8.36 -4.66 -2.18
N ALA A 50 7.96 -3.52 -2.74
CA ALA A 50 6.98 -2.66 -2.10
C ALA A 50 5.64 -3.38 -1.95
N CYS A 51 5.15 -3.95 -3.04
CA CYS A 51 3.88 -4.66 -3.03
C CYS A 51 3.95 -5.86 -2.08
N ASN A 52 5.16 -6.27 -1.73
CA ASN A 52 5.36 -7.40 -0.84
C ASN A 52 5.25 -6.97 0.62
N CYS A 53 5.76 -5.77 0.91
CA CYS A 53 5.72 -5.25 2.27
C CYS A 53 4.28 -4.98 2.71
N LEU A 54 3.47 -4.44 1.80
CA LEU A 54 2.09 -4.14 2.09
C LEU A 54 1.33 -5.38 2.55
N LYS A 55 1.86 -6.55 2.18
CA LYS A 55 1.26 -7.82 2.55
C LYS A 55 1.51 -8.14 4.02
N SER A 56 2.74 -7.89 4.47
CA SER A 56 3.12 -8.15 5.85
C SER A 56 2.48 -7.12 6.80
N ALA A 57 2.72 -5.85 6.51
CA ALA A 57 2.18 -4.76 7.32
C ALA A 57 0.66 -4.86 7.42
N ALA A 58 0.05 -5.46 6.40
CA ALA A 58 -1.40 -5.62 6.39
C ALA A 58 -1.86 -6.66 7.41
N GLY A 59 -1.08 -7.71 7.56
CA GLY A 59 -1.41 -8.76 8.52
C GLY A 59 -1.05 -8.39 9.94
N SER A 60 -0.67 -7.12 10.15
CA SER A 60 -0.29 -6.65 11.47
C SER A 60 -1.08 -5.40 11.84
N ILE A 61 -2.15 -5.13 11.10
CA ILE A 61 -2.98 -3.97 11.34
C ILE A 61 -4.25 -4.36 12.10
N PRO A 62 -4.52 -3.64 13.21
CA PRO A 62 -5.69 -3.89 14.05
C PRO A 62 -6.99 -3.49 13.36
N LYS A 63 -7.92 -4.44 13.25
CA LYS A 63 -9.21 -4.19 12.61
C LYS A 63 -9.01 -3.78 11.15
N LEU A 64 -7.93 -4.26 10.55
CA LEU A 64 -7.64 -3.95 9.15
C LEU A 64 -8.87 -4.16 8.28
N ASN A 65 -9.32 -3.09 7.62
CA ASN A 65 -10.48 -3.16 6.75
C ASN A 65 -10.07 -3.38 5.30
N THR A 66 -9.96 -4.64 4.91
CA THR A 66 -9.57 -4.98 3.54
C THR A 66 -10.43 -4.24 2.52
N ASN A 67 -11.69 -4.00 2.88
CA ASN A 67 -12.61 -3.30 1.99
C ASN A 67 -12.11 -1.89 1.69
N ASN A 68 -11.65 -1.20 2.73
CA ASN A 68 -11.14 0.16 2.57
C ASN A 68 -9.84 0.17 1.78
N ALA A 69 -9.11 -0.94 1.83
CA ALA A 69 -7.85 -1.06 1.11
C ALA A 69 -8.06 -0.97 -0.40
N ALA A 70 -9.26 -1.34 -0.84
CA ALA A 70 -9.59 -1.29 -2.26
C ALA A 70 -9.80 0.14 -2.73
N ALA A 71 -10.31 0.98 -1.84
CA ALA A 71 -10.56 2.38 -2.17
C ALA A 71 -9.32 3.23 -1.94
N LEU A 72 -8.36 2.69 -1.20
CA LEU A 72 -7.12 3.40 -0.92
C LEU A 72 -6.49 3.93 -2.20
N PRO A 73 -6.31 3.04 -3.19
CA PRO A 73 -5.71 3.40 -4.48
C PRO A 73 -6.64 4.27 -5.31
N GLY A 74 -7.88 3.85 -5.46
CA GLY A 74 -8.84 4.62 -6.24
C GLY A 74 -8.97 6.04 -5.75
N LYS A 75 -9.08 6.22 -4.44
CA LYS A 75 -9.21 7.55 -3.85
C LYS A 75 -7.88 8.30 -3.93
N CYS A 76 -6.78 7.56 -3.99
CA CYS A 76 -5.45 8.16 -4.07
C CYS A 76 -5.14 8.59 -5.49
N GLY A 77 -6.06 8.32 -6.40
CA GLY A 77 -5.86 8.69 -7.79
C GLY A 77 -4.69 7.95 -8.43
N VAL A 78 -4.25 6.89 -7.78
CA VAL A 78 -3.13 6.09 -8.28
C VAL A 78 -3.63 4.80 -8.94
N SER A 79 -2.99 4.43 -10.05
CA SER A 79 -3.37 3.23 -10.77
C SER A 79 -2.23 2.22 -10.76
N ILE A 80 -2.58 0.94 -10.65
CA ILE A 80 -1.59 -0.13 -10.63
C ILE A 80 -2.18 -1.43 -11.16
N PRO A 81 -1.30 -2.32 -11.64
CA PRO A 81 -1.71 -3.62 -12.19
C PRO A 81 -2.20 -4.57 -11.10
N TYR A 82 -1.80 -4.31 -9.87
CA TYR A 82 -2.21 -5.14 -8.74
C TYR A 82 -3.11 -4.37 -7.79
N LYS A 83 -4.14 -5.04 -7.28
CA LYS A 83 -5.09 -4.41 -6.36
C LYS A 83 -4.58 -4.52 -4.93
N ILE A 84 -5.43 -4.10 -3.98
CA ILE A 84 -5.07 -4.16 -2.57
C ILE A 84 -5.88 -5.23 -1.84
N SER A 85 -5.32 -6.43 -1.74
CA SER A 85 -5.98 -7.52 -1.06
C SER A 85 -4.97 -8.49 -0.44
N THR A 86 -5.37 -9.14 0.65
CA THR A 86 -4.48 -10.07 1.34
C THR A 86 -4.16 -11.27 0.46
N SER A 87 -5.12 -11.67 -0.38
CA SER A 87 -4.95 -12.80 -1.27
C SER A 87 -4.67 -12.34 -2.70
N THR A 88 -4.08 -11.15 -2.82
CA THR A 88 -3.76 -10.59 -4.13
C THR A 88 -2.68 -11.40 -4.82
N ASN A 89 -2.79 -11.53 -6.14
CA ASN A 89 -1.81 -12.28 -6.93
C ASN A 89 -0.70 -11.36 -7.42
N CYS A 90 -0.20 -10.50 -6.54
CA CYS A 90 0.87 -9.58 -6.89
C CYS A 90 2.20 -10.32 -7.05
N ASN A 91 2.26 -11.53 -6.51
CA ASN A 91 3.48 -12.34 -6.59
C ASN A 91 3.68 -12.85 -8.01
N THR A 92 2.68 -12.68 -8.86
CA THR A 92 2.75 -13.13 -10.25
C THR A 92 3.03 -11.96 -11.19
N VAL A 93 2.91 -10.75 -10.67
CA VAL A 93 3.15 -9.55 -11.46
C VAL A 93 4.53 -9.59 -12.11
N ARG A 94 4.60 -9.17 -13.38
CA ARG A 94 5.86 -9.16 -14.11
C ARG A 94 6.73 -8.01 -13.66
N PHE A 95 7.79 -8.33 -12.92
CA PHE A 95 8.72 -7.31 -12.41
C PHE A 95 7.95 -6.17 -11.75
N ALA A 1 18.85 2.39 -0.29
CA ALA A 1 18.42 1.00 -0.11
C ALA A 1 16.97 0.92 0.35
N LEU A 2 16.20 0.08 -0.31
CA LEU A 2 14.79 -0.10 0.03
C LEU A 2 14.62 -1.11 1.16
N SER A 3 13.97 -0.68 2.23
CA SER A 3 13.74 -1.54 3.38
C SER A 3 12.35 -1.31 3.98
N CYS A 4 11.70 -2.39 4.39
CA CYS A 4 10.36 -2.31 4.98
C CYS A 4 10.33 -1.29 6.12
N GLY A 5 11.46 -1.15 6.81
CA GLY A 5 11.54 -0.21 7.92
C GLY A 5 11.09 1.19 7.52
N THR A 6 11.24 1.52 6.24
CA THR A 6 10.86 2.83 5.73
C THR A 6 9.51 2.76 5.02
N VAL A 7 9.17 1.58 4.52
CA VAL A 7 7.91 1.39 3.80
C VAL A 7 6.72 1.65 4.72
N SER A 8 6.78 1.10 5.94
CA SER A 8 5.71 1.28 6.90
C SER A 8 5.57 2.74 7.32
N ALA A 9 6.63 3.51 7.07
CA ALA A 9 6.63 4.93 7.41
C ALA A 9 5.47 5.66 6.75
N ASP A 10 5.25 5.38 5.46
CA ASP A 10 4.17 6.01 4.72
C ASP A 10 2.83 5.37 5.06
N LEU A 11 2.88 4.16 5.60
CA LEU A 11 1.67 3.45 5.98
C LEU A 11 1.09 4.00 7.28
N ALA A 12 1.93 4.65 8.07
CA ALA A 12 1.51 5.24 9.34
C ALA A 12 0.25 6.09 9.15
N PRO A 13 0.36 7.12 8.31
CA PRO A 13 -0.75 8.03 8.03
C PRO A 13 -1.86 7.37 7.22
N CYS A 14 -1.59 6.15 6.76
CA CYS A 14 -2.57 5.40 5.98
C CYS A 14 -3.35 4.42 6.86
N VAL A 15 -2.79 4.13 8.02
CA VAL A 15 -3.44 3.21 8.96
C VAL A 15 -4.75 3.79 9.48
N THR A 16 -4.73 5.07 9.81
CA THR A 16 -5.91 5.74 10.32
C THR A 16 -7.12 5.51 9.41
N TYR A 17 -6.90 5.66 8.11
CA TYR A 17 -7.97 5.46 7.13
C TYR A 17 -8.36 3.98 7.04
N LEU A 18 -7.36 3.12 7.10
CA LEU A 18 -7.60 1.67 7.03
C LEU A 18 -8.53 1.22 8.14
N GLN A 19 -8.55 1.97 9.24
CA GLN A 19 -9.39 1.65 10.39
C GLN A 19 -10.75 2.32 10.26
N ALA A 20 -10.84 3.31 9.39
CA ALA A 20 -12.09 4.02 9.18
C ALA A 20 -12.99 3.30 8.18
N PRO A 21 -14.28 3.66 8.17
CA PRO A 21 -15.27 3.06 7.27
C PRO A 21 -15.04 3.45 5.81
N ASN A 22 -15.77 2.81 4.91
CA ASN A 22 -15.66 3.10 3.48
C ASN A 22 -16.11 4.52 3.16
N ASN A 23 -16.90 5.09 4.06
CA ASN A 23 -17.40 6.45 3.88
C ASN A 23 -16.31 7.47 4.16
N ALA A 24 -15.23 7.02 4.80
CA ALA A 24 -14.11 7.89 5.13
C ALA A 24 -13.20 8.10 3.92
N SER A 25 -12.40 9.15 3.97
CA SER A 25 -11.48 9.46 2.87
C SER A 25 -10.03 9.38 3.34
N PRO A 26 -9.11 9.19 2.39
CA PRO A 26 -7.67 9.08 2.67
C PRO A 26 -7.02 10.45 2.85
N PRO A 27 -5.92 10.49 3.60
CA PRO A 27 -5.17 11.72 3.86
C PRO A 27 -4.21 12.08 2.73
N PRO A 28 -4.19 13.37 2.36
CA PRO A 28 -3.32 13.86 1.28
C PRO A 28 -1.88 13.40 1.45
N PRO A 29 -1.36 13.51 2.68
CA PRO A 29 0.02 13.11 3.00
C PRO A 29 0.23 11.61 2.86
N CYS A 30 -0.84 10.84 3.06
CA CYS A 30 -0.76 9.39 2.95
C CYS A 30 -0.65 8.96 1.49
N CYS A 31 -1.59 9.40 0.68
CA CYS A 31 -1.60 9.06 -0.74
C CYS A 31 -0.24 9.34 -1.38
N ALA A 32 0.32 10.50 -1.06
CA ALA A 32 1.62 10.90 -1.59
C ALA A 32 2.65 9.80 -1.38
N GLY A 33 2.71 9.29 -0.16
CA GLY A 33 3.66 8.24 0.15
C GLY A 33 3.61 7.08 -0.83
N VAL A 34 2.40 6.67 -1.19
CA VAL A 34 2.20 5.58 -2.13
C VAL A 34 2.98 5.82 -3.42
N LYS A 35 2.87 7.03 -3.96
CA LYS A 35 3.56 7.39 -5.19
C LYS A 35 5.06 7.54 -4.95
N LYS A 36 5.44 7.73 -3.69
CA LYS A 36 6.84 7.88 -3.32
C LYS A 36 7.60 6.58 -3.59
N LEU A 37 6.88 5.47 -3.66
CA LEU A 37 7.50 4.17 -3.91
C LEU A 37 8.40 4.22 -5.14
N LEU A 38 8.04 5.09 -6.09
CA LEU A 38 8.82 5.23 -7.32
C LEU A 38 10.30 5.44 -7.00
N ALA A 39 10.58 6.41 -6.14
CA ALA A 39 11.95 6.70 -5.75
C ALA A 39 12.41 5.80 -4.61
N ALA A 40 11.46 5.13 -3.97
CA ALA A 40 11.78 4.22 -2.86
C ALA A 40 12.47 2.96 -3.38
N ALA A 41 12.08 2.52 -4.57
CA ALA A 41 12.66 1.33 -5.17
C ALA A 41 14.07 1.60 -5.69
N THR A 42 14.95 0.63 -5.52
CA THR A 42 16.34 0.76 -5.96
C THR A 42 16.53 0.16 -7.35
N THR A 43 16.17 -1.12 -7.50
CA THR A 43 16.31 -1.80 -8.77
C THR A 43 14.96 -1.97 -9.46
N THR A 44 14.95 -2.60 -10.63
CA THR A 44 13.73 -2.83 -11.37
C THR A 44 12.82 -3.83 -10.66
N PRO A 45 13.35 -5.04 -10.41
CA PRO A 45 12.62 -6.11 -9.74
C PRO A 45 12.37 -5.80 -8.27
N ASP A 46 13.20 -4.93 -7.71
CA ASP A 46 13.08 -4.55 -6.30
C ASP A 46 11.77 -3.82 -6.04
N ARG A 47 11.21 -3.23 -7.09
CA ARG A 47 9.94 -2.51 -6.98
C ARG A 47 8.84 -3.42 -6.46
N GLN A 48 8.90 -4.69 -6.83
CA GLN A 48 7.90 -5.67 -6.41
C GLN A 48 7.93 -5.83 -4.89
N ALA A 49 9.13 -5.83 -4.32
CA ALA A 49 9.29 -5.98 -2.88
C ALA A 49 8.37 -5.03 -2.12
N ALA A 50 8.13 -3.86 -2.69
CA ALA A 50 7.27 -2.86 -2.08
C ALA A 50 5.86 -3.40 -1.86
N CYS A 51 5.27 -3.95 -2.92
CA CYS A 51 3.93 -4.50 -2.85
C CYS A 51 3.87 -5.67 -1.85
N ASN A 52 5.03 -6.26 -1.58
CA ASN A 52 5.12 -7.38 -0.65
C ASN A 52 5.11 -6.90 0.79
N CYS A 53 5.74 -5.75 1.02
CA CYS A 53 5.80 -5.17 2.36
C CYS A 53 4.41 -4.79 2.86
N LEU A 54 3.63 -4.14 2.00
CA LEU A 54 2.28 -3.74 2.35
C LEU A 54 1.43 -4.93 2.74
N LYS A 55 1.84 -6.12 2.29
CA LYS A 55 1.12 -7.35 2.60
C LYS A 55 1.35 -7.78 4.04
N SER A 56 2.60 -7.64 4.50
CA SER A 56 2.95 -8.01 5.86
C SER A 56 2.37 -7.02 6.87
N ALA A 57 2.66 -5.74 6.67
CA ALA A 57 2.17 -4.69 7.55
C ALA A 57 0.65 -4.70 7.62
N ALA A 58 0.02 -5.14 6.54
CA ALA A 58 -1.44 -5.20 6.47
C ALA A 58 -1.99 -6.28 7.39
N GLY A 59 -1.27 -7.40 7.47
CA GLY A 59 -1.70 -8.50 8.33
C GLY A 59 -1.37 -8.27 9.78
N SER A 60 -0.91 -7.06 10.09
CA SER A 60 -0.55 -6.72 11.47
C SER A 60 -1.37 -5.54 11.96
N ILE A 61 -2.43 -5.20 11.23
CA ILE A 61 -3.30 -4.10 11.59
C ILE A 61 -4.58 -4.60 12.27
N PRO A 62 -4.86 -4.06 13.46
CA PRO A 62 -6.04 -4.44 14.24
C PRO A 62 -7.34 -3.95 13.60
N LYS A 63 -8.22 -4.89 13.27
CA LYS A 63 -9.50 -4.56 12.65
C LYS A 63 -9.29 -3.97 11.26
N LEU A 64 -8.21 -4.37 10.60
CA LEU A 64 -7.90 -3.89 9.26
C LEU A 64 -9.12 -3.98 8.36
N ASN A 65 -9.38 -2.91 7.61
CA ASN A 65 -10.51 -2.86 6.70
C ASN A 65 -10.07 -3.14 5.26
N THR A 66 -10.00 -4.42 4.91
CA THR A 66 -9.59 -4.83 3.57
C THR A 66 -10.40 -4.09 2.51
N ASN A 67 -11.66 -3.80 2.83
CA ASN A 67 -12.54 -3.10 1.90
C ASN A 67 -11.98 -1.72 1.56
N ASN A 68 -11.51 -1.00 2.57
CA ASN A 68 -10.95 0.33 2.38
C ASN A 68 -9.65 0.26 1.58
N ALA A 69 -8.96 -0.87 1.68
CA ALA A 69 -7.70 -1.07 0.99
C ALA A 69 -7.90 -1.02 -0.53
N ALA A 70 -9.10 -1.37 -0.97
CA ALA A 70 -9.42 -1.38 -2.39
C ALA A 70 -9.63 0.04 -2.91
N ALA A 71 -10.13 0.92 -2.04
CA ALA A 71 -10.37 2.31 -2.40
C ALA A 71 -9.12 3.15 -2.23
N LEU A 72 -8.13 2.60 -1.53
CA LEU A 72 -6.88 3.30 -1.28
C LEU A 72 -6.30 3.86 -2.58
N PRO A 73 -6.17 2.99 -3.59
CA PRO A 73 -5.64 3.37 -4.90
C PRO A 73 -6.59 4.27 -5.68
N GLY A 74 -7.85 3.84 -5.77
CA GLY A 74 -8.84 4.62 -6.49
C GLY A 74 -8.93 6.05 -5.99
N LYS A 75 -9.04 6.21 -4.68
CA LYS A 75 -9.14 7.53 -4.08
C LYS A 75 -7.87 8.33 -4.33
N CYS A 76 -6.74 7.63 -4.45
CA CYS A 76 -5.45 8.28 -4.68
C CYS A 76 -5.31 8.67 -6.16
N GLY A 77 -6.06 8.00 -7.02
CA GLY A 77 -6.00 8.29 -8.44
C GLY A 77 -4.96 7.45 -9.16
N VAL A 78 -4.37 6.50 -8.44
CA VAL A 78 -3.35 5.63 -9.02
C VAL A 78 -3.93 4.27 -9.38
N SER A 79 -3.57 3.76 -10.55
CA SER A 79 -4.06 2.46 -11.00
C SER A 79 -2.92 1.45 -11.05
N ILE A 80 -3.28 0.16 -11.10
CA ILE A 80 -2.30 -0.91 -11.15
C ILE A 80 -2.87 -2.15 -11.83
N PRO A 81 -1.98 -2.99 -12.37
CA PRO A 81 -2.38 -4.22 -13.06
C PRO A 81 -2.91 -5.27 -12.10
N TYR A 82 -2.69 -5.05 -10.81
CA TYR A 82 -3.15 -5.99 -9.79
C TYR A 82 -4.10 -5.29 -8.80
N LYS A 83 -4.45 -5.99 -7.74
CA LYS A 83 -5.35 -5.45 -6.73
C LYS A 83 -4.83 -5.74 -5.33
N ILE A 84 -5.39 -5.05 -4.33
CA ILE A 84 -4.98 -5.25 -2.95
C ILE A 84 -5.72 -6.41 -2.30
N SER A 85 -5.12 -7.59 -2.33
CA SER A 85 -5.72 -8.79 -1.75
C SER A 85 -4.66 -9.75 -1.24
N THR A 86 -4.84 -10.22 -0.01
CA THR A 86 -3.89 -11.15 0.60
C THR A 86 -3.87 -12.47 -0.16
N SER A 87 -4.93 -12.75 -0.90
CA SER A 87 -5.02 -13.99 -1.66
C SER A 87 -4.35 -13.84 -3.02
N THR A 88 -4.27 -12.60 -3.51
CA THR A 88 -3.64 -12.33 -4.79
C THR A 88 -2.12 -12.44 -4.71
N ASN A 89 -1.52 -13.06 -5.72
CA ASN A 89 -0.07 -13.22 -5.75
C ASN A 89 0.59 -12.04 -6.45
N CYS A 90 0.78 -10.95 -5.71
CA CYS A 90 1.40 -9.75 -6.26
C CYS A 90 2.80 -10.06 -6.78
N ASN A 91 3.40 -11.13 -6.26
CA ASN A 91 4.73 -11.53 -6.66
C ASN A 91 4.76 -11.94 -8.14
N THR A 92 3.59 -12.29 -8.66
CA THR A 92 3.48 -12.71 -10.06
C THR A 92 3.08 -11.54 -10.94
N VAL A 93 3.28 -10.32 -10.44
CA VAL A 93 2.95 -9.11 -11.18
C VAL A 93 4.17 -8.57 -11.92
N ARG A 94 3.94 -7.99 -13.10
CA ARG A 94 5.02 -7.44 -13.90
C ARG A 94 5.50 -6.11 -13.31
N PHE A 95 6.68 -5.67 -13.75
CA PHE A 95 7.25 -4.42 -13.25
C PHE A 95 6.55 -3.22 -13.88
N ALA A 1 18.24 1.01 -2.00
CA ALA A 1 18.42 0.91 -0.56
C ALA A 1 17.09 1.01 0.18
N LEU A 2 16.04 0.45 -0.43
CA LEU A 2 14.71 0.48 0.17
C LEU A 2 14.53 -0.68 1.14
N SER A 3 14.18 -0.35 2.38
CA SER A 3 13.97 -1.37 3.42
C SER A 3 12.54 -1.35 3.91
N CYS A 4 11.96 -2.53 4.09
CA CYS A 4 10.60 -2.66 4.57
C CYS A 4 10.39 -1.89 5.87
N GLY A 5 11.47 -1.77 6.65
CA GLY A 5 11.39 -1.07 7.92
C GLY A 5 10.93 0.37 7.75
N THR A 6 11.08 0.90 6.54
CA THR A 6 10.68 2.27 6.26
C THR A 6 9.30 2.32 5.60
N VAL A 7 8.92 1.23 4.95
CA VAL A 7 7.62 1.15 4.29
C VAL A 7 6.49 1.33 5.28
N SER A 8 6.71 0.89 6.52
CA SER A 8 5.70 1.02 7.56
C SER A 8 5.43 2.48 7.89
N ALA A 9 6.44 3.32 7.69
CA ALA A 9 6.31 4.75 7.96
C ALA A 9 5.15 5.36 7.16
N ASP A 10 5.07 5.00 5.89
CA ASP A 10 4.02 5.51 5.02
C ASP A 10 2.68 4.82 5.32
N LEU A 11 2.76 3.65 5.93
CA LEU A 11 1.56 2.88 6.28
C LEU A 11 0.88 3.48 7.52
N ALA A 12 1.65 4.21 8.32
CA ALA A 12 1.12 4.83 9.53
C ALA A 12 -0.15 5.60 9.23
N PRO A 13 -0.05 6.60 8.34
CA PRO A 13 -1.19 7.44 7.95
C PRO A 13 -2.22 6.68 7.12
N CYS A 14 -1.86 5.45 6.73
CA CYS A 14 -2.75 4.62 5.93
C CYS A 14 -3.55 3.66 6.82
N VAL A 15 -3.06 3.45 8.03
CA VAL A 15 -3.71 2.56 8.98
C VAL A 15 -5.08 3.09 9.37
N THR A 16 -5.15 4.38 9.67
CA THR A 16 -6.40 5.02 10.06
C THR A 16 -7.51 4.70 9.05
N TYR A 17 -7.19 4.84 7.77
CA TYR A 17 -8.15 4.58 6.72
C TYR A 17 -8.39 3.09 6.55
N LEU A 18 -7.35 2.30 6.79
CA LEU A 18 -7.44 0.85 6.66
C LEU A 18 -8.38 0.27 7.72
N GLN A 19 -8.61 1.03 8.78
CA GLN A 19 -9.49 0.59 9.86
C GLN A 19 -10.83 1.31 9.78
N ALA A 20 -10.92 2.29 8.90
CA ALA A 20 -12.15 3.05 8.72
C ALA A 20 -13.11 2.34 7.77
N PRO A 21 -14.39 2.74 7.81
CA PRO A 21 -15.44 2.15 6.97
C PRO A 21 -15.27 2.54 5.50
N ASN A 22 -16.05 1.91 4.63
CA ASN A 22 -15.98 2.19 3.20
C ASN A 22 -16.43 3.62 2.91
N ASN A 23 -17.08 4.24 3.89
CA ASN A 23 -17.55 5.61 3.73
C ASN A 23 -16.42 6.61 3.93
N ALA A 24 -15.34 6.15 4.55
CA ALA A 24 -14.19 7.01 4.81
C ALA A 24 -13.31 7.14 3.57
N SER A 25 -12.55 8.22 3.49
CA SER A 25 -11.67 8.48 2.36
C SER A 25 -10.21 8.40 2.77
N PRO A 26 -9.32 8.24 1.78
CA PRO A 26 -7.88 8.14 2.02
C PRO A 26 -7.24 9.51 2.28
N PRO A 27 -6.20 9.52 3.11
CA PRO A 27 -5.47 10.76 3.46
C PRO A 27 -4.44 11.13 2.41
N PRO A 28 -4.39 12.42 2.05
CA PRO A 28 -3.44 12.94 1.06
C PRO A 28 -2.01 12.49 1.33
N PRO A 29 -1.60 12.58 2.61
CA PRO A 29 -0.25 12.18 3.03
C PRO A 29 -0.01 10.68 2.88
N CYS A 30 -1.08 9.91 2.97
CA CYS A 30 -0.99 8.46 2.84
C CYS A 30 -0.76 8.05 1.39
N CYS A 31 -1.62 8.53 0.51
CA CYS A 31 -1.52 8.22 -0.92
C CYS A 31 -0.12 8.55 -1.44
N ALA A 32 0.42 9.69 -1.00
CA ALA A 32 1.74 10.12 -1.42
C ALA A 32 2.76 8.99 -1.26
N GLY A 33 2.72 8.32 -0.11
CA GLY A 33 3.64 7.24 0.15
C GLY A 33 3.71 6.25 -1.00
N VAL A 34 2.55 5.82 -1.49
CA VAL A 34 2.48 4.87 -2.59
C VAL A 34 3.34 5.33 -3.77
N LYS A 35 3.21 6.61 -4.12
CA LYS A 35 3.97 7.17 -5.23
C LYS A 35 5.45 7.25 -4.88
N LYS A 36 5.75 7.39 -3.60
CA LYS A 36 7.13 7.47 -3.13
C LYS A 36 7.94 6.27 -3.62
N LEU A 37 7.26 5.17 -3.88
CA LEU A 37 7.91 3.95 -4.34
C LEU A 37 8.81 4.24 -5.54
N LEU A 38 8.41 5.22 -6.34
CA LEU A 38 9.18 5.61 -7.52
C LEU A 38 10.65 5.86 -7.16
N ALA A 39 10.87 6.71 -6.16
CA ALA A 39 12.21 7.03 -5.71
C ALA A 39 12.72 6.00 -4.71
N ALA A 40 11.81 5.17 -4.20
CA ALA A 40 12.16 4.14 -3.25
C ALA A 40 12.90 2.99 -3.91
N ALA A 41 12.26 2.38 -4.91
CA ALA A 41 12.86 1.26 -5.63
C ALA A 41 13.94 1.74 -6.59
N THR A 42 14.69 0.80 -7.15
CA THR A 42 15.76 1.13 -8.08
C THR A 42 15.67 0.30 -9.35
N THR A 43 15.48 -1.02 -9.18
CA THR A 43 15.38 -1.92 -10.31
C THR A 43 13.92 -2.24 -10.62
N THR A 44 13.70 -3.09 -11.62
CA THR A 44 12.35 -3.47 -12.03
C THR A 44 11.68 -4.31 -10.95
N PRO A 45 12.31 -5.44 -10.60
CA PRO A 45 11.79 -6.35 -9.58
C PRO A 45 11.87 -5.76 -8.17
N ASP A 46 12.76 -4.80 -7.99
CA ASP A 46 12.93 -4.14 -6.70
C ASP A 46 11.66 -3.40 -6.29
N ARG A 47 10.95 -2.88 -7.29
CA ARG A 47 9.71 -2.14 -7.04
C ARG A 47 8.66 -3.04 -6.41
N GLN A 48 8.65 -4.31 -6.79
CA GLN A 48 7.69 -5.27 -6.26
C GLN A 48 7.87 -5.44 -4.76
N ALA A 49 9.12 -5.35 -4.30
CA ALA A 49 9.44 -5.49 -2.89
C ALA A 49 8.52 -4.63 -2.04
N ALA A 50 8.18 -3.45 -2.55
CA ALA A 50 7.30 -2.53 -1.83
C ALA A 50 5.97 -3.17 -1.50
N CYS A 51 5.31 -3.73 -2.51
CA CYS A 51 4.03 -4.39 -2.33
C CYS A 51 4.14 -5.55 -1.34
N ASN A 52 5.35 -6.09 -1.21
CA ASN A 52 5.60 -7.20 -0.31
C ASN A 52 5.71 -6.72 1.14
N CYS A 53 6.33 -5.55 1.32
CA CYS A 53 6.50 -4.98 2.65
C CYS A 53 5.16 -4.61 3.26
N LEU A 54 4.31 -3.95 2.47
CA LEU A 54 2.99 -3.54 2.94
C LEU A 54 2.13 -4.75 3.28
N LYS A 55 2.56 -5.92 2.81
CA LYS A 55 1.83 -7.16 3.07
C LYS A 55 2.05 -7.63 4.50
N SER A 56 3.26 -7.45 5.00
CA SER A 56 3.61 -7.86 6.36
C SER A 56 3.02 -6.89 7.38
N ALA A 57 3.31 -5.61 7.20
CA ALA A 57 2.81 -4.58 8.11
C ALA A 57 1.28 -4.53 8.10
N ALA A 58 0.69 -4.99 7.00
CA ALA A 58 -0.76 -5.00 6.86
C ALA A 58 -1.40 -5.83 7.97
N GLY A 59 -0.71 -6.88 8.41
CA GLY A 59 -1.23 -7.73 9.45
C GLY A 59 -1.03 -7.15 10.84
N SER A 60 -0.62 -5.89 10.89
CA SER A 60 -0.39 -5.21 12.16
C SER A 60 -1.44 -4.13 12.40
N ILE A 61 -2.42 -4.06 11.52
CA ILE A 61 -3.50 -3.08 11.63
C ILE A 61 -4.76 -3.71 12.23
N PRO A 62 -5.31 -3.06 13.26
CA PRO A 62 -6.51 -3.55 13.94
C PRO A 62 -7.77 -3.41 13.07
N LYS A 63 -8.38 -4.54 12.75
CA LYS A 63 -9.59 -4.56 11.93
C LYS A 63 -9.26 -4.11 10.50
N LEU A 64 -8.05 -4.39 10.05
CA LEU A 64 -7.63 -4.03 8.71
C LEU A 64 -8.68 -4.41 7.68
N ASN A 65 -9.04 -3.47 6.82
CA ASN A 65 -10.05 -3.71 5.79
C ASN A 65 -9.40 -3.69 4.40
N THR A 66 -8.98 -4.87 3.94
CA THR A 66 -8.36 -5.00 2.64
C THR A 66 -9.21 -4.35 1.55
N ASN A 67 -10.52 -4.34 1.75
CA ASN A 67 -11.44 -3.75 0.79
C ASN A 67 -11.17 -2.25 0.65
N ASN A 68 -10.92 -1.58 1.78
CA ASN A 68 -10.66 -0.15 1.76
C ASN A 68 -9.34 0.15 1.06
N ALA A 69 -8.43 -0.82 1.07
CA ALA A 69 -7.13 -0.65 0.43
C ALA A 69 -7.27 -0.47 -1.08
N ALA A 70 -8.33 -1.06 -1.63
CA ALA A 70 -8.58 -0.96 -3.06
C ALA A 70 -9.13 0.41 -3.44
N ALA A 71 -9.79 1.06 -2.48
CA ALA A 71 -10.37 2.38 -2.71
C ALA A 71 -9.34 3.47 -2.45
N LEU A 72 -8.32 3.15 -1.67
CA LEU A 72 -7.27 4.11 -1.35
C LEU A 72 -6.72 4.76 -2.62
N PRO A 73 -6.31 3.91 -3.57
CA PRO A 73 -5.75 4.39 -4.85
C PRO A 73 -6.82 5.05 -5.73
N GLY A 74 -7.94 4.36 -5.92
CA GLY A 74 -9.01 4.89 -6.74
C GLY A 74 -9.45 6.27 -6.30
N LYS A 75 -9.75 6.41 -5.01
CA LYS A 75 -10.18 7.69 -4.46
C LYS A 75 -9.16 8.79 -4.76
N CYS A 76 -7.91 8.39 -4.94
CA CYS A 76 -6.84 9.34 -5.23
C CYS A 76 -6.67 9.51 -6.73
N GLY A 77 -7.14 8.53 -7.50
CA GLY A 77 -7.03 8.60 -8.95
C GLY A 77 -5.87 7.78 -9.48
N VAL A 78 -5.07 7.25 -8.57
CA VAL A 78 -3.91 6.44 -8.95
C VAL A 78 -4.31 5.00 -9.21
N SER A 79 -3.73 4.41 -10.26
CA SER A 79 -4.03 3.02 -10.60
C SER A 79 -2.75 2.17 -10.60
N ILE A 80 -2.91 0.89 -10.34
CA ILE A 80 -1.78 -0.03 -10.31
C ILE A 80 -2.17 -1.41 -10.80
N PRO A 81 -1.18 -2.18 -11.28
CA PRO A 81 -1.41 -3.54 -11.78
C PRO A 81 -1.75 -4.52 -10.67
N TYR A 82 -1.43 -4.15 -9.43
CA TYR A 82 -1.70 -4.99 -8.28
C TYR A 82 -2.63 -4.29 -7.29
N LYS A 83 -2.79 -4.89 -6.12
CA LYS A 83 -3.65 -4.31 -5.08
C LYS A 83 -3.01 -4.48 -3.70
N ILE A 84 -3.36 -3.58 -2.79
CA ILE A 84 -2.83 -3.62 -1.44
C ILE A 84 -3.73 -4.46 -0.53
N SER A 85 -3.86 -5.75 -0.85
CA SER A 85 -4.68 -6.65 -0.06
C SER A 85 -3.98 -7.99 0.13
N THR A 86 -4.15 -8.59 1.31
CA THR A 86 -3.54 -9.87 1.62
C THR A 86 -4.14 -10.99 0.77
N SER A 87 -5.30 -10.71 0.17
CA SER A 87 -5.98 -11.69 -0.67
C SER A 87 -5.43 -11.66 -2.09
N THR A 88 -4.89 -10.52 -2.49
CA THR A 88 -4.32 -10.36 -3.82
C THR A 88 -2.95 -11.00 -3.92
N ASN A 89 -2.72 -11.71 -5.03
CA ASN A 89 -1.43 -12.38 -5.24
C ASN A 89 -0.45 -11.45 -5.96
N CYS A 90 0.15 -10.54 -5.20
CA CYS A 90 1.11 -9.60 -5.76
C CYS A 90 2.27 -10.34 -6.44
N ASN A 91 2.50 -11.58 -6.02
CA ASN A 91 3.57 -12.39 -6.57
C ASN A 91 3.31 -12.71 -8.04
N THR A 92 2.03 -12.65 -8.43
CA THR A 92 1.64 -12.94 -9.81
C THR A 92 1.53 -11.66 -10.61
N VAL A 93 2.24 -10.62 -10.19
CA VAL A 93 2.21 -9.34 -10.88
C VAL A 93 3.37 -9.23 -11.87
N ARG A 94 3.12 -8.58 -13.01
CA ARG A 94 4.14 -8.40 -14.03
C ARG A 94 5.14 -7.33 -13.62
N PHE A 95 6.09 -7.05 -14.51
CA PHE A 95 7.11 -6.04 -14.23
C PHE A 95 6.65 -4.66 -14.70
N ALA A 1 19.39 1.10 -0.44
CA ALA A 1 18.47 0.03 -0.81
C ALA A 1 17.10 0.24 -0.15
N LEU A 2 16.06 -0.26 -0.79
CA LEU A 2 14.70 -0.13 -0.27
C LEU A 2 14.38 -1.24 0.73
N SER A 3 14.00 -0.85 1.93
CA SER A 3 13.67 -1.82 2.97
C SER A 3 12.24 -1.61 3.49
N CYS A 4 11.51 -2.71 3.66
CA CYS A 4 10.14 -2.64 4.15
C CYS A 4 10.04 -1.81 5.42
N GLY A 5 11.11 -1.88 6.24
CA GLY A 5 11.12 -1.13 7.48
C GLY A 5 10.80 0.34 7.28
N THR A 6 11.10 0.85 6.09
CA THR A 6 10.84 2.25 5.79
C THR A 6 9.48 2.42 5.11
N VAL A 7 9.06 1.39 4.37
CA VAL A 7 7.78 1.42 3.68
C VAL A 7 6.62 1.55 4.65
N SER A 8 6.71 0.81 5.76
CA SER A 8 5.66 0.83 6.78
C SER A 8 5.39 2.26 7.24
N ALA A 9 6.40 3.11 7.15
CA ALA A 9 6.27 4.50 7.56
C ALA A 9 5.16 5.21 6.79
N ASP A 10 4.92 4.74 5.56
CA ASP A 10 3.88 5.33 4.72
C ASP A 10 2.51 4.80 5.11
N LEU A 11 2.47 3.57 5.63
CA LEU A 11 1.23 2.95 6.04
C LEU A 11 0.71 3.56 7.34
N ALA A 12 1.63 4.11 8.14
CA ALA A 12 1.27 4.73 9.40
C ALA A 12 0.11 5.71 9.22
N PRO A 13 0.31 6.73 8.39
CA PRO A 13 -0.71 7.76 8.12
C PRO A 13 -1.87 7.20 7.31
N CYS A 14 -1.74 5.97 6.85
CA CYS A 14 -2.78 5.32 6.07
C CYS A 14 -3.63 4.40 6.93
N VAL A 15 -3.17 4.16 8.16
CA VAL A 15 -3.88 3.29 9.09
C VAL A 15 -5.22 3.91 9.49
N THR A 16 -5.21 5.22 9.72
CA THR A 16 -6.42 5.93 10.11
C THR A 16 -7.58 5.62 9.16
N TYR A 17 -7.30 5.66 7.87
CA TYR A 17 -8.31 5.38 6.85
C TYR A 17 -8.66 3.89 6.83
N LEU A 18 -7.66 3.05 7.06
CA LEU A 18 -7.85 1.61 7.06
C LEU A 18 -8.78 1.18 8.19
N GLN A 19 -8.86 2.03 9.22
CA GLN A 19 -9.72 1.74 10.36
C GLN A 19 -11.07 2.47 10.24
N ALA A 20 -11.13 3.41 9.30
CA ALA A 20 -12.35 4.17 9.09
C ALA A 20 -13.30 3.43 8.13
N PRO A 21 -14.58 3.84 8.13
CA PRO A 21 -15.60 3.23 7.29
C PRO A 21 -15.39 3.55 5.80
N ASN A 22 -16.15 2.88 4.94
CA ASN A 22 -16.04 3.09 3.51
C ASN A 22 -16.49 4.50 3.14
N ASN A 23 -17.17 5.17 4.06
CA ASN A 23 -17.66 6.53 3.83
C ASN A 23 -16.56 7.55 4.10
N ALA A 24 -15.50 7.11 4.78
CA ALA A 24 -14.38 7.99 5.10
C ALA A 24 -13.44 8.14 3.91
N SER A 25 -12.64 9.20 3.93
CA SER A 25 -11.70 9.46 2.85
C SER A 25 -10.25 9.34 3.34
N PRO A 26 -9.32 9.16 2.40
CA PRO A 26 -7.89 9.03 2.71
C PRO A 26 -7.22 10.38 2.94
N PRO A 27 -6.11 10.36 3.69
CA PRO A 27 -5.36 11.58 4.00
C PRO A 27 -4.40 11.97 2.88
N PRO A 28 -4.37 13.28 2.56
CA PRO A 28 -3.50 13.81 1.51
C PRO A 28 -2.06 13.34 1.64
N PRO A 29 -1.53 13.38 2.87
CA PRO A 29 -0.16 12.95 3.17
C PRO A 29 0.04 11.45 2.97
N CYS A 30 -1.03 10.69 3.16
CA CYS A 30 -0.98 9.24 3.00
C CYS A 30 -0.89 8.86 1.53
N CYS A 31 -1.84 9.34 0.74
CA CYS A 31 -1.88 9.05 -0.69
C CYS A 31 -0.53 9.36 -1.34
N ALA A 32 0.04 10.50 -0.99
CA ALA A 32 1.33 10.90 -1.53
C ALA A 32 2.37 9.80 -1.37
N GLY A 33 2.44 9.22 -0.18
CA GLY A 33 3.39 8.16 0.09
C GLY A 33 3.33 7.06 -0.94
N VAL A 34 2.11 6.67 -1.31
CA VAL A 34 1.90 5.61 -2.29
C VAL A 34 2.67 5.90 -3.58
N LYS A 35 2.56 7.13 -4.07
CA LYS A 35 3.24 7.54 -5.29
C LYS A 35 4.74 7.68 -5.05
N LYS A 36 5.13 7.82 -3.78
CA LYS A 36 6.54 7.94 -3.42
C LYS A 36 7.30 6.66 -3.75
N LEU A 37 6.58 5.56 -3.89
CA LEU A 37 7.19 4.28 -4.20
C LEU A 37 8.11 4.39 -5.41
N LEU A 38 7.78 5.30 -6.32
CA LEU A 38 8.58 5.52 -7.52
C LEU A 38 10.04 5.74 -7.16
N ALA A 39 10.29 6.70 -6.27
CA ALA A 39 11.64 7.01 -5.84
C ALA A 39 12.09 6.10 -4.70
N ALA A 40 11.24 5.13 -4.37
CA ALA A 40 11.55 4.19 -3.29
C ALA A 40 12.44 3.06 -3.79
N ALA A 41 12.01 2.40 -4.86
CA ALA A 41 12.77 1.30 -5.43
C ALA A 41 13.98 1.82 -6.21
N THR A 42 14.91 0.92 -6.53
CA THR A 42 16.11 1.28 -7.26
C THR A 42 16.28 0.40 -8.49
N THR A 43 16.17 -0.91 -8.30
CA THR A 43 16.33 -1.86 -9.40
C THR A 43 14.97 -2.27 -9.95
N THR A 44 14.98 -3.18 -10.94
CA THR A 44 13.75 -3.64 -11.55
C THR A 44 12.93 -4.48 -10.58
N PRO A 45 13.54 -5.56 -10.06
CA PRO A 45 12.89 -6.46 -9.11
C PRO A 45 12.67 -5.81 -7.75
N ASP A 46 13.45 -4.78 -7.46
CA ASP A 46 13.35 -4.06 -6.19
C ASP A 46 11.98 -3.41 -6.05
N ARG A 47 11.41 -2.98 -7.18
CA ARG A 47 10.11 -2.34 -7.17
C ARG A 47 9.03 -3.29 -6.66
N GLN A 48 9.16 -4.57 -7.01
CA GLN A 48 8.20 -5.58 -6.58
C GLN A 48 8.17 -5.70 -5.06
N ALA A 49 9.32 -5.48 -4.43
CA ALA A 49 9.42 -5.57 -2.98
C ALA A 49 8.33 -4.76 -2.31
N ALA A 50 7.99 -3.62 -2.91
CA ALA A 50 6.95 -2.75 -2.35
C ALA A 50 5.65 -3.52 -2.15
N CYS A 51 5.17 -4.16 -3.21
CA CYS A 51 3.93 -4.93 -3.15
C CYS A 51 4.03 -6.03 -2.11
N ASN A 52 5.24 -6.47 -1.83
CA ASN A 52 5.47 -7.52 -0.84
C ASN A 52 5.41 -6.96 0.58
N CYS A 53 5.91 -5.75 0.75
CA CYS A 53 5.92 -5.10 2.05
C CYS A 53 4.49 -4.87 2.55
N LEU A 54 3.64 -4.33 1.69
CA LEU A 54 2.25 -4.06 2.03
C LEU A 54 1.57 -5.33 2.53
N LYS A 55 2.09 -6.48 2.13
CA LYS A 55 1.53 -7.76 2.55
C LYS A 55 1.90 -8.08 3.99
N SER A 56 3.16 -7.82 4.34
CA SER A 56 3.64 -8.08 5.69
C SER A 56 3.12 -7.03 6.66
N ALA A 57 3.40 -5.77 6.37
CA ALA A 57 2.95 -4.66 7.22
C ALA A 57 1.44 -4.71 7.43
N ALA A 58 0.74 -5.31 6.47
CA ALA A 58 -0.71 -5.42 6.55
C ALA A 58 -1.15 -6.13 7.82
N GLY A 59 -0.31 -7.04 8.31
CA GLY A 59 -0.62 -7.77 9.51
C GLY A 59 -0.33 -6.97 10.77
N SER A 60 -0.02 -5.69 10.60
CA SER A 60 0.29 -4.82 11.72
C SER A 60 -0.82 -3.79 11.94
N ILE A 61 -1.86 -3.89 11.12
CA ILE A 61 -2.98 -2.97 11.21
C ILE A 61 -4.16 -3.60 11.96
N PRO A 62 -4.46 -3.05 13.14
CA PRO A 62 -5.56 -3.54 13.99
C PRO A 62 -6.93 -3.25 13.38
N LYS A 63 -7.69 -4.32 13.12
CA LYS A 63 -9.02 -4.18 12.54
C LYS A 63 -8.94 -3.66 11.11
N LEU A 64 -7.85 -3.98 10.43
CA LEU A 64 -7.65 -3.55 9.04
C LEU A 64 -8.88 -3.83 8.20
N ASN A 65 -9.45 -2.78 7.62
CA ASN A 65 -10.64 -2.91 6.79
C ASN A 65 -10.26 -3.16 5.33
N THR A 66 -10.20 -4.43 4.95
CA THR A 66 -9.84 -4.80 3.58
C THR A 66 -10.69 -4.05 2.57
N ASN A 67 -11.95 -3.76 2.95
CA ASN A 67 -12.87 -3.04 2.07
C ASN A 67 -12.33 -1.66 1.74
N ASN A 68 -11.82 -0.97 2.76
CA ASN A 68 -11.27 0.37 2.57
C ASN A 68 -9.98 0.33 1.75
N ALA A 69 -9.30 -0.81 1.80
CA ALA A 69 -8.05 -0.97 1.05
C ALA A 69 -8.30 -0.90 -0.44
N ALA A 70 -9.51 -1.23 -0.86
CA ALA A 70 -9.88 -1.20 -2.27
C ALA A 70 -10.09 0.23 -2.76
N ALA A 71 -10.56 1.09 -1.86
CA ALA A 71 -10.79 2.49 -2.20
C ALA A 71 -9.52 3.32 -2.03
N LEU A 72 -8.54 2.76 -1.32
CA LEU A 72 -7.29 3.46 -1.08
C LEU A 72 -6.71 4.00 -2.38
N PRO A 73 -6.48 3.10 -3.34
CA PRO A 73 -5.92 3.46 -4.65
C PRO A 73 -6.91 4.26 -5.50
N GLY A 74 -8.14 3.75 -5.60
CA GLY A 74 -9.15 4.43 -6.38
C GLY A 74 -9.30 5.88 -6.00
N LYS A 75 -9.43 6.15 -4.70
CA LYS A 75 -9.59 7.51 -4.20
C LYS A 75 -8.30 8.30 -4.39
N CYS A 76 -7.17 7.61 -4.38
CA CYS A 76 -5.87 8.24 -4.54
C CYS A 76 -5.66 8.67 -6.00
N GLY A 77 -6.46 8.11 -6.89
CA GLY A 77 -6.35 8.46 -8.31
C GLY A 77 -5.23 7.68 -9.00
N VAL A 78 -4.73 6.65 -8.34
CA VAL A 78 -3.65 5.84 -8.90
C VAL A 78 -4.16 4.45 -9.29
N SER A 79 -3.58 3.90 -10.35
CA SER A 79 -3.97 2.58 -10.83
C SER A 79 -2.78 1.62 -10.83
N ILE A 80 -2.96 0.48 -10.17
CA ILE A 80 -1.91 -0.52 -10.10
C ILE A 80 -2.35 -1.84 -10.72
N PRO A 81 -1.38 -2.66 -11.15
CA PRO A 81 -1.65 -3.95 -11.77
C PRO A 81 -2.18 -4.98 -10.77
N TYR A 82 -2.05 -4.66 -9.48
CA TYR A 82 -2.51 -5.54 -8.42
C TYR A 82 -3.39 -4.79 -7.42
N LYS A 83 -3.80 -5.48 -6.37
CA LYS A 83 -4.64 -4.89 -5.34
C LYS A 83 -4.14 -5.26 -3.94
N ILE A 84 -4.89 -4.82 -2.93
CA ILE A 84 -4.51 -5.12 -1.55
C ILE A 84 -5.27 -6.33 -1.03
N SER A 85 -4.69 -7.51 -1.22
CA SER A 85 -5.31 -8.76 -0.77
C SER A 85 -4.25 -9.80 -0.43
N THR A 86 -4.47 -10.52 0.67
CA THR A 86 -3.54 -11.54 1.11
C THR A 86 -3.47 -12.69 0.11
N SER A 87 -4.52 -12.85 -0.68
CA SER A 87 -4.58 -13.91 -1.69
C SER A 87 -4.27 -13.36 -3.08
N THR A 88 -3.49 -12.28 -3.12
CA THR A 88 -3.13 -11.66 -4.39
C THR A 88 -1.99 -12.42 -5.07
N ASN A 89 -2.04 -12.50 -6.40
CA ASN A 89 -1.02 -13.18 -7.16
C ASN A 89 0.06 -12.22 -7.64
N CYS A 90 0.48 -11.34 -6.73
CA CYS A 90 1.52 -10.36 -7.05
C CYS A 90 2.81 -11.04 -7.48
N ASN A 91 2.98 -12.29 -7.03
CA ASN A 91 4.18 -13.06 -7.37
C ASN A 91 4.24 -13.34 -8.87
N THR A 92 3.07 -13.36 -9.51
CA THR A 92 2.98 -13.62 -10.94
C THR A 92 2.91 -12.32 -11.73
N VAL A 93 2.66 -11.22 -11.03
CA VAL A 93 2.56 -9.92 -11.67
C VAL A 93 3.94 -9.40 -12.08
N ARG A 94 4.00 -8.71 -13.21
CA ARG A 94 5.25 -8.17 -13.71
C ARG A 94 5.69 -6.95 -12.90
N PHE A 95 6.82 -6.36 -13.27
CA PHE A 95 7.33 -5.19 -12.58
C PHE A 95 6.54 -3.94 -12.96
N ALA A 1 19.24 1.51 -0.92
CA ALA A 1 18.50 0.26 -0.76
C ALA A 1 17.18 0.50 -0.05
N LEU A 2 16.15 -0.25 -0.46
CA LEU A 2 14.82 -0.11 0.14
C LEU A 2 14.70 -0.97 1.39
N SER A 3 14.36 -0.33 2.51
CA SER A 3 14.21 -1.03 3.77
C SER A 3 12.76 -1.02 4.24
N CYS A 4 12.33 -2.10 4.88
CA CYS A 4 10.97 -2.19 5.39
C CYS A 4 10.70 -1.13 6.45
N GLY A 5 11.70 -0.87 7.27
CA GLY A 5 11.55 0.12 8.32
C GLY A 5 11.00 1.44 7.81
N THR A 6 11.28 1.74 6.55
CA THR A 6 10.82 2.98 5.93
C THR A 6 9.46 2.78 5.28
N VAL A 7 9.23 1.59 4.73
CA VAL A 7 7.96 1.28 4.07
C VAL A 7 6.78 1.48 5.02
N SER A 8 6.93 1.01 6.25
CA SER A 8 5.88 1.13 7.25
C SER A 8 5.51 2.59 7.46
N ALA A 9 6.49 3.47 7.35
CA ALA A 9 6.26 4.90 7.53
C ALA A 9 5.17 5.41 6.59
N ASP A 10 5.06 4.77 5.43
CA ASP A 10 4.05 5.14 4.44
C ASP A 10 2.68 4.57 4.81
N LEU A 11 2.69 3.38 5.39
CA LEU A 11 1.45 2.72 5.79
C LEU A 11 0.88 3.33 7.06
N ALA A 12 1.75 4.00 7.83
CA ALA A 12 1.34 4.64 9.07
C ALA A 12 0.12 5.53 8.85
N PRO A 13 0.26 6.53 7.97
CA PRO A 13 -0.82 7.46 7.65
C PRO A 13 -1.95 6.80 6.86
N CYS A 14 -1.71 5.57 6.43
CA CYS A 14 -2.70 4.82 5.66
C CYS A 14 -3.51 3.90 6.56
N VAL A 15 -3.00 3.67 7.77
CA VAL A 15 -3.69 2.81 8.73
C VAL A 15 -5.03 3.40 9.15
N THR A 16 -5.06 4.72 9.35
CA THR A 16 -6.28 5.40 9.74
C THR A 16 -7.44 5.04 8.82
N TYR A 17 -7.18 5.07 7.53
CA TYR A 17 -8.21 4.75 6.53
C TYR A 17 -8.46 3.25 6.49
N LEU A 18 -7.44 2.46 6.80
CA LEU A 18 -7.56 1.01 6.79
C LEU A 18 -8.52 0.54 7.87
N GLN A 19 -8.73 1.37 8.88
CA GLN A 19 -9.64 1.04 9.97
C GLN A 19 -10.96 1.79 9.84
N ALA A 20 -11.02 2.71 8.87
CA ALA A 20 -12.21 3.49 8.64
C ALA A 20 -13.19 2.74 7.74
N PRO A 21 -14.46 3.18 7.74
CA PRO A 21 -15.51 2.57 6.92
C PRO A 21 -15.33 2.84 5.43
N ASN A 22 -16.10 2.13 4.61
CA ASN A 22 -16.01 2.30 3.15
C ASN A 22 -16.46 3.70 2.74
N ASN A 23 -17.12 4.40 3.66
CA ASN A 23 -17.60 5.75 3.39
C ASN A 23 -16.50 6.78 3.66
N ALA A 24 -15.43 6.34 4.31
CA ALA A 24 -14.31 7.22 4.63
C ALA A 24 -13.40 7.42 3.42
N SER A 25 -12.66 8.52 3.41
CA SER A 25 -11.76 8.83 2.31
C SER A 25 -10.30 8.70 2.76
N PRO A 26 -9.39 8.57 1.78
CA PRO A 26 -7.96 8.44 2.05
C PRO A 26 -7.29 9.78 2.32
N PRO A 27 -6.21 9.75 3.11
CA PRO A 27 -5.46 10.96 3.48
C PRO A 27 -4.45 11.37 2.40
N PRO A 28 -4.39 12.66 2.11
CA PRO A 28 -3.47 13.21 1.11
C PRO A 28 -2.04 12.71 1.29
N PRO A 29 -1.57 12.73 2.55
CA PRO A 29 -0.21 12.28 2.89
C PRO A 29 -0.02 10.79 2.64
N CYS A 30 -1.10 10.03 2.75
CA CYS A 30 -1.06 8.59 2.53
C CYS A 30 -0.88 8.27 1.05
N CYS A 31 -1.73 8.86 0.22
CA CYS A 31 -1.68 8.64 -1.22
C CYS A 31 -0.27 8.90 -1.76
N ALA A 32 0.32 10.00 -1.34
CA ALA A 32 1.66 10.37 -1.77
C ALA A 32 2.64 9.20 -1.59
N GLY A 33 2.55 8.54 -0.43
CA GLY A 33 3.42 7.42 -0.15
C GLY A 33 3.46 6.41 -1.28
N VAL A 34 2.28 6.04 -1.78
CA VAL A 34 2.18 5.08 -2.87
C VAL A 34 3.08 5.47 -4.04
N LYS A 35 3.04 6.74 -4.41
CA LYS A 35 3.85 7.25 -5.51
C LYS A 35 5.32 7.28 -5.12
N LYS A 36 5.59 7.44 -3.84
CA LYS A 36 6.96 7.49 -3.34
C LYS A 36 7.71 6.21 -3.70
N LEU A 37 6.96 5.14 -3.95
CA LEU A 37 7.55 3.86 -4.31
C LEU A 37 8.58 4.03 -5.43
N LEU A 38 8.32 4.96 -6.33
CA LEU A 38 9.22 5.23 -7.44
C LEU A 38 10.64 5.44 -6.95
N ALA A 39 10.80 6.37 -6.01
CA ALA A 39 12.12 6.67 -5.45
C ALA A 39 12.46 5.73 -4.31
N ALA A 40 11.47 4.97 -3.85
CA ALA A 40 11.65 4.02 -2.77
C ALA A 40 12.44 2.80 -3.23
N ALA A 41 12.03 2.25 -4.37
CA ALA A 41 12.69 1.08 -4.92
C ALA A 41 14.03 1.44 -5.54
N THR A 42 14.98 0.51 -5.49
CA THR A 42 16.32 0.73 -6.05
C THR A 42 16.41 0.21 -7.47
N THR A 43 16.04 -1.06 -7.66
CA THR A 43 16.09 -1.68 -8.97
C THR A 43 14.70 -1.85 -9.56
N THR A 44 14.61 -2.41 -10.75
CA THR A 44 13.34 -2.63 -11.42
C THR A 44 12.53 -3.70 -10.71
N PRO A 45 13.10 -4.90 -10.59
CA PRO A 45 12.43 -6.03 -9.92
C PRO A 45 12.31 -5.82 -8.41
N ASP A 46 13.13 -4.93 -7.87
CA ASP A 46 13.12 -4.64 -6.44
C ASP A 46 11.79 -4.02 -6.03
N ARG A 47 11.10 -3.39 -6.99
CA ARG A 47 9.82 -2.77 -6.72
C ARG A 47 8.84 -3.76 -6.11
N GLN A 48 8.94 -5.02 -6.53
CA GLN A 48 8.06 -6.07 -6.03
C GLN A 48 8.24 -6.25 -4.52
N ALA A 49 9.50 -6.25 -4.08
CA ALA A 49 9.81 -6.42 -2.66
C ALA A 49 8.98 -5.47 -1.81
N ALA A 50 8.71 -4.28 -2.34
CA ALA A 50 7.92 -3.29 -1.63
C ALA A 50 6.51 -3.79 -1.36
N CYS A 51 5.85 -4.28 -2.40
CA CYS A 51 4.49 -4.79 -2.27
C CYS A 51 4.45 -5.98 -1.32
N ASN A 52 5.61 -6.57 -1.07
CA ASN A 52 5.71 -7.73 -0.18
C ASN A 52 5.75 -7.29 1.28
N CYS A 53 6.44 -6.18 1.54
CA CYS A 53 6.56 -5.65 2.89
C CYS A 53 5.21 -5.16 3.40
N LEU A 54 4.43 -4.57 2.51
CA LEU A 54 3.11 -4.05 2.88
C LEU A 54 2.18 -5.18 3.29
N LYS A 55 2.49 -6.39 2.85
CA LYS A 55 1.68 -7.55 3.19
C LYS A 55 1.93 -8.00 4.62
N SER A 56 3.16 -7.79 5.10
CA SER A 56 3.53 -8.17 6.45
C SER A 56 2.93 -7.20 7.47
N ALA A 57 3.35 -5.93 7.38
CA ALA A 57 2.86 -4.91 8.29
C ALA A 57 1.33 -4.79 8.23
N ALA A 58 0.76 -5.25 7.12
CA ALA A 58 -0.68 -5.19 6.93
C ALA A 58 -1.40 -5.91 8.07
N GLY A 59 -0.83 -7.02 8.53
CA GLY A 59 -1.43 -7.78 9.61
C GLY A 59 -1.13 -7.19 10.97
N SER A 60 -0.61 -5.96 10.98
CA SER A 60 -0.27 -5.30 12.24
C SER A 60 -1.19 -4.11 12.48
N ILE A 61 -2.26 -4.02 11.69
CA ILE A 61 -3.22 -2.93 11.82
C ILE A 61 -4.46 -3.37 12.60
N PRO A 62 -4.83 -2.59 13.62
CA PRO A 62 -5.99 -2.88 14.45
C PRO A 62 -7.31 -2.69 13.71
N LYS A 63 -8.07 -3.77 13.58
CA LYS A 63 -9.35 -3.73 12.88
C LYS A 63 -9.16 -3.47 11.39
N LEU A 64 -8.04 -3.93 10.86
CA LEU A 64 -7.73 -3.76 9.44
C LEU A 64 -8.95 -4.07 8.58
N ASN A 65 -9.13 -3.29 7.52
CA ASN A 65 -10.25 -3.49 6.61
C ASN A 65 -9.76 -3.72 5.18
N THR A 66 -9.48 -4.97 4.84
CA THR A 66 -9.00 -5.32 3.51
C THR A 66 -9.89 -4.70 2.43
N ASN A 67 -11.16 -4.54 2.74
CA ASN A 67 -12.12 -3.96 1.80
C ASN A 67 -11.72 -2.52 1.45
N ASN A 68 -11.29 -1.77 2.47
CA ASN A 68 -10.90 -0.39 2.27
C ASN A 68 -9.60 -0.31 1.46
N ALA A 69 -8.78 -1.35 1.57
CA ALA A 69 -7.52 -1.39 0.84
C ALA A 69 -7.73 -1.35 -0.67
N ALA A 70 -8.93 -1.77 -1.09
CA ALA A 70 -9.25 -1.78 -2.52
C ALA A 70 -9.57 -0.37 -3.01
N ALA A 71 -10.19 0.43 -2.16
CA ALA A 71 -10.54 1.80 -2.51
C ALA A 71 -9.38 2.76 -2.23
N LEU A 72 -8.38 2.26 -1.53
CA LEU A 72 -7.20 3.06 -1.19
C LEU A 72 -6.64 3.74 -2.43
N PRO A 73 -6.27 2.93 -3.42
CA PRO A 73 -5.71 3.43 -4.69
C PRO A 73 -6.74 4.15 -5.54
N GLY A 74 -7.89 3.51 -5.74
CA GLY A 74 -8.94 4.12 -6.54
C GLY A 74 -9.29 5.52 -6.06
N LYS A 75 -9.52 5.68 -4.77
CA LYS A 75 -9.86 6.97 -4.20
C LYS A 75 -8.67 7.92 -4.25
N CYS A 76 -7.47 7.35 -4.22
CA CYS A 76 -6.24 8.14 -4.26
C CYS A 76 -5.98 8.67 -5.67
N GLY A 77 -6.64 8.06 -6.65
CA GLY A 77 -6.47 8.48 -8.03
C GLY A 77 -5.37 7.72 -8.74
N VAL A 78 -4.74 6.79 -8.02
CA VAL A 78 -3.65 5.99 -8.58
C VAL A 78 -4.18 4.68 -9.16
N SER A 79 -3.68 4.31 -10.33
CA SER A 79 -4.10 3.08 -10.99
C SER A 79 -2.95 2.08 -11.07
N ILE A 80 -3.23 0.85 -10.65
CA ILE A 80 -2.21 -0.21 -10.67
C ILE A 80 -2.65 -1.37 -11.55
N PRO A 81 -1.67 -2.14 -12.05
CA PRO A 81 -1.93 -3.30 -12.91
C PRO A 81 -2.58 -4.45 -12.15
N TYR A 82 -2.59 -4.35 -10.83
CA TYR A 82 -3.18 -5.38 -9.99
C TYR A 82 -4.08 -4.77 -8.93
N LYS A 83 -4.54 -5.60 -7.99
CA LYS A 83 -5.41 -5.14 -6.91
C LYS A 83 -4.70 -5.18 -5.57
N ILE A 84 -4.94 -4.17 -4.76
CA ILE A 84 -4.32 -4.08 -3.44
C ILE A 84 -5.13 -4.85 -2.40
N SER A 85 -4.87 -6.14 -2.28
CA SER A 85 -5.58 -6.98 -1.32
C SER A 85 -4.69 -8.13 -0.85
N THR A 86 -4.98 -8.65 0.33
CA THR A 86 -4.21 -9.76 0.89
C THR A 86 -4.39 -11.03 0.08
N SER A 87 -5.50 -11.11 -0.65
CA SER A 87 -5.80 -12.27 -1.47
C SER A 87 -5.16 -12.14 -2.85
N THR A 88 -4.85 -10.90 -3.24
CA THR A 88 -4.24 -10.63 -4.53
C THR A 88 -2.79 -11.13 -4.57
N ASN A 89 -2.43 -11.77 -5.68
CA ASN A 89 -1.08 -12.30 -5.84
C ASN A 89 -0.17 -11.26 -6.49
N CYS A 90 0.41 -10.38 -5.67
CA CYS A 90 1.29 -9.34 -6.15
C CYS A 90 2.48 -9.94 -6.90
N ASN A 91 2.77 -11.20 -6.62
CA ASN A 91 3.87 -11.90 -7.27
C ASN A 91 3.63 -12.05 -8.76
N THR A 92 2.37 -11.92 -9.16
CA THR A 92 2.00 -12.04 -10.57
C THR A 92 1.95 -10.69 -11.24
N VAL A 93 2.59 -9.70 -10.62
CA VAL A 93 2.63 -8.35 -11.17
C VAL A 93 3.86 -8.13 -12.04
N ARG A 94 3.71 -7.33 -13.09
CA ARG A 94 4.81 -7.04 -14.00
C ARG A 94 5.81 -6.08 -13.36
N PHE A 95 6.85 -5.74 -14.11
CA PHE A 95 7.88 -4.83 -13.62
C PHE A 95 7.49 -3.38 -13.90
N ALA A 1 17.33 0.58 -3.19
CA ALA A 1 17.57 0.46 -1.76
C ALA A 1 16.28 0.61 -0.97
N LEU A 2 15.18 0.10 -1.53
CA LEU A 2 13.88 0.19 -0.87
C LEU A 2 13.69 -0.96 0.11
N SER A 3 13.41 -0.62 1.36
CA SER A 3 13.19 -1.62 2.40
C SER A 3 11.89 -1.37 3.15
N CYS A 4 11.22 -2.44 3.55
CA CYS A 4 9.97 -2.34 4.28
C CYS A 4 10.11 -1.41 5.48
N GLY A 5 11.30 -1.36 6.05
CA GLY A 5 11.55 -0.51 7.20
C GLY A 5 11.12 0.91 6.96
N THR A 6 11.15 1.34 5.71
CA THR A 6 10.75 2.70 5.35
C THR A 6 9.32 2.74 4.84
N VAL A 7 8.86 1.62 4.29
CA VAL A 7 7.49 1.54 3.78
C VAL A 7 6.47 1.76 4.88
N SER A 8 6.82 1.38 6.10
CA SER A 8 5.93 1.55 7.24
C SER A 8 5.67 3.02 7.52
N ALA A 9 6.68 3.85 7.29
CA ALA A 9 6.56 5.29 7.49
C ALA A 9 5.37 5.86 6.72
N ASP A 10 5.22 5.42 5.48
CA ASP A 10 4.12 5.90 4.64
C ASP A 10 2.83 5.17 4.98
N LEU A 11 2.95 3.99 5.57
CA LEU A 11 1.79 3.19 5.93
C LEU A 11 1.19 3.69 7.25
N ALA A 12 2.01 4.37 8.04
CA ALA A 12 1.56 4.90 9.33
C ALA A 12 0.26 5.69 9.16
N PRO A 13 0.30 6.75 8.35
CA PRO A 13 -0.86 7.61 8.10
C PRO A 13 -1.93 6.90 7.27
N CYS A 14 -1.60 5.71 6.77
CA CYS A 14 -2.53 4.93 5.97
C CYS A 14 -3.25 3.89 6.81
N VAL A 15 -2.68 3.59 7.98
CA VAL A 15 -3.27 2.62 8.89
C VAL A 15 -4.67 3.04 9.32
N THR A 16 -4.80 4.30 9.71
CA THR A 16 -6.08 4.84 10.15
C THR A 16 -7.18 4.54 9.12
N TYR A 17 -6.86 4.74 7.85
CA TYR A 17 -7.83 4.50 6.78
C TYR A 17 -8.08 3.01 6.60
N LEU A 18 -7.03 2.21 6.80
CA LEU A 18 -7.13 0.77 6.66
C LEU A 18 -8.06 0.18 7.72
N GLN A 19 -8.20 0.90 8.84
CA GLN A 19 -9.06 0.44 9.92
C GLN A 19 -10.39 1.20 9.90
N ALA A 20 -10.49 2.19 9.03
CA ALA A 20 -11.72 2.98 8.91
C ALA A 20 -12.71 2.31 7.98
N PRO A 21 -13.98 2.72 8.08
CA PRO A 21 -15.07 2.17 7.25
C PRO A 21 -14.95 2.59 5.79
N ASN A 22 -15.81 2.03 4.95
CA ASN A 22 -15.79 2.35 3.53
C ASN A 22 -16.12 3.81 3.29
N ASN A 23 -16.76 4.43 4.27
CA ASN A 23 -17.13 5.85 4.18
C ASN A 23 -15.90 6.74 4.24
N ALA A 24 -14.83 6.23 4.86
CA ALA A 24 -13.59 6.98 4.98
C ALA A 24 -12.77 6.90 3.70
N SER A 25 -11.85 7.84 3.53
CA SER A 25 -11.00 7.88 2.34
C SER A 25 -9.55 8.16 2.72
N PRO A 26 -8.63 7.84 1.80
CA PRO A 26 -7.20 8.06 2.01
C PRO A 26 -6.85 9.53 2.21
N PRO A 27 -6.17 9.84 3.33
CA PRO A 27 -5.77 11.22 3.65
C PRO A 27 -4.59 11.69 2.81
N PRO A 28 -4.53 13.01 2.57
CA PRO A 28 -3.46 13.63 1.78
C PRO A 28 -2.09 13.03 2.10
N PRO A 29 -1.73 13.03 3.39
CA PRO A 29 -0.45 12.50 3.85
C PRO A 29 -0.25 11.04 3.45
N CYS A 30 -1.33 10.27 3.46
CA CYS A 30 -1.29 8.86 3.10
C CYS A 30 -1.08 8.69 1.60
N CYS A 31 -1.90 9.37 0.80
CA CYS A 31 -1.81 9.30 -0.64
C CYS A 31 -0.40 9.63 -1.12
N ALA A 32 0.20 10.65 -0.50
CA ALA A 32 1.55 11.07 -0.86
C ALA A 32 2.51 9.88 -0.87
N GLY A 33 2.44 9.06 0.16
CA GLY A 33 3.31 7.90 0.25
C GLY A 33 3.31 7.08 -1.03
N VAL A 34 2.12 6.81 -1.56
CA VAL A 34 1.98 6.04 -2.79
C VAL A 34 2.83 6.64 -3.91
N LYS A 35 2.73 7.95 -4.08
CA LYS A 35 3.48 8.64 -5.12
C LYS A 35 4.98 8.59 -4.84
N LYS A 36 5.33 8.57 -3.56
CA LYS A 36 6.73 8.51 -3.15
C LYS A 36 7.37 7.20 -3.58
N LEU A 37 6.56 6.16 -3.69
CA LEU A 37 7.04 4.84 -4.10
C LEU A 37 7.83 4.93 -5.41
N LEU A 38 7.42 5.86 -6.27
CA LEU A 38 8.09 6.06 -7.54
C LEU A 38 9.59 6.21 -7.36
N ALA A 39 9.99 7.05 -6.40
CA ALA A 39 11.40 7.28 -6.12
C ALA A 39 11.96 6.22 -5.18
N ALA A 40 11.06 5.54 -4.47
CA ALA A 40 11.46 4.49 -3.53
C ALA A 40 12.06 3.30 -4.27
N ALA A 41 11.35 2.83 -5.29
CA ALA A 41 11.82 1.69 -6.07
C ALA A 41 12.94 2.09 -7.01
N THR A 42 13.96 1.23 -7.11
CA THR A 42 15.10 1.50 -7.98
C THR A 42 15.08 0.61 -9.22
N THR A 43 15.07 -0.69 -9.01
CA THR A 43 15.05 -1.65 -10.10
C THR A 43 13.61 -2.06 -10.45
N THR A 44 13.47 -2.94 -11.43
CA THR A 44 12.16 -3.42 -11.85
C THR A 44 11.51 -4.25 -10.76
N PRO A 45 12.19 -5.32 -10.34
CA PRO A 45 11.68 -6.21 -9.29
C PRO A 45 11.67 -5.55 -7.92
N ASP A 46 12.48 -4.51 -7.76
CA ASP A 46 12.56 -3.79 -6.49
C ASP A 46 11.23 -3.13 -6.17
N ARG A 47 10.50 -2.73 -7.20
CA ARG A 47 9.21 -2.07 -7.01
C ARG A 47 8.20 -3.03 -6.39
N GLN A 48 8.35 -4.31 -6.69
CA GLN A 48 7.44 -5.33 -6.15
C GLN A 48 7.58 -5.42 -4.63
N ALA A 49 8.76 -5.13 -4.13
CA ALA A 49 9.02 -5.17 -2.68
C ALA A 49 7.93 -4.45 -1.91
N ALA A 50 7.41 -3.37 -2.49
CA ALA A 50 6.36 -2.59 -1.86
C ALA A 50 5.10 -3.42 -1.66
N CYS A 51 4.65 -4.07 -2.73
CA CYS A 51 3.45 -4.89 -2.68
C CYS A 51 3.63 -6.05 -1.70
N ASN A 52 4.89 -6.34 -1.36
CA ASN A 52 5.21 -7.42 -0.44
C ASN A 52 5.07 -6.96 1.01
N CYS A 53 5.47 -5.72 1.26
CA CYS A 53 5.40 -5.15 2.60
C CYS A 53 3.95 -5.02 3.06
N LEU A 54 3.07 -4.63 2.14
CA LEU A 54 1.66 -4.47 2.45
C LEU A 54 1.07 -5.76 3.01
N LYS A 55 1.67 -6.88 2.62
CA LYS A 55 1.21 -8.19 3.08
C LYS A 55 1.62 -8.43 4.53
N SER A 56 2.82 -8.00 4.88
CA SER A 56 3.34 -8.18 6.24
C SER A 56 2.66 -7.21 7.20
N ALA A 57 2.80 -5.92 6.94
CA ALA A 57 2.21 -4.89 7.78
C ALA A 57 0.71 -5.14 7.97
N ALA A 58 0.10 -5.77 6.98
CA ALA A 58 -1.33 -6.07 7.04
C ALA A 58 -1.65 -7.00 8.20
N GLY A 59 -0.71 -7.89 8.51
CA GLY A 59 -0.92 -8.83 9.61
C GLY A 59 -0.63 -8.21 10.96
N SER A 60 -0.45 -6.90 10.98
CA SER A 60 -0.17 -6.18 12.22
C SER A 60 -1.11 -4.98 12.38
N ILE A 61 -2.11 -4.91 11.52
CA ILE A 61 -3.08 -3.82 11.58
C ILE A 61 -4.36 -4.25 12.27
N PRO A 62 -4.71 -3.54 13.36
CA PRO A 62 -5.92 -3.83 14.13
C PRO A 62 -7.20 -3.49 13.37
N LYS A 63 -8.05 -4.49 13.18
CA LYS A 63 -9.31 -4.30 12.47
C LYS A 63 -9.06 -3.95 11.00
N LEU A 64 -7.95 -4.45 10.47
CA LEU A 64 -7.60 -4.20 9.08
C LEU A 64 -8.78 -4.47 8.15
N ASN A 65 -8.98 -3.59 7.18
CA ASN A 65 -10.08 -3.73 6.24
C ASN A 65 -9.56 -3.87 4.82
N THR A 66 -9.33 -5.10 4.39
CA THR A 66 -8.82 -5.38 3.05
C THR A 66 -9.66 -4.67 1.99
N ASN A 67 -10.95 -4.50 2.28
CA ASN A 67 -11.86 -3.83 1.35
C ASN A 67 -11.43 -2.38 1.12
N ASN A 68 -11.01 -1.72 2.19
CA ASN A 68 -10.58 -0.33 2.12
C ASN A 68 -9.28 -0.22 1.32
N ALA A 69 -8.49 -1.28 1.33
CA ALA A 69 -7.22 -1.30 0.61
C ALA A 69 -7.43 -1.15 -0.89
N ALA A 70 -8.61 -1.54 -1.35
CA ALA A 70 -8.95 -1.46 -2.77
C ALA A 70 -9.25 -0.02 -3.18
N ALA A 71 -9.80 0.75 -2.25
CA ALA A 71 -10.14 2.14 -2.51
C ALA A 71 -8.94 3.05 -2.25
N LEU A 72 -7.94 2.51 -1.55
CA LEU A 72 -6.74 3.28 -1.24
C LEU A 72 -6.15 3.92 -2.49
N PRO A 73 -5.81 3.09 -3.47
CA PRO A 73 -5.24 3.54 -4.75
C PRO A 73 -6.25 4.29 -5.60
N GLY A 74 -7.42 3.69 -5.79
CA GLY A 74 -8.46 4.32 -6.59
C GLY A 74 -8.78 5.72 -6.12
N LYS A 75 -9.19 5.84 -4.85
CA LYS A 75 -9.53 7.14 -4.28
C LYS A 75 -8.37 8.12 -4.40
N CYS A 76 -7.16 7.58 -4.46
CA CYS A 76 -5.95 8.40 -4.58
C CYS A 76 -5.77 8.89 -6.01
N GLY A 77 -6.37 8.17 -6.96
CA GLY A 77 -6.26 8.54 -8.36
C GLY A 77 -5.01 7.98 -9.02
N VAL A 78 -4.36 7.04 -8.34
CA VAL A 78 -3.14 6.43 -8.86
C VAL A 78 -3.42 5.04 -9.41
N SER A 79 -2.78 4.71 -10.53
CA SER A 79 -2.95 3.41 -11.15
C SER A 79 -1.68 2.58 -11.07
N ILE A 80 -1.77 1.41 -10.45
CA ILE A 80 -0.63 0.52 -10.30
C ILE A 80 -0.92 -0.86 -10.87
N PRO A 81 0.14 -1.61 -11.21
CA PRO A 81 0.02 -2.96 -11.77
C PRO A 81 -0.48 -3.96 -10.74
N TYR A 82 -0.55 -3.53 -9.49
CA TYR A 82 -1.02 -4.40 -8.41
C TYR A 82 -1.89 -3.63 -7.43
N LYS A 83 -2.85 -4.33 -6.82
CA LYS A 83 -3.75 -3.71 -5.86
C LYS A 83 -3.13 -3.69 -4.45
N ILE A 84 -3.94 -3.35 -3.46
CA ILE A 84 -3.46 -3.29 -2.08
C ILE A 84 -4.24 -4.26 -1.20
N SER A 85 -4.96 -5.19 -1.83
CA SER A 85 -5.75 -6.17 -1.10
C SER A 85 -4.92 -7.42 -0.80
N THR A 86 -5.22 -8.08 0.32
CA THR A 86 -4.51 -9.28 0.72
C THR A 86 -4.83 -10.44 -0.21
N SER A 87 -6.01 -10.41 -0.81
CA SER A 87 -6.44 -11.47 -1.72
C SER A 87 -5.91 -11.20 -3.13
N THR A 88 -5.35 -10.02 -3.34
CA THR A 88 -4.81 -9.64 -4.64
C THR A 88 -3.87 -10.71 -5.17
N ASN A 89 -3.80 -10.81 -6.50
CA ASN A 89 -2.94 -11.80 -7.14
C ASN A 89 -1.58 -11.21 -7.45
N CYS A 90 -1.06 -10.41 -6.52
CA CYS A 90 0.24 -9.77 -6.70
C CYS A 90 1.35 -10.83 -6.82
N ASN A 91 1.04 -12.05 -6.40
CA ASN A 91 2.01 -13.13 -6.45
C ASN A 91 2.34 -13.50 -7.89
N THR A 92 1.53 -13.01 -8.82
CA THR A 92 1.73 -13.29 -10.24
C THR A 92 2.74 -12.31 -10.85
N VAL A 93 2.79 -11.10 -10.30
CA VAL A 93 3.71 -10.08 -10.78
C VAL A 93 5.16 -10.53 -10.64
N ARG A 94 5.89 -10.51 -11.74
CA ARG A 94 7.30 -10.92 -11.74
C ARG A 94 8.20 -9.75 -12.14
N PHE A 95 7.72 -8.54 -11.89
CA PHE A 95 8.49 -7.34 -12.23
C PHE A 95 8.11 -6.17 -11.32
N ALA A 1 19.85 1.18 -0.43
CA ALA A 1 19.20 -0.08 -0.11
C ALA A 1 17.78 0.14 0.40
N LEU A 2 16.82 -0.47 -0.27
CA LEU A 2 15.41 -0.35 0.12
C LEU A 2 15.06 -1.36 1.20
N SER A 3 14.55 -0.86 2.32
CA SER A 3 14.16 -1.72 3.43
C SER A 3 12.70 -1.50 3.81
N CYS A 4 11.96 -2.59 3.98
CA CYS A 4 10.55 -2.52 4.34
C CYS A 4 10.35 -1.63 5.57
N GLY A 5 11.34 -1.63 6.46
CA GLY A 5 11.25 -0.82 7.67
C GLY A 5 10.93 0.63 7.36
N THR A 6 11.31 1.08 6.18
CA THR A 6 11.06 2.47 5.78
C THR A 6 9.74 2.59 5.04
N VAL A 7 9.36 1.53 4.33
CA VAL A 7 8.10 1.52 3.58
C VAL A 7 6.91 1.70 4.50
N SER A 8 6.92 1.00 5.63
CA SER A 8 5.84 1.09 6.60
C SER A 8 5.54 2.54 6.96
N ALA A 9 6.57 3.38 6.89
CA ALA A 9 6.41 4.80 7.20
C ALA A 9 5.31 5.43 6.37
N ASP A 10 5.10 4.90 5.18
CA ASP A 10 4.08 5.41 4.28
C ASP A 10 2.70 4.90 4.67
N LEU A 11 2.67 3.72 5.29
CA LEU A 11 1.42 3.10 5.72
C LEU A 11 0.90 3.76 6.99
N ALA A 12 1.80 4.42 7.72
CA ALA A 12 1.43 5.10 8.95
C ALA A 12 0.19 5.98 8.76
N PRO A 13 0.30 6.96 7.85
CA PRO A 13 -0.79 7.88 7.55
C PRO A 13 -1.94 7.19 6.82
N CYS A 14 -1.72 5.94 6.41
CA CYS A 14 -2.74 5.18 5.71
C CYS A 14 -3.52 4.28 6.67
N VAL A 15 -2.95 4.06 7.85
CA VAL A 15 -3.59 3.22 8.86
C VAL A 15 -4.89 3.84 9.35
N THR A 16 -4.87 5.15 9.58
CA THR A 16 -6.05 5.87 10.05
C THR A 16 -7.26 5.56 9.17
N TYR A 17 -7.05 5.60 7.86
CA TYR A 17 -8.12 5.34 6.91
C TYR A 17 -8.49 3.86 6.89
N LEU A 18 -7.48 3.00 7.11
CA LEU A 18 -7.69 1.57 7.11
C LEU A 18 -8.56 1.14 8.30
N GLN A 19 -8.61 1.99 9.32
CA GLN A 19 -9.41 1.72 10.51
C GLN A 19 -10.78 2.38 10.42
N ALA A 20 -10.91 3.33 9.49
CA ALA A 20 -12.18 4.03 9.29
C ALA A 20 -13.09 3.26 8.35
N PRO A 21 -14.39 3.60 8.36
CA PRO A 21 -15.39 2.96 7.51
C PRO A 21 -15.21 3.31 6.04
N ASN A 22 -15.95 2.62 5.18
CA ASN A 22 -15.87 2.85 3.74
C ASN A 22 -16.38 4.24 3.39
N ASN A 23 -17.08 4.88 4.34
CA ASN A 23 -17.62 6.21 4.13
C ASN A 23 -16.52 7.27 4.25
N ALA A 24 -15.41 6.89 4.88
CA ALA A 24 -14.29 7.79 5.06
C ALA A 24 -13.43 7.87 3.80
N SER A 25 -12.63 8.93 3.68
CA SER A 25 -11.77 9.12 2.52
C SER A 25 -10.30 9.01 2.91
N PRO A 26 -9.44 8.80 1.91
CA PRO A 26 -7.99 8.69 2.13
C PRO A 26 -7.32 10.04 2.31
N PRO A 27 -6.21 10.05 3.08
CA PRO A 27 -5.45 11.26 3.35
C PRO A 27 -4.48 11.61 2.23
N PRO A 28 -4.42 12.91 1.87
CA PRO A 28 -3.54 13.39 0.80
C PRO A 28 -2.11 12.91 0.97
N PRO A 29 -1.59 12.99 2.20
CA PRO A 29 -0.23 12.57 2.52
C PRO A 29 -0.04 11.05 2.35
N CYS A 30 -1.12 10.30 2.53
CA CYS A 30 -1.08 8.86 2.40
C CYS A 30 -0.95 8.44 0.94
N CYS A 31 -1.83 8.99 0.10
CA CYS A 31 -1.82 8.68 -1.33
C CYS A 31 -0.45 8.95 -1.93
N ALA A 32 0.16 10.06 -1.55
CA ALA A 32 1.48 10.43 -2.05
C ALA A 32 2.49 9.31 -1.79
N GLY A 33 2.41 8.71 -0.61
CA GLY A 33 3.33 7.64 -0.27
C GLY A 33 3.38 6.55 -1.33
N VAL A 34 2.21 6.20 -1.87
CA VAL A 34 2.13 5.17 -2.89
C VAL A 34 2.97 5.54 -4.11
N LYS A 35 2.93 6.80 -4.50
CA LYS A 35 3.69 7.28 -5.65
C LYS A 35 5.18 7.30 -5.33
N LYS A 36 5.52 7.48 -4.06
CA LYS A 36 6.91 7.51 -3.63
C LYS A 36 7.59 6.17 -3.87
N LEU A 37 6.78 5.11 -3.91
CA LEU A 37 7.30 3.77 -4.14
C LEU A 37 8.25 3.75 -5.33
N LEU A 38 7.97 4.59 -6.32
CA LEU A 38 8.79 4.66 -7.52
C LEU A 38 10.27 4.87 -7.15
N ALA A 39 10.54 5.91 -6.37
CA ALA A 39 11.89 6.21 -5.95
C ALA A 39 12.27 5.42 -4.70
N ALA A 40 11.39 4.53 -4.28
CA ALA A 40 11.63 3.70 -3.11
C ALA A 40 12.38 2.43 -3.46
N ALA A 41 12.14 1.94 -4.68
CA ALA A 41 12.81 0.72 -5.15
C ALA A 41 14.26 1.00 -5.51
N THR A 42 15.13 0.03 -5.26
CA THR A 42 16.55 0.17 -5.57
C THR A 42 16.88 -0.43 -6.93
N THR A 43 16.14 -1.46 -7.32
CA THR A 43 16.36 -2.12 -8.60
C THR A 43 15.04 -2.35 -9.33
N THR A 44 15.11 -2.97 -10.50
CA THR A 44 13.93 -3.25 -11.29
C THR A 44 13.05 -4.30 -10.64
N PRO A 45 13.64 -5.49 -10.39
CA PRO A 45 12.93 -6.60 -9.75
C PRO A 45 12.62 -6.33 -8.28
N ASP A 46 13.44 -5.48 -7.66
CA ASP A 46 13.26 -5.14 -6.26
C ASP A 46 11.94 -4.40 -6.04
N ARG A 47 11.41 -3.81 -7.11
CA ARG A 47 10.16 -3.08 -7.04
C ARG A 47 9.05 -3.94 -6.44
N GLN A 48 9.09 -5.24 -6.75
CA GLN A 48 8.09 -6.17 -6.25
C GLN A 48 8.13 -6.25 -4.72
N ALA A 49 9.33 -6.29 -4.16
CA ALA A 49 9.51 -6.35 -2.72
C ALA A 49 8.67 -5.29 -2.02
N ALA A 50 8.49 -4.15 -2.69
CA ALA A 50 7.72 -3.06 -2.12
C ALA A 50 6.28 -3.47 -1.86
N CYS A 51 5.64 -4.04 -2.89
CA CYS A 51 4.25 -4.48 -2.77
C CYS A 51 4.12 -5.57 -1.71
N ASN A 52 5.24 -6.18 -1.35
CA ASN A 52 5.25 -7.24 -0.36
C ASN A 52 5.29 -6.66 1.05
N CYS A 53 6.02 -5.57 1.21
CA CYS A 53 6.14 -4.91 2.51
C CYS A 53 4.76 -4.64 3.11
N LEU A 54 3.80 -4.35 2.25
CA LEU A 54 2.44 -4.07 2.70
C LEU A 54 1.84 -5.27 3.42
N LYS A 55 1.96 -6.44 2.81
CA LYS A 55 1.44 -7.68 3.39
C LYS A 55 1.97 -7.87 4.81
N SER A 56 3.14 -7.32 5.08
CA SER A 56 3.75 -7.41 6.40
C SER A 56 3.05 -6.50 7.40
N ALA A 57 2.85 -5.24 7.00
CA ALA A 57 2.20 -4.27 7.86
C ALA A 57 0.74 -4.65 8.11
N ALA A 58 0.16 -5.42 7.19
CA ALA A 58 -1.22 -5.86 7.32
C ALA A 58 -1.41 -6.74 8.54
N GLY A 59 -0.38 -7.50 8.88
CA GLY A 59 -0.45 -8.39 10.03
C GLY A 59 -0.21 -7.65 11.34
N SER A 60 -0.17 -6.33 11.27
CA SER A 60 0.06 -5.52 12.46
C SER A 60 -1.03 -4.46 12.62
N ILE A 61 -2.04 -4.52 11.74
CA ILE A 61 -3.14 -3.58 11.78
C ILE A 61 -4.36 -4.19 12.47
N PRO A 62 -4.67 -3.70 13.68
CA PRO A 62 -5.82 -4.18 14.47
C PRO A 62 -7.15 -3.78 13.85
N LYS A 63 -7.96 -4.76 13.50
CA LYS A 63 -9.27 -4.49 12.91
C LYS A 63 -9.13 -3.92 11.51
N LEU A 64 -8.05 -4.29 10.82
CA LEU A 64 -7.79 -3.81 9.48
C LEU A 64 -9.04 -3.95 8.61
N ASN A 65 -9.38 -2.88 7.89
CA ASN A 65 -10.55 -2.88 7.02
C ASN A 65 -10.15 -3.18 5.58
N THR A 66 -10.02 -4.47 5.26
CA THR A 66 -9.65 -4.89 3.92
C THR A 66 -10.53 -4.22 2.87
N ASN A 67 -11.78 -3.96 3.24
CA ASN A 67 -12.72 -3.33 2.32
C ASN A 67 -12.24 -1.94 1.91
N ASN A 68 -11.73 -1.19 2.87
CA ASN A 68 -11.23 0.16 2.60
C ASN A 68 -9.97 0.11 1.74
N ALA A 69 -9.22 -0.98 1.86
CA ALA A 69 -8.00 -1.15 1.09
C ALA A 69 -8.29 -1.14 -0.41
N ALA A 70 -9.51 -1.53 -0.78
CA ALA A 70 -9.91 -1.56 -2.17
C ALA A 70 -10.17 -0.16 -2.71
N ALA A 71 -10.72 0.70 -1.86
CA ALA A 71 -11.02 2.07 -2.24
C ALA A 71 -9.81 2.97 -2.02
N LEU A 72 -8.82 2.47 -1.30
CA LEU A 72 -7.61 3.23 -1.01
C LEU A 72 -7.02 3.81 -2.29
N PRO A 73 -6.69 2.92 -3.25
CA PRO A 73 -6.11 3.32 -4.53
C PRO A 73 -7.11 4.04 -5.42
N GLY A 74 -8.28 3.45 -5.59
CA GLY A 74 -9.32 4.05 -6.41
C GLY A 74 -9.60 5.49 -6.02
N LYS A 75 -9.80 5.72 -4.72
CA LYS A 75 -10.08 7.06 -4.22
C LYS A 75 -8.84 7.95 -4.29
N CYS A 76 -7.66 7.32 -4.23
CA CYS A 76 -6.41 8.05 -4.29
C CYS A 76 -6.09 8.48 -5.73
N GLY A 77 -6.87 7.95 -6.67
CA GLY A 77 -6.66 8.30 -8.07
C GLY A 77 -5.43 7.63 -8.65
N VAL A 78 -4.89 6.65 -7.92
CA VAL A 78 -3.70 5.93 -8.36
C VAL A 78 -4.09 4.62 -9.03
N SER A 79 -3.39 4.28 -10.11
CA SER A 79 -3.66 3.05 -10.84
C SER A 79 -2.46 2.09 -10.76
N ILE A 80 -2.75 0.80 -10.68
CA ILE A 80 -1.70 -0.21 -10.60
C ILE A 80 -2.17 -1.53 -11.20
N PRO A 81 -1.21 -2.36 -11.64
CA PRO A 81 -1.49 -3.66 -12.24
C PRO A 81 -2.01 -4.67 -11.21
N TYR A 82 -1.79 -4.38 -9.94
CA TYR A 82 -2.24 -5.25 -8.87
C TYR A 82 -3.30 -4.56 -8.01
N LYS A 83 -3.82 -5.30 -7.03
CA LYS A 83 -4.85 -4.77 -6.14
C LYS A 83 -4.39 -4.81 -4.69
N ILE A 84 -5.19 -4.23 -3.80
CA ILE A 84 -4.86 -4.22 -2.38
C ILE A 84 -5.57 -5.35 -1.64
N SER A 85 -5.15 -6.58 -1.90
CA SER A 85 -5.74 -7.74 -1.25
C SER A 85 -4.70 -8.83 -1.04
N THR A 86 -4.78 -9.51 0.10
CA THR A 86 -3.85 -10.58 0.43
C THR A 86 -4.05 -11.78 -0.49
N SER A 87 -5.17 -11.79 -1.21
CA SER A 87 -5.48 -12.89 -2.13
C SER A 87 -4.81 -12.66 -3.48
N THR A 88 -4.56 -11.41 -3.81
CA THR A 88 -3.92 -11.05 -5.08
C THR A 88 -2.45 -11.43 -5.07
N ASN A 89 -1.99 -12.05 -6.16
CA ASN A 89 -0.60 -12.46 -6.29
C ASN A 89 0.25 -11.35 -6.91
N CYS A 90 0.67 -10.41 -6.08
CA CYS A 90 1.48 -9.28 -6.54
C CYS A 90 2.79 -9.78 -7.15
N ASN A 91 3.17 -11.01 -6.82
CA ASN A 91 4.40 -11.61 -7.33
C ASN A 91 4.33 -11.79 -8.84
N THR A 92 3.10 -11.82 -9.37
CA THR A 92 2.91 -11.99 -10.81
C THR A 92 2.78 -10.64 -11.51
N VAL A 93 3.28 -9.59 -10.86
CA VAL A 93 3.23 -8.25 -11.42
C VAL A 93 4.53 -7.91 -12.14
N ARG A 94 4.42 -7.15 -13.22
CA ARG A 94 5.58 -6.76 -14.01
C ARG A 94 6.36 -5.66 -13.31
N PHE A 95 7.46 -5.22 -13.93
CA PHE A 95 8.30 -4.18 -13.35
C PHE A 95 7.65 -2.81 -13.51
N ALA A 1 18.06 -1.71 -3.09
CA ALA A 1 17.32 -2.51 -2.12
C ALA A 1 16.36 -1.64 -1.31
N LEU A 2 15.56 -2.29 -0.47
CA LEU A 2 14.59 -1.58 0.36
C LEU A 2 14.23 -2.39 1.59
N SER A 3 13.87 -1.71 2.68
CA SER A 3 13.50 -2.37 3.92
C SER A 3 12.02 -2.14 4.24
N CYS A 4 11.29 -3.23 4.39
CA CYS A 4 9.86 -3.15 4.69
C CYS A 4 9.61 -2.25 5.90
N GLY A 5 10.54 -2.28 6.85
CA GLY A 5 10.40 -1.46 8.04
C GLY A 5 10.19 0.01 7.71
N THR A 6 10.68 0.42 6.54
CA THR A 6 10.54 1.82 6.11
C THR A 6 9.21 2.05 5.43
N VAL A 7 8.63 0.98 4.88
CA VAL A 7 7.34 1.08 4.20
C VAL A 7 6.24 1.53 5.14
N SER A 8 6.31 1.07 6.39
CA SER A 8 5.31 1.44 7.40
C SER A 8 5.29 2.95 7.61
N ALA A 9 6.42 3.60 7.33
CA ALA A 9 6.53 5.04 7.49
C ALA A 9 5.43 5.77 6.70
N ASP A 10 5.19 5.32 5.48
CA ASP A 10 4.17 5.92 4.63
C ASP A 10 2.78 5.42 5.01
N LEU A 11 2.73 4.27 5.67
CA LEU A 11 1.46 3.69 6.09
C LEU A 11 0.94 4.38 7.35
N ALA A 12 1.82 5.11 8.03
CA ALA A 12 1.45 5.82 9.25
C ALA A 12 0.19 6.65 9.03
N PRO A 13 0.24 7.59 8.08
CA PRO A 13 -0.88 8.47 7.77
C PRO A 13 -2.02 7.72 7.07
N CYS A 14 -1.76 6.47 6.73
CA CYS A 14 -2.76 5.64 6.05
C CYS A 14 -3.45 4.71 7.05
N VAL A 15 -2.92 4.65 8.26
CA VAL A 15 -3.48 3.81 9.30
C VAL A 15 -4.88 4.27 9.69
N THR A 16 -4.99 5.51 10.12
CA THR A 16 -6.27 6.09 10.52
C THR A 16 -7.33 5.85 9.46
N TYR A 17 -6.95 6.03 8.20
CA TYR A 17 -7.87 5.83 7.09
C TYR A 17 -8.30 4.37 6.98
N LEU A 18 -7.32 3.47 7.05
CA LEU A 18 -7.60 2.04 6.96
C LEU A 18 -8.34 1.55 8.20
N GLN A 19 -8.31 2.36 9.25
CA GLN A 19 -8.98 2.00 10.50
C GLN A 19 -10.45 2.40 10.46
N ALA A 20 -10.76 3.41 9.64
CA ALA A 20 -12.14 3.88 9.52
C ALA A 20 -12.90 3.06 8.49
N PRO A 21 -14.24 3.17 8.53
CA PRO A 21 -15.12 2.45 7.60
C PRO A 21 -15.03 2.97 6.18
N ASN A 22 -15.94 2.54 5.32
CA ASN A 22 -15.95 2.96 3.92
C ASN A 22 -16.10 4.49 3.83
N ASN A 23 -16.58 5.10 4.90
CA ASN A 23 -16.76 6.54 4.93
C ASN A 23 -15.42 7.26 5.04
N ALA A 24 -14.35 6.48 5.22
CA ALA A 24 -13.01 7.04 5.34
C ALA A 24 -12.43 7.36 3.97
N SER A 25 -11.35 8.15 3.95
CA SER A 25 -10.71 8.53 2.70
C SER A 25 -9.20 8.70 2.90
N PRO A 26 -8.44 8.50 1.82
CA PRO A 26 -6.99 8.64 1.85
C PRO A 26 -6.53 10.10 1.76
N PRO A 27 -5.94 10.59 2.85
CA PRO A 27 -5.44 11.97 2.92
C PRO A 27 -4.26 12.21 1.99
N PRO A 28 -4.08 13.48 1.57
CA PRO A 28 -2.99 13.87 0.68
C PRO A 28 -1.67 13.18 1.03
N PRO A 29 -1.25 13.32 2.29
CA PRO A 29 -0.01 12.73 2.79
C PRO A 29 0.00 11.21 2.63
N CYS A 30 -1.16 10.60 2.77
CA CYS A 30 -1.28 9.15 2.65
C CYS A 30 -1.15 8.71 1.19
N CYS A 31 -1.90 9.36 0.31
CA CYS A 31 -1.88 9.05 -1.11
C CYS A 31 -0.45 9.11 -1.64
N ALA A 32 0.30 10.12 -1.21
CA ALA A 32 1.68 10.30 -1.65
C ALA A 32 2.50 9.02 -1.42
N GLY A 33 2.34 8.43 -0.24
CA GLY A 33 3.06 7.22 0.08
C GLY A 33 2.97 6.17 -1.02
N VAL A 34 1.77 6.01 -1.56
CA VAL A 34 1.54 5.03 -2.62
C VAL A 34 2.46 5.30 -3.81
N LYS A 35 2.48 6.54 -4.26
CA LYS A 35 3.33 6.93 -5.39
C LYS A 35 4.80 6.94 -5.00
N LYS A 36 5.06 7.07 -3.71
CA LYS A 36 6.43 7.08 -3.20
C LYS A 36 7.09 5.72 -3.40
N LEU A 37 6.29 4.67 -3.46
CA LEU A 37 6.79 3.32 -3.64
C LEU A 37 7.73 3.25 -4.84
N LEU A 38 7.49 4.11 -5.82
CA LEU A 38 8.31 4.15 -7.02
C LEU A 38 9.76 4.51 -6.69
N ALA A 39 9.92 5.59 -5.92
CA ALA A 39 11.25 6.04 -5.52
C ALA A 39 11.73 5.31 -4.27
N ALA A 40 10.93 4.35 -3.81
CA ALA A 40 11.27 3.57 -2.62
C ALA A 40 12.35 2.55 -2.92
N ALA A 41 12.16 1.78 -3.99
CA ALA A 41 13.12 0.77 -4.38
C ALA A 41 14.30 1.38 -5.11
N THR A 42 15.32 0.56 -5.37
CA THR A 42 16.52 1.03 -6.07
C THR A 42 16.56 0.53 -7.50
N THR A 43 16.14 -0.72 -7.69
CA THR A 43 16.13 -1.33 -9.02
C THR A 43 14.71 -1.36 -9.59
N THR A 44 14.58 -1.92 -10.79
CA THR A 44 13.28 -2.01 -11.45
C THR A 44 12.36 -2.98 -10.73
N PRO A 45 12.81 -4.23 -10.60
CA PRO A 45 12.05 -5.29 -9.93
C PRO A 45 11.95 -5.06 -8.41
N ASP A 46 12.87 -4.26 -7.88
CA ASP A 46 12.87 -3.96 -6.46
C ASP A 46 11.62 -3.19 -6.05
N ARG A 47 11.04 -2.47 -7.01
CA ARG A 47 9.83 -1.70 -6.75
C ARG A 47 8.68 -2.60 -6.30
N GLN A 48 8.66 -3.81 -6.83
CA GLN A 48 7.61 -4.77 -6.49
C GLN A 48 7.66 -5.13 -5.01
N ALA A 49 8.87 -5.20 -4.47
CA ALA A 49 9.06 -5.53 -3.05
C ALA A 49 8.16 -4.66 -2.17
N ALA A 50 7.96 -3.42 -2.58
CA ALA A 50 7.12 -2.49 -1.83
C ALA A 50 5.71 -3.03 -1.66
N CYS A 51 5.09 -3.42 -2.78
CA CYS A 51 3.74 -3.96 -2.76
C CYS A 51 3.67 -5.22 -1.90
N ASN A 52 4.81 -5.90 -1.74
CA ASN A 52 4.87 -7.11 -0.95
C ASN A 52 4.86 -6.79 0.55
N CYS A 53 5.54 -5.70 0.91
CA CYS A 53 5.60 -5.28 2.31
C CYS A 53 4.23 -4.86 2.81
N LEU A 54 3.49 -4.14 1.98
CA LEU A 54 2.16 -3.68 2.34
C LEU A 54 1.26 -4.84 2.74
N LYS A 55 1.59 -6.03 2.25
CA LYS A 55 0.82 -7.24 2.55
C LYS A 55 1.11 -7.72 3.97
N SER A 56 2.38 -7.67 4.36
CA SER A 56 2.79 -8.11 5.69
C SER A 56 2.16 -7.23 6.77
N ALA A 57 2.00 -5.94 6.46
CA ALA A 57 1.41 -5.00 7.41
C ALA A 57 -0.02 -5.39 7.75
N ALA A 58 -0.74 -5.89 6.76
CA ALA A 58 -2.13 -6.31 6.96
C ALA A 58 -2.23 -7.34 8.09
N GLY A 59 -1.20 -8.16 8.22
CA GLY A 59 -1.20 -9.18 9.26
C GLY A 59 -0.81 -8.62 10.62
N SER A 60 -0.73 -7.30 10.71
CA SER A 60 -0.38 -6.65 11.96
C SER A 60 -1.36 -5.53 12.29
N ILE A 61 -1.79 -4.81 11.26
CA ILE A 61 -2.73 -3.71 11.44
C ILE A 61 -3.99 -4.19 12.18
N PRO A 62 -4.17 -3.70 13.41
CA PRO A 62 -5.33 -4.05 14.23
C PRO A 62 -6.63 -3.45 13.70
N LYS A 63 -7.59 -4.32 13.39
CA LYS A 63 -8.87 -3.89 12.87
C LYS A 63 -8.73 -3.34 11.45
N LEU A 64 -7.79 -3.89 10.70
CA LEU A 64 -7.55 -3.47 9.32
C LEU A 64 -8.78 -3.73 8.45
N ASN A 65 -9.16 -2.72 7.67
CA ASN A 65 -10.33 -2.84 6.80
C ASN A 65 -9.89 -3.14 5.36
N THR A 66 -9.82 -4.41 5.02
CA THR A 66 -9.43 -4.84 3.69
C THR A 66 -10.26 -4.13 2.62
N ASN A 67 -11.51 -3.83 2.95
CA ASN A 67 -12.39 -3.15 2.02
C ASN A 67 -11.87 -1.77 1.66
N ASN A 68 -11.30 -1.08 2.65
CA ASN A 68 -10.74 0.25 2.45
C ASN A 68 -9.52 0.20 1.53
N ALA A 69 -8.81 -0.93 1.57
CA ALA A 69 -7.63 -1.11 0.75
C ALA A 69 -7.97 -1.03 -0.73
N ALA A 70 -9.21 -1.35 -1.08
CA ALA A 70 -9.66 -1.31 -2.46
C ALA A 70 -9.88 0.13 -2.92
N ALA A 71 -10.34 0.98 -2.01
CA ALA A 71 -10.60 2.37 -2.33
C ALA A 71 -9.33 3.22 -2.18
N LEU A 72 -8.30 2.63 -1.56
CA LEU A 72 -7.04 3.33 -1.37
C LEU A 72 -6.53 3.90 -2.68
N PRO A 73 -6.32 3.02 -3.68
CA PRO A 73 -5.83 3.43 -4.99
C PRO A 73 -6.87 4.22 -5.78
N GLY A 74 -8.09 3.70 -5.86
CA GLY A 74 -9.15 4.38 -6.58
C GLY A 74 -9.33 5.81 -6.12
N LYS A 75 -9.56 5.99 -4.82
CA LYS A 75 -9.77 7.31 -4.26
C LYS A 75 -8.57 8.21 -4.54
N CYS A 76 -7.39 7.60 -4.66
CA CYS A 76 -6.16 8.34 -4.93
C CYS A 76 -6.06 8.71 -6.41
N GLY A 77 -6.71 7.91 -7.26
CA GLY A 77 -6.69 8.18 -8.68
C GLY A 77 -5.57 7.44 -9.39
N VAL A 78 -4.88 6.57 -8.65
CA VAL A 78 -3.77 5.79 -9.21
C VAL A 78 -4.22 4.38 -9.56
N SER A 79 -3.82 3.93 -10.75
CA SER A 79 -4.18 2.59 -11.21
C SER A 79 -2.94 1.72 -11.39
N ILE A 80 -2.98 0.51 -10.84
CA ILE A 80 -1.86 -0.41 -10.95
C ILE A 80 -2.28 -1.71 -11.63
N PRO A 81 -1.30 -2.41 -12.22
CA PRO A 81 -1.54 -3.68 -12.91
C PRO A 81 -1.89 -4.81 -11.95
N TYR A 82 -1.76 -4.54 -10.66
CA TYR A 82 -2.06 -5.53 -9.63
C TYR A 82 -3.09 -5.00 -8.63
N LYS A 83 -3.40 -5.80 -7.63
CA LYS A 83 -4.37 -5.41 -6.61
C LYS A 83 -3.71 -5.31 -5.25
N ILE A 84 -4.48 -4.92 -4.24
CA ILE A 84 -3.96 -4.79 -2.88
C ILE A 84 -4.74 -5.68 -1.92
N SER A 85 -4.35 -6.94 -1.84
CA SER A 85 -5.00 -7.90 -0.96
C SER A 85 -4.02 -8.97 -0.49
N THR A 86 -4.31 -9.56 0.66
CA THR A 86 -3.45 -10.61 1.22
C THR A 86 -3.48 -11.86 0.36
N SER A 87 -4.60 -12.06 -0.34
CA SER A 87 -4.75 -13.23 -1.20
C SER A 87 -4.18 -12.96 -2.59
N THR A 88 -3.96 -11.68 -2.89
CA THR A 88 -3.40 -11.28 -4.19
C THR A 88 -1.90 -11.48 -4.23
N ASN A 89 -1.43 -12.18 -5.26
CA ASN A 89 -0.01 -12.44 -5.41
C ASN A 89 0.66 -11.34 -6.23
N CYS A 90 1.07 -10.28 -5.56
CA CYS A 90 1.73 -9.15 -6.23
C CYS A 90 3.03 -9.59 -6.89
N ASN A 91 3.53 -10.75 -6.48
CA ASN A 91 4.77 -11.29 -7.03
C ASN A 91 4.57 -11.73 -8.48
N THR A 92 3.31 -11.77 -8.92
CA THR A 92 3.00 -12.18 -10.28
C THR A 92 3.10 -10.99 -11.24
N VAL A 93 3.54 -9.86 -10.73
CA VAL A 93 3.69 -8.65 -11.54
C VAL A 93 4.99 -8.69 -12.34
N ARG A 94 4.95 -8.14 -13.55
CA ARG A 94 6.12 -8.13 -14.42
C ARG A 94 7.13 -7.08 -13.94
N PHE A 95 8.31 -7.54 -13.54
CA PHE A 95 9.36 -6.66 -13.06
C PHE A 95 8.82 -5.69 -12.00
N ALA A 1 18.35 1.69 -1.38
CA ALA A 1 18.28 1.63 0.07
C ALA A 1 16.82 1.53 0.54
N LEU A 2 16.08 0.59 -0.04
CA LEU A 2 14.69 0.39 0.33
C LEU A 2 14.56 -0.52 1.55
N SER A 3 13.90 -0.02 2.58
CA SER A 3 13.72 -0.78 3.80
C SER A 3 12.29 -0.62 4.34
N CYS A 4 11.69 -1.73 4.76
CA CYS A 4 10.33 -1.72 5.29
C CYS A 4 10.20 -0.70 6.41
N GLY A 5 11.27 -0.52 7.18
CA GLY A 5 11.25 0.43 8.28
C GLY A 5 10.78 1.80 7.85
N THR A 6 10.99 2.13 6.58
CA THR A 6 10.59 3.42 6.05
C THR A 6 9.22 3.34 5.39
N VAL A 7 8.90 2.17 4.84
CA VAL A 7 7.62 1.95 4.17
C VAL A 7 6.46 2.11 5.15
N SER A 8 6.67 1.65 6.38
CA SER A 8 5.63 1.73 7.40
C SER A 8 5.32 3.18 7.74
N ALA A 9 6.30 4.06 7.54
CA ALA A 9 6.13 5.49 7.81
C ALA A 9 5.00 6.07 6.99
N ASP A 10 4.83 5.57 5.76
CA ASP A 10 3.79 6.05 4.88
C ASP A 10 2.44 5.42 5.24
N LEU A 11 2.49 4.24 5.85
CA LEU A 11 1.29 3.53 6.26
C LEU A 11 0.69 4.12 7.53
N ALA A 12 1.52 4.86 8.27
CA ALA A 12 1.08 5.48 9.51
C ALA A 12 -0.21 6.26 9.29
N PRO A 13 -0.16 7.27 8.40
CA PRO A 13 -1.32 8.11 8.09
C PRO A 13 -2.40 7.35 7.32
N CYS A 14 -2.08 6.12 6.94
CA CYS A 14 -3.03 5.28 6.19
C CYS A 14 -3.69 4.26 7.12
N VAL A 15 -3.18 4.16 8.34
CA VAL A 15 -3.72 3.22 9.32
C VAL A 15 -5.15 3.59 9.70
N THR A 16 -5.33 4.81 10.19
CA THR A 16 -6.65 5.29 10.60
C THR A 16 -7.68 5.06 9.49
N TYR A 17 -7.29 5.37 8.26
CA TYR A 17 -8.19 5.19 7.11
C TYR A 17 -8.49 3.71 6.89
N LEU A 18 -7.46 2.88 7.00
CA LEU A 18 -7.61 1.44 6.81
C LEU A 18 -8.62 0.87 7.79
N GLN A 19 -8.72 1.46 8.96
CA GLN A 19 -9.65 1.01 9.99
C GLN A 19 -11.03 1.62 9.76
N ALA A 20 -11.11 2.61 8.89
CA ALA A 20 -12.37 3.27 8.59
C ALA A 20 -13.14 2.52 7.52
N PRO A 21 -14.45 2.81 7.39
CA PRO A 21 -15.31 2.17 6.41
C PRO A 21 -14.99 2.60 4.98
N ASN A 22 -15.63 1.95 4.02
CA ASN A 22 -15.39 2.27 2.61
C ASN A 22 -15.88 3.68 2.28
N ASN A 23 -16.67 4.25 3.18
CA ASN A 23 -17.21 5.59 3.00
C ASN A 23 -16.13 6.64 3.24
N ALA A 24 -15.10 6.26 4.00
CA ALA A 24 -14.00 7.17 4.30
C ALA A 24 -13.01 7.24 3.15
N SER A 25 -12.11 8.23 3.21
CA SER A 25 -11.11 8.40 2.16
C SER A 25 -9.73 8.62 2.78
N PRO A 26 -8.69 8.43 1.95
CA PRO A 26 -7.30 8.60 2.39
C PRO A 26 -6.87 10.07 2.40
N PRO A 27 -6.12 10.46 3.43
CA PRO A 27 -5.64 11.83 3.59
C PRO A 27 -4.49 12.15 2.64
N PRO A 28 -4.36 13.44 2.28
CA PRO A 28 -3.30 13.90 1.37
C PRO A 28 -1.95 13.25 1.68
N PRO A 29 -1.51 13.36 2.94
CA PRO A 29 -0.24 12.79 3.39
C PRO A 29 -0.16 11.29 3.15
N CYS A 30 -1.29 10.61 3.28
CA CYS A 30 -1.34 9.17 3.07
C CYS A 30 -1.22 8.83 1.59
N CYS A 31 -2.03 9.49 0.76
CA CYS A 31 -2.00 9.25 -0.68
C CYS A 31 -0.59 9.41 -1.23
N ALA A 32 0.13 10.39 -0.72
CA ALA A 32 1.50 10.65 -1.16
C ALA A 32 2.34 9.38 -1.10
N GLY A 33 2.25 8.66 0.02
CA GLY A 33 3.02 7.44 0.18
C GLY A 33 2.83 6.49 -0.98
N VAL A 34 1.59 6.35 -1.44
CA VAL A 34 1.28 5.46 -2.55
C VAL A 34 2.15 5.77 -3.77
N LYS A 35 2.26 7.06 -4.10
CA LYS A 35 3.08 7.48 -5.23
C LYS A 35 4.56 7.32 -4.93
N LYS A 36 4.90 7.25 -3.64
CA LYS A 36 6.29 7.10 -3.22
C LYS A 36 6.86 5.77 -3.72
N LEU A 37 5.96 4.82 -3.99
CA LEU A 37 6.38 3.50 -4.47
C LEU A 37 7.35 3.63 -5.64
N LEU A 38 7.13 4.63 -6.48
CA LEU A 38 7.98 4.86 -7.64
C LEU A 38 9.44 4.97 -7.23
N ALA A 39 9.71 5.82 -6.25
CA ALA A 39 11.08 6.01 -5.75
C ALA A 39 11.43 4.97 -4.70
N ALA A 40 10.42 4.22 -4.25
CA ALA A 40 10.63 3.19 -3.25
C ALA A 40 11.53 2.07 -3.78
N ALA A 41 11.04 1.37 -4.80
CA ALA A 41 11.80 0.28 -5.41
C ALA A 41 12.93 0.81 -6.28
N THR A 42 14.02 0.05 -6.36
CA THR A 42 15.17 0.44 -7.15
C THR A 42 15.20 -0.30 -8.49
N THR A 43 15.11 -1.62 -8.43
CA THR A 43 15.12 -2.44 -9.62
C THR A 43 13.72 -2.90 -10.00
N THR A 44 13.61 -3.65 -11.10
CA THR A 44 12.33 -4.14 -11.56
C THR A 44 11.74 -5.15 -10.59
N PRO A 45 12.51 -6.22 -10.32
CA PRO A 45 12.10 -7.29 -9.41
C PRO A 45 12.06 -6.82 -7.95
N ASP A 46 12.81 -5.77 -7.65
CA ASP A 46 12.86 -5.23 -6.30
C ASP A 46 11.49 -4.70 -5.88
N ARG A 47 10.62 -4.45 -6.85
CA ARG A 47 9.28 -3.95 -6.58
C ARG A 47 8.56 -4.85 -5.58
N GLN A 48 8.72 -6.16 -5.75
CA GLN A 48 8.08 -7.12 -4.86
C GLN A 48 8.42 -6.83 -3.40
N ALA A 49 9.69 -6.54 -3.13
CA ALA A 49 10.14 -6.25 -1.78
C ALA A 49 9.22 -5.23 -1.11
N ALA A 50 8.89 -4.17 -1.84
CA ALA A 50 8.02 -3.12 -1.32
C ALA A 50 6.61 -3.66 -1.06
N CYS A 51 6.09 -4.43 -2.00
CA CYS A 51 4.75 -5.01 -1.87
C CYS A 51 4.73 -6.07 -0.78
N ASN A 52 5.91 -6.48 -0.33
CA ASN A 52 6.01 -7.50 0.72
C ASN A 52 5.93 -6.87 2.10
N CYS A 53 6.38 -5.61 2.19
CA CYS A 53 6.34 -4.89 3.46
C CYS A 53 4.91 -4.70 3.96
N LEU A 54 4.05 -4.24 3.06
CA LEU A 54 2.65 -4.01 3.40
C LEU A 54 1.98 -5.31 3.86
N LYS A 55 2.59 -6.44 3.51
CA LYS A 55 2.07 -7.74 3.88
C LYS A 55 2.33 -8.03 5.36
N SER A 56 3.51 -7.65 5.83
CA SER A 56 3.90 -7.88 7.21
C SER A 56 3.15 -6.92 8.14
N ALA A 57 3.24 -5.63 7.85
CA ALA A 57 2.56 -4.62 8.65
C ALA A 57 1.06 -4.85 8.68
N ALA A 58 0.54 -5.50 7.64
CA ALA A 58 -0.89 -5.80 7.56
C ALA A 58 -1.30 -6.85 8.58
N GLY A 59 -0.41 -7.82 8.80
CA GLY A 59 -0.70 -8.88 9.77
C GLY A 59 -0.58 -8.42 11.20
N SER A 60 -0.29 -7.13 11.38
CA SER A 60 -0.13 -6.56 12.71
C SER A 60 -1.20 -5.51 12.98
N ILE A 61 -1.77 -4.96 11.91
CA ILE A 61 -2.81 -3.95 12.04
C ILE A 61 -4.09 -4.54 12.64
N PRO A 62 -4.49 -4.02 13.81
CA PRO A 62 -5.70 -4.48 14.50
C PRO A 62 -6.98 -4.08 13.77
N LYS A 63 -7.79 -5.07 13.42
CA LYS A 63 -9.05 -4.83 12.73
C LYS A 63 -8.78 -4.31 11.31
N LEU A 64 -7.64 -4.67 10.75
CA LEU A 64 -7.27 -4.25 9.41
C LEU A 64 -8.41 -4.52 8.43
N ASN A 65 -8.79 -3.50 7.68
CA ASN A 65 -9.86 -3.62 6.70
C ASN A 65 -9.30 -3.67 5.28
N THR A 66 -9.09 -4.88 4.76
CA THR A 66 -8.56 -5.05 3.42
C THR A 66 -9.47 -4.41 2.38
N ASN A 67 -10.74 -4.24 2.73
CA ASN A 67 -11.71 -3.63 1.83
C ASN A 67 -11.30 -2.20 1.48
N ASN A 68 -10.85 -1.46 2.47
CA ASN A 68 -10.43 -0.07 2.27
C ASN A 68 -9.17 -0.01 1.43
N ALA A 69 -8.35 -1.07 1.51
CA ALA A 69 -7.10 -1.12 0.75
C ALA A 69 -7.37 -1.08 -0.75
N ALA A 70 -8.57 -1.50 -1.14
CA ALA A 70 -8.95 -1.51 -2.55
C ALA A 70 -9.29 -0.10 -3.04
N ALA A 71 -9.88 0.69 -2.17
CA ALA A 71 -10.25 2.06 -2.51
C ALA A 71 -9.09 3.03 -2.26
N LEU A 72 -8.04 2.53 -1.63
CA LEU A 72 -6.86 3.33 -1.33
C LEU A 72 -6.36 4.04 -2.59
N PRO A 73 -6.04 3.26 -3.62
CA PRO A 73 -5.55 3.79 -4.90
C PRO A 73 -6.63 4.52 -5.68
N GLY A 74 -7.78 3.87 -5.83
CA GLY A 74 -8.88 4.49 -6.56
C GLY A 74 -9.23 5.86 -6.02
N LYS A 75 -9.51 5.95 -4.72
CA LYS A 75 -9.85 7.22 -4.09
C LYS A 75 -8.72 8.23 -4.24
N CYS A 76 -7.49 7.73 -4.34
CA CYS A 76 -6.31 8.58 -4.48
C CYS A 76 -6.22 9.13 -5.90
N GLY A 77 -6.75 8.37 -6.87
CA GLY A 77 -6.71 8.80 -8.25
C GLY A 77 -5.42 8.39 -8.94
N VAL A 78 -4.80 7.33 -8.44
CA VAL A 78 -3.56 6.83 -9.02
C VAL A 78 -3.78 5.54 -9.79
N SER A 79 -3.06 5.37 -10.89
CA SER A 79 -3.19 4.18 -11.72
C SER A 79 -2.05 3.21 -11.44
N ILE A 80 -2.35 1.91 -11.54
CA ILE A 80 -1.35 0.88 -11.30
C ILE A 80 -1.68 -0.40 -12.08
N PRO A 81 -0.65 -1.21 -12.34
CA PRO A 81 -0.80 -2.47 -13.07
C PRO A 81 -1.55 -3.52 -12.28
N TYR A 82 -1.53 -3.38 -10.95
CA TYR A 82 -2.21 -4.32 -10.07
C TYR A 82 -2.56 -3.66 -8.74
N LYS A 83 -3.55 -4.22 -8.05
CA LYS A 83 -3.97 -3.69 -6.75
C LYS A 83 -3.11 -4.26 -5.63
N ILE A 84 -3.31 -3.74 -4.42
CA ILE A 84 -2.56 -4.19 -3.26
C ILE A 84 -3.48 -4.76 -2.19
N SER A 85 -3.46 -6.09 -2.05
CA SER A 85 -4.30 -6.76 -1.06
C SER A 85 -3.63 -8.04 -0.57
N THR A 86 -3.98 -8.45 0.65
CA THR A 86 -3.42 -9.65 1.24
C THR A 86 -3.81 -10.89 0.44
N SER A 87 -4.84 -10.75 -0.39
CA SER A 87 -5.32 -11.86 -1.20
C SER A 87 -4.81 -11.75 -2.64
N THR A 88 -4.45 -10.53 -3.03
CA THR A 88 -3.94 -10.28 -4.37
C THR A 88 -2.46 -10.66 -4.49
N ASN A 89 -2.11 -11.31 -5.60
CA ASN A 89 -0.74 -11.73 -5.83
C ASN A 89 0.06 -10.63 -6.54
N CYS A 90 0.82 -9.87 -5.77
CA CYS A 90 1.63 -8.79 -6.33
C CYS A 90 2.61 -9.33 -7.36
N ASN A 91 2.84 -10.63 -7.32
CA ASN A 91 3.76 -11.27 -8.26
C ASN A 91 3.14 -11.40 -9.65
N THR A 92 1.91 -10.91 -9.78
CA THR A 92 1.20 -10.97 -11.05
C THR A 92 1.58 -9.80 -11.95
N VAL A 93 2.26 -8.82 -11.37
CA VAL A 93 2.68 -7.64 -12.13
C VAL A 93 3.49 -8.04 -13.36
N ARG A 94 3.13 -7.47 -14.51
CA ARG A 94 3.83 -7.77 -15.75
C ARG A 94 5.18 -7.07 -15.80
N PHE A 95 6.18 -7.70 -15.20
CA PHE A 95 7.53 -7.13 -15.17
C PHE A 95 8.58 -8.23 -15.33
N ALA A 1 19.02 1.92 -0.10
CA ALA A 1 18.53 0.57 0.14
C ALA A 1 17.10 0.59 0.63
N LEU A 2 16.20 -0.02 -0.14
CA LEU A 2 14.79 -0.07 0.22
C LEU A 2 14.50 -1.24 1.15
N SER A 3 13.92 -0.95 2.31
CA SER A 3 13.61 -1.97 3.29
C SER A 3 12.19 -1.79 3.84
N CYS A 4 11.48 -2.90 4.00
CA CYS A 4 10.11 -2.86 4.51
C CYS A 4 10.04 -2.05 5.81
N GLY A 5 11.13 -2.07 6.58
CA GLY A 5 11.16 -1.35 7.82
C GLY A 5 10.76 0.11 7.66
N THR A 6 11.04 0.67 6.49
CA THR A 6 10.71 2.06 6.21
C THR A 6 9.30 2.19 5.63
N VAL A 7 8.87 1.15 4.91
CA VAL A 7 7.55 1.14 4.30
C VAL A 7 6.46 1.38 5.33
N SER A 8 6.60 0.73 6.49
CA SER A 8 5.63 0.87 7.57
C SER A 8 5.38 2.34 7.89
N ALA A 9 6.44 3.14 7.86
CA ALA A 9 6.34 4.57 8.14
C ALA A 9 5.30 5.23 7.25
N ASP A 10 5.14 4.71 6.03
CA ASP A 10 4.18 5.26 5.08
C ASP A 10 2.77 4.75 5.39
N LEU A 11 2.69 3.59 6.03
CA LEU A 11 1.41 2.99 6.38
C LEU A 11 0.80 3.68 7.60
N ALA A 12 1.65 4.35 8.38
CA ALA A 12 1.19 5.06 9.57
C ALA A 12 0.00 5.95 9.25
N PRO A 13 0.19 6.91 8.33
CA PRO A 13 -0.86 7.84 7.92
C PRO A 13 -1.96 7.16 7.12
N CYS A 14 -1.74 5.90 6.78
CA CYS A 14 -2.71 5.13 6.01
C CYS A 14 -3.56 4.26 6.93
N VAL A 15 -3.09 4.07 8.16
CA VAL A 15 -3.81 3.25 9.14
C VAL A 15 -5.18 3.86 9.45
N THR A 16 -5.21 5.17 9.64
CA THR A 16 -6.45 5.87 9.96
C THR A 16 -7.54 5.53 8.94
N TYR A 17 -7.17 5.52 7.67
CA TYR A 17 -8.12 5.22 6.60
C TYR A 17 -8.46 3.72 6.58
N LEU A 18 -7.46 2.89 6.85
CA LEU A 18 -7.65 1.46 6.87
C LEU A 18 -8.51 1.03 8.04
N GLN A 19 -8.74 1.95 8.97
CA GLN A 19 -9.56 1.67 10.15
C GLN A 19 -10.93 2.33 10.02
N ALA A 20 -11.05 3.24 9.08
CA ALA A 20 -12.32 3.95 8.85
C ALA A 20 -13.23 3.15 7.93
N PRO A 21 -14.54 3.49 7.96
CA PRO A 21 -15.54 2.80 7.15
C PRO A 21 -15.39 3.11 5.66
N ASN A 22 -16.38 2.71 4.87
CA ASN A 22 -16.35 2.94 3.43
C ASN A 22 -16.36 4.44 3.12
N ASN A 23 -16.87 5.23 4.06
CA ASN A 23 -16.94 6.68 3.89
C ASN A 23 -15.67 7.34 4.40
N ALA A 24 -14.64 6.53 4.66
CA ALA A 24 -13.37 7.04 5.14
C ALA A 24 -12.90 8.23 4.32
N SER A 25 -11.94 8.99 4.85
CA SER A 25 -11.41 10.16 4.16
C SER A 25 -9.89 10.05 4.02
N PRO A 26 -9.45 9.32 3.00
CA PRO A 26 -8.01 9.12 2.73
C PRO A 26 -7.22 10.42 2.87
N PRO A 27 -6.14 10.36 3.68
CA PRO A 27 -5.28 11.52 3.92
C PRO A 27 -4.27 11.73 2.81
N PRO A 28 -4.15 12.99 2.34
CA PRO A 28 -3.22 13.36 1.27
C PRO A 28 -1.81 12.82 1.51
N PRO A 29 -1.32 12.99 2.75
CA PRO A 29 0.01 12.53 3.14
C PRO A 29 0.21 11.04 2.89
N CYS A 30 -0.87 10.27 3.04
CA CYS A 30 -0.81 8.82 2.83
C CYS A 30 -0.70 8.50 1.35
N CYS A 31 -1.58 9.09 0.55
CA CYS A 31 -1.58 8.86 -0.89
C CYS A 31 -0.22 9.16 -1.49
N ALA A 32 0.39 10.26 -1.06
CA ALA A 32 1.71 10.65 -1.56
C ALA A 32 2.70 9.49 -1.45
N GLY A 33 2.66 8.79 -0.33
CA GLY A 33 3.56 7.67 -0.13
C GLY A 33 3.60 6.73 -1.33
N VAL A 34 2.42 6.37 -1.82
CA VAL A 34 2.33 5.47 -2.96
C VAL A 34 3.17 5.97 -4.13
N LYS A 35 3.03 7.25 -4.45
CA LYS A 35 3.77 7.87 -5.54
C LYS A 35 5.27 7.88 -5.23
N LYS A 36 5.60 8.03 -3.95
CA LYS A 36 7.00 8.06 -3.53
C LYS A 36 7.67 6.72 -3.80
N LEU A 37 6.89 5.65 -3.79
CA LEU A 37 7.42 4.31 -4.02
C LEU A 37 8.27 4.27 -5.29
N LEU A 38 7.90 5.11 -6.26
CA LEU A 38 8.63 5.18 -7.52
C LEU A 38 10.12 5.38 -7.28
N ALA A 39 10.45 6.37 -6.46
CA ALA A 39 11.85 6.65 -6.15
C ALA A 39 12.34 5.79 -4.99
N ALA A 40 11.40 5.17 -4.28
CA ALA A 40 11.74 4.32 -3.15
C ALA A 40 12.41 3.02 -3.63
N ALA A 41 11.99 2.53 -4.78
CA ALA A 41 12.55 1.31 -5.35
C ALA A 41 13.94 1.55 -5.91
N THR A 42 14.80 0.55 -5.81
CA THR A 42 16.17 0.65 -6.31
C THR A 42 16.28 0.08 -7.72
N THR A 43 15.83 -1.16 -7.89
CA THR A 43 15.88 -1.81 -9.19
C THR A 43 14.49 -1.92 -9.80
N THR A 44 14.42 -2.54 -10.98
CA THR A 44 13.15 -2.70 -11.68
C THR A 44 12.25 -3.69 -10.96
N PRO A 45 12.75 -4.92 -10.77
CA PRO A 45 12.01 -5.98 -10.08
C PRO A 45 11.85 -5.71 -8.59
N ASP A 46 12.74 -4.90 -8.05
CA ASP A 46 12.71 -4.55 -6.62
C ASP A 46 11.44 -3.78 -6.28
N ARG A 47 10.85 -3.16 -7.30
CA ARG A 47 9.62 -2.38 -7.11
C ARG A 47 8.51 -3.25 -6.53
N GLN A 48 8.50 -4.52 -6.92
CA GLN A 48 7.49 -5.45 -6.44
C GLN A 48 7.59 -5.64 -4.93
N ALA A 49 8.82 -5.67 -4.43
CA ALA A 49 9.05 -5.85 -3.00
C ALA A 49 8.20 -4.87 -2.18
N ALA A 50 7.97 -3.69 -2.73
CA ALA A 50 7.17 -2.67 -2.06
C ALA A 50 5.76 -3.17 -1.78
N CYS A 51 5.11 -3.69 -2.82
CA CYS A 51 3.75 -4.21 -2.70
C CYS A 51 3.70 -5.38 -1.73
N ASN A 52 4.86 -6.00 -1.50
CA ASN A 52 4.95 -7.14 -0.59
C ASN A 52 5.00 -6.68 0.87
N CYS A 53 5.66 -5.54 1.09
CA CYS A 53 5.79 -4.99 2.43
C CYS A 53 4.43 -4.62 3.00
N LEU A 54 3.61 -3.96 2.19
CA LEU A 54 2.27 -3.54 2.60
C LEU A 54 1.47 -4.74 3.10
N LYS A 55 1.83 -5.94 2.64
CA LYS A 55 1.15 -7.15 3.05
C LYS A 55 1.44 -7.48 4.51
N SER A 56 2.71 -7.38 4.88
CA SER A 56 3.12 -7.67 6.25
C SER A 56 2.61 -6.61 7.22
N ALA A 57 3.01 -5.36 6.97
CA ALA A 57 2.58 -4.25 7.82
C ALA A 57 1.07 -4.23 7.99
N ALA A 58 0.36 -4.75 6.99
CA ALA A 58 -1.10 -4.79 7.04
C ALA A 58 -1.58 -5.73 8.13
N GLY A 59 -1.01 -6.93 8.17
CA GLY A 59 -1.41 -7.90 9.17
C GLY A 59 -1.16 -7.41 10.59
N SER A 60 -0.41 -6.32 10.71
CA SER A 60 -0.10 -5.76 12.02
C SER A 60 -1.17 -4.76 12.44
N ILE A 61 -1.89 -4.22 11.46
CA ILE A 61 -2.95 -3.25 11.73
C ILE A 61 -4.14 -3.92 12.41
N PRO A 62 -4.56 -3.35 13.55
CA PRO A 62 -5.70 -3.87 14.33
C PRO A 62 -7.03 -3.67 13.61
N LYS A 63 -7.74 -4.76 13.37
CA LYS A 63 -9.03 -4.70 12.69
C LYS A 63 -8.87 -4.17 11.27
N LEU A 64 -7.72 -4.41 10.67
CA LEU A 64 -7.44 -3.95 9.32
C LEU A 64 -8.61 -4.30 8.39
N ASN A 65 -9.08 -3.30 7.64
CA ASN A 65 -10.19 -3.49 6.71
C ASN A 65 -9.67 -3.71 5.29
N THR A 66 -9.52 -4.99 4.92
CA THR A 66 -9.03 -5.34 3.58
C THR A 66 -9.88 -4.68 2.50
N ASN A 67 -11.16 -4.49 2.78
CA ASN A 67 -12.07 -3.86 1.84
C ASN A 67 -11.65 -2.44 1.53
N ASN A 68 -11.18 -1.72 2.55
CA ASN A 68 -10.73 -0.35 2.38
C ASN A 68 -9.46 -0.28 1.54
N ALA A 69 -8.67 -1.35 1.59
CA ALA A 69 -7.43 -1.41 0.83
C ALA A 69 -7.70 -1.33 -0.67
N ALA A 70 -8.90 -1.72 -1.08
CA ALA A 70 -9.28 -1.69 -2.48
C ALA A 70 -9.57 -0.27 -2.94
N ALA A 71 -10.14 0.54 -2.04
CA ALA A 71 -10.46 1.92 -2.35
C ALA A 71 -9.26 2.84 -2.11
N LEU A 72 -8.26 2.32 -1.42
CA LEU A 72 -7.06 3.08 -1.11
C LEU A 72 -6.49 3.73 -2.38
N PRO A 73 -6.27 2.89 -3.42
CA PRO A 73 -5.74 3.36 -4.70
C PRO A 73 -6.73 4.22 -5.47
N GLY A 74 -7.96 3.72 -5.60
CA GLY A 74 -8.98 4.47 -6.32
C GLY A 74 -9.18 5.87 -5.76
N LYS A 75 -9.40 5.96 -4.46
CA LYS A 75 -9.60 7.25 -3.81
C LYS A 75 -8.37 8.13 -3.95
N CYS A 76 -7.21 7.51 -4.11
CA CYS A 76 -5.96 8.24 -4.26
C CYS A 76 -5.80 8.75 -5.70
N GLY A 77 -6.48 8.08 -6.64
CA GLY A 77 -6.39 8.48 -8.03
C GLY A 77 -5.25 7.79 -8.76
N VAL A 78 -4.63 6.81 -8.10
CA VAL A 78 -3.52 6.09 -8.70
C VAL A 78 -3.98 4.74 -9.26
N SER A 79 -3.51 4.42 -10.46
CA SER A 79 -3.88 3.16 -11.11
C SER A 79 -2.68 2.22 -11.18
N ILE A 80 -2.89 0.98 -10.76
CA ILE A 80 -1.83 -0.03 -10.77
C ILE A 80 -2.20 -1.20 -11.68
N PRO A 81 -1.18 -1.91 -12.17
CA PRO A 81 -1.36 -3.06 -13.05
C PRO A 81 -1.97 -4.25 -12.32
N TYR A 82 -1.96 -4.20 -11.00
CA TYR A 82 -2.51 -5.28 -10.19
C TYR A 82 -3.59 -4.75 -9.24
N LYS A 83 -4.08 -5.62 -8.37
CA LYS A 83 -5.11 -5.26 -7.41
C LYS A 83 -4.60 -5.41 -5.98
N ILE A 84 -5.10 -4.57 -5.08
CA ILE A 84 -4.70 -4.61 -3.68
C ILE A 84 -5.59 -5.56 -2.89
N SER A 85 -5.15 -6.80 -2.76
CA SER A 85 -5.90 -7.81 -2.02
C SER A 85 -4.96 -8.84 -1.39
N THR A 86 -5.29 -9.26 -0.17
CA THR A 86 -4.48 -10.24 0.55
C THR A 86 -4.48 -11.59 -0.16
N SER A 87 -5.50 -11.82 -0.99
CA SER A 87 -5.61 -13.07 -1.73
C SER A 87 -4.82 -13.00 -3.03
N THR A 88 -4.61 -11.78 -3.52
CA THR A 88 -3.86 -11.59 -4.77
C THR A 88 -2.37 -11.75 -4.54
N ASN A 89 -1.71 -12.44 -5.46
CA ASN A 89 -0.27 -12.67 -5.36
C ASN A 89 0.50 -11.57 -6.08
N CYS A 90 0.68 -10.43 -5.40
CA CYS A 90 1.40 -9.30 -5.97
C CYS A 90 2.81 -9.71 -6.37
N ASN A 91 3.33 -10.75 -5.72
CA ASN A 91 4.67 -11.24 -6.02
C ASN A 91 4.73 -11.84 -7.42
N THR A 92 3.58 -12.26 -7.93
CA THR A 92 3.50 -12.85 -9.26
C THR A 92 3.14 -11.81 -10.30
N VAL A 93 3.42 -10.54 -10.01
CA VAL A 93 3.11 -9.45 -10.92
C VAL A 93 4.33 -9.10 -11.78
N ARG A 94 4.07 -8.73 -13.03
CA ARG A 94 5.14 -8.37 -13.95
C ARG A 94 5.68 -6.98 -13.64
N PHE A 95 6.77 -6.62 -14.30
CA PHE A 95 7.39 -5.31 -14.10
C PHE A 95 6.61 -4.22 -14.82
N ALA A 1 18.92 1.17 -2.10
CA ALA A 1 18.75 1.38 -0.67
C ALA A 1 17.27 1.40 -0.30
N LEU A 2 16.82 0.35 0.36
CA LEU A 2 15.42 0.24 0.77
C LEU A 2 15.28 -0.68 1.97
N SER A 3 14.28 -0.42 2.81
CA SER A 3 14.04 -1.22 4.00
C SER A 3 12.56 -1.22 4.37
N CYS A 4 11.98 -2.40 4.52
CA CYS A 4 10.58 -2.54 4.87
C CYS A 4 10.24 -1.70 6.10
N GLY A 5 11.20 -1.61 7.02
CA GLY A 5 10.99 -0.84 8.24
C GLY A 5 10.61 0.59 7.95
N THR A 6 10.97 1.08 6.77
CA THR A 6 10.66 2.45 6.38
C THR A 6 9.49 2.49 5.40
N VAL A 7 9.25 1.38 4.72
CA VAL A 7 8.16 1.30 3.76
C VAL A 7 6.80 1.49 4.44
N SER A 8 6.66 0.92 5.64
CA SER A 8 5.42 1.03 6.39
C SER A 8 5.09 2.48 6.70
N ALA A 9 6.11 3.34 6.60
CA ALA A 9 5.93 4.77 6.86
C ALA A 9 4.84 5.36 5.96
N ASP A 10 4.58 4.70 4.84
CA ASP A 10 3.58 5.15 3.89
C ASP A 10 2.18 4.76 4.36
N LEU A 11 2.08 3.59 4.99
CA LEU A 11 0.80 3.09 5.48
C LEU A 11 0.44 3.75 6.81
N ALA A 12 1.41 4.40 7.43
CA ALA A 12 1.19 5.07 8.70
C ALA A 12 -0.04 5.96 8.66
N PRO A 13 -0.03 6.95 7.75
CA PRO A 13 -1.13 7.89 7.57
C PRO A 13 -2.37 7.22 6.97
N CYS A 14 -2.21 5.97 6.54
CA CYS A 14 -3.31 5.22 5.94
C CYS A 14 -4.00 4.34 6.97
N VAL A 15 -3.41 4.28 8.17
CA VAL A 15 -3.96 3.47 9.25
C VAL A 15 -5.41 3.87 9.55
N THR A 16 -5.60 5.09 10.03
CA THR A 16 -6.94 5.59 10.34
C THR A 16 -7.91 5.34 9.19
N TYR A 17 -7.47 5.64 7.98
CA TYR A 17 -8.29 5.44 6.79
C TYR A 17 -8.72 3.98 6.65
N LEU A 18 -7.80 3.08 6.95
CA LEU A 18 -8.07 1.65 6.85
C LEU A 18 -9.02 1.21 7.96
N GLN A 19 -8.88 1.81 9.13
CA GLN A 19 -9.73 1.48 10.28
C GLN A 19 -11.05 2.22 10.20
N ALA A 20 -11.21 3.04 9.16
CA ALA A 20 -12.43 3.80 8.97
C ALA A 20 -13.49 2.97 8.25
N PRO A 21 -14.75 3.43 8.32
CA PRO A 21 -15.88 2.74 7.68
C PRO A 21 -15.83 2.85 6.16
N ASN A 22 -16.93 2.50 5.51
CA ASN A 22 -17.02 2.56 4.06
C ASN A 22 -16.82 3.99 3.56
N ASN A 23 -16.98 4.95 4.46
CA ASN A 23 -16.81 6.36 4.12
C ASN A 23 -15.39 6.82 4.41
N ALA A 24 -14.45 5.89 4.36
CA ALA A 24 -13.05 6.21 4.62
C ALA A 24 -12.39 6.81 3.39
N SER A 25 -11.54 7.81 3.61
CA SER A 25 -10.84 8.49 2.52
C SER A 25 -9.34 8.57 2.80
N PRO A 26 -8.53 8.44 1.73
CA PRO A 26 -7.07 8.50 1.84
C PRO A 26 -6.56 9.93 1.90
N PRO A 27 -6.00 10.32 3.06
CA PRO A 27 -5.45 11.66 3.27
C PRO A 27 -4.25 11.95 2.37
N PRO A 28 -4.01 13.23 2.10
CA PRO A 28 -2.89 13.68 1.26
C PRO A 28 -1.61 12.89 1.54
N PRO A 29 -1.20 12.88 2.81
CA PRO A 29 0.01 12.16 3.23
C PRO A 29 -0.04 10.67 2.91
N CYS A 30 -1.25 10.10 2.97
CA CYS A 30 -1.43 8.68 2.68
C CYS A 30 -1.31 8.42 1.19
N CYS A 31 -2.02 9.20 0.38
CA CYS A 31 -2.00 9.05 -1.06
C CYS A 31 -0.56 9.14 -1.59
N ALA A 32 0.18 10.12 -1.09
CA ALA A 32 1.56 10.33 -1.51
C ALA A 32 2.36 9.03 -1.42
N GLY A 33 2.11 8.27 -0.35
CA GLY A 33 2.82 7.02 -0.17
C GLY A 33 2.82 6.16 -1.41
N VAL A 34 1.65 5.97 -2.01
CA VAL A 34 1.52 5.17 -3.22
C VAL A 34 2.52 5.61 -4.29
N LYS A 35 2.60 6.92 -4.51
CA LYS A 35 3.51 7.48 -5.49
C LYS A 35 4.96 7.32 -5.04
N LYS A 36 5.17 7.27 -3.73
CA LYS A 36 6.50 7.12 -3.17
C LYS A 36 7.18 5.87 -3.71
N LEU A 37 6.37 4.91 -4.14
CA LEU A 37 6.89 3.65 -4.68
C LEU A 37 7.96 3.91 -5.73
N LEU A 38 7.81 5.00 -6.46
CA LEU A 38 8.77 5.38 -7.50
C LEU A 38 10.17 5.50 -6.92
N ALA A 39 10.30 6.28 -5.86
CA ALA A 39 11.59 6.48 -5.21
C ALA A 39 11.87 5.39 -4.18
N ALA A 40 10.88 4.51 -3.97
CA ALA A 40 11.02 3.42 -3.03
C ALA A 40 12.08 2.42 -3.49
N ALA A 41 11.75 1.64 -4.51
CA ALA A 41 12.67 0.65 -5.04
C ALA A 41 13.77 1.31 -5.87
N THR A 42 14.82 0.55 -6.17
CA THR A 42 15.93 1.06 -6.95
C THR A 42 15.95 0.45 -8.35
N THR A 43 15.71 -0.85 -8.43
CA THR A 43 15.70 -1.55 -9.70
C THR A 43 14.28 -1.80 -10.18
N THR A 44 14.14 -2.47 -11.32
CA THR A 44 12.84 -2.77 -11.88
C THR A 44 12.10 -3.79 -11.03
N PRO A 45 12.72 -4.98 -10.84
CA PRO A 45 12.14 -6.06 -10.05
C PRO A 45 12.10 -5.72 -8.56
N ASP A 46 12.92 -4.77 -8.15
CA ASP A 46 12.99 -4.36 -6.75
C ASP A 46 11.66 -3.75 -6.30
N ARG A 47 10.90 -3.25 -7.27
CA ARG A 47 9.61 -2.63 -6.98
C ARG A 47 8.69 -3.61 -6.25
N GLN A 48 8.81 -4.89 -6.59
CA GLN A 48 7.99 -5.92 -5.97
C GLN A 48 8.24 -6.00 -4.47
N ALA A 49 9.51 -5.85 -4.09
CA ALA A 49 9.89 -5.90 -2.69
C ALA A 49 9.01 -4.99 -1.85
N ALA A 50 8.63 -3.86 -2.42
CA ALA A 50 7.77 -2.90 -1.72
C ALA A 50 6.41 -3.50 -1.40
N CYS A 51 5.79 -4.11 -2.41
CA CYS A 51 4.47 -4.73 -2.24
C CYS A 51 4.55 -5.90 -1.26
N ASN A 52 5.76 -6.36 -1.00
CA ASN A 52 5.97 -7.47 -0.08
C ASN A 52 5.98 -7.00 1.37
N CYS A 53 6.51 -5.79 1.58
CA CYS A 53 6.59 -5.22 2.91
C CYS A 53 5.19 -4.94 3.47
N LEU A 54 4.31 -4.43 2.62
CA LEU A 54 2.94 -4.12 3.04
C LEU A 54 2.23 -5.37 3.54
N LYS A 55 2.74 -6.53 3.15
CA LYS A 55 2.16 -7.80 3.57
C LYS A 55 2.42 -8.05 5.05
N SER A 56 3.64 -7.76 5.49
CA SER A 56 4.02 -7.96 6.89
C SER A 56 3.28 -6.99 7.79
N ALA A 57 3.35 -5.71 7.46
CA ALA A 57 2.69 -4.68 8.25
C ALA A 57 1.17 -4.88 8.25
N ALA A 58 0.64 -5.39 7.14
CA ALA A 58 -0.79 -5.63 7.02
C ALA A 58 -1.28 -6.55 8.13
N GLY A 59 -0.44 -7.49 8.52
CA GLY A 59 -0.81 -8.43 9.58
C GLY A 59 -0.65 -7.83 10.96
N SER A 60 -0.43 -6.53 11.03
CA SER A 60 -0.26 -5.84 12.30
C SER A 60 -1.21 -4.66 12.41
N ILE A 61 -2.20 -4.62 11.52
CA ILE A 61 -3.18 -3.54 11.52
C ILE A 61 -4.48 -3.99 12.17
N PRO A 62 -4.88 -3.29 13.24
CA PRO A 62 -6.11 -3.60 13.98
C PRO A 62 -7.37 -3.27 13.17
N LYS A 63 -8.21 -4.27 12.97
CA LYS A 63 -9.44 -4.09 12.21
C LYS A 63 -9.15 -3.77 10.75
N LEU A 64 -8.01 -4.24 10.27
CA LEU A 64 -7.61 -4.01 8.88
C LEU A 64 -8.75 -4.35 7.92
N ASN A 65 -9.29 -3.32 7.28
CA ASN A 65 -10.39 -3.52 6.33
C ASN A 65 -9.85 -3.72 4.93
N THR A 66 -9.64 -4.98 4.55
CA THR A 66 -9.13 -5.31 3.22
C THR A 66 -9.96 -4.63 2.13
N ASN A 67 -11.26 -4.47 2.40
CA ASN A 67 -12.15 -3.84 1.43
C ASN A 67 -11.74 -2.41 1.17
N ASN A 68 -11.32 -1.71 2.22
CA ASN A 68 -10.89 -0.32 2.09
C ASN A 68 -9.60 -0.21 1.30
N ALA A 69 -8.80 -1.28 1.34
CA ALA A 69 -7.53 -1.31 0.61
C ALA A 69 -7.75 -1.21 -0.89
N ALA A 70 -8.94 -1.61 -1.34
CA ALA A 70 -9.27 -1.57 -2.75
C ALA A 70 -9.58 -0.15 -3.20
N ALA A 71 -10.14 0.64 -2.29
CA ALA A 71 -10.49 2.03 -2.58
C ALA A 71 -9.29 2.95 -2.38
N LEU A 72 -8.27 2.45 -1.70
CA LEU A 72 -7.07 3.24 -1.42
C LEU A 72 -6.56 3.90 -2.70
N PRO A 73 -6.27 3.08 -3.71
CA PRO A 73 -5.76 3.57 -5.01
C PRO A 73 -6.84 4.33 -5.80
N GLY A 74 -8.01 3.72 -5.93
CA GLY A 74 -9.10 4.34 -6.65
C GLY A 74 -9.39 5.75 -6.16
N LYS A 75 -9.76 5.86 -4.89
CA LYS A 75 -10.08 7.16 -4.30
C LYS A 75 -8.91 8.12 -4.46
N CYS A 76 -7.71 7.57 -4.58
CA CYS A 76 -6.51 8.39 -4.73
C CYS A 76 -6.37 8.86 -6.18
N GLY A 77 -6.88 8.07 -7.11
CA GLY A 77 -6.80 8.42 -8.51
C GLY A 77 -5.58 7.84 -9.19
N VAL A 78 -4.88 6.95 -8.48
CA VAL A 78 -3.68 6.33 -9.01
C VAL A 78 -3.99 4.95 -9.61
N SER A 79 -3.34 4.64 -10.72
CA SER A 79 -3.56 3.36 -11.39
C SER A 79 -2.41 2.40 -11.12
N ILE A 80 -2.73 1.12 -11.02
CA ILE A 80 -1.72 0.10 -10.76
C ILE A 80 -2.12 -1.25 -11.34
N PRO A 81 -1.13 -2.11 -11.60
CA PRO A 81 -1.37 -3.44 -12.16
C PRO A 81 -2.04 -4.38 -11.16
N TYR A 82 -1.90 -4.07 -9.88
CA TYR A 82 -2.49 -4.89 -8.83
C TYR A 82 -2.74 -4.06 -7.57
N LYS A 83 -3.75 -4.44 -6.81
CA LYS A 83 -4.10 -3.74 -5.58
C LYS A 83 -3.27 -4.24 -4.41
N ILE A 84 -3.51 -3.70 -3.22
CA ILE A 84 -2.79 -4.11 -2.03
C ILE A 84 -3.68 -4.92 -1.09
N SER A 85 -3.48 -6.23 -1.10
CA SER A 85 -4.26 -7.12 -0.26
C SER A 85 -3.45 -8.35 0.15
N THR A 86 -3.60 -8.76 1.41
CA THR A 86 -2.86 -9.92 1.92
C THR A 86 -3.29 -11.19 1.21
N SER A 87 -4.52 -11.20 0.70
CA SER A 87 -5.05 -12.36 -0.01
C SER A 87 -4.64 -12.34 -1.48
N THR A 88 -4.29 -11.15 -1.98
CA THR A 88 -3.88 -11.00 -3.36
C THR A 88 -2.42 -11.39 -3.55
N ASN A 89 -2.15 -12.11 -4.64
CA ASN A 89 -0.79 -12.56 -4.93
C ASN A 89 -0.05 -11.52 -5.77
N CYS A 90 0.68 -10.64 -5.11
CA CYS A 90 1.43 -9.60 -5.78
C CYS A 90 2.52 -10.20 -6.67
N ASN A 91 2.81 -11.48 -6.44
CA ASN A 91 3.82 -12.17 -7.22
C ASN A 91 3.42 -12.29 -8.69
N THR A 92 2.14 -12.03 -8.96
CA THR A 92 1.62 -12.09 -10.31
C THR A 92 1.86 -10.79 -11.06
N VAL A 93 2.56 -9.86 -10.41
CA VAL A 93 2.86 -8.57 -11.03
C VAL A 93 4.07 -8.67 -11.96
N ARG A 94 4.01 -7.93 -13.06
CA ARG A 94 5.08 -7.94 -14.04
C ARG A 94 6.28 -7.14 -13.53
N PHE A 95 7.34 -7.10 -14.33
CA PHE A 95 8.55 -6.37 -13.97
C PHE A 95 8.35 -4.86 -14.12
N ALA A 1 19.02 1.83 -0.56
CA ALA A 1 18.20 0.66 -0.85
C ALA A 1 16.84 0.76 -0.15
N LEU A 2 15.82 0.21 -0.78
CA LEU A 2 14.47 0.24 -0.23
C LEU A 2 14.26 -0.93 0.73
N SER A 3 13.88 -0.61 1.97
CA SER A 3 13.65 -1.62 2.98
C SER A 3 12.25 -1.48 3.58
N CYS A 4 11.61 -2.61 3.88
CA CYS A 4 10.28 -2.62 4.46
C CYS A 4 10.22 -1.73 5.69
N GLY A 5 11.34 -1.64 6.40
CA GLY A 5 11.40 -0.83 7.60
C GLY A 5 10.90 0.59 7.36
N THR A 6 11.05 1.06 6.13
CA THR A 6 10.63 2.41 5.77
C THR A 6 9.20 2.41 5.24
N VAL A 7 8.81 1.32 4.60
CA VAL A 7 7.46 1.19 4.04
C VAL A 7 6.41 1.43 5.11
N SER A 8 6.63 0.86 6.30
CA SER A 8 5.68 1.01 7.39
C SER A 8 5.35 2.48 7.64
N ALA A 9 6.37 3.33 7.54
CA ALA A 9 6.20 4.77 7.74
C ALA A 9 5.11 5.32 6.83
N ASP A 10 4.95 4.70 5.66
CA ASP A 10 3.95 5.13 4.70
C ASP A 10 2.56 4.62 5.09
N LEU A 11 2.53 3.48 5.77
CA LEU A 11 1.28 2.88 6.20
C LEU A 11 0.72 3.60 7.43
N ALA A 12 1.59 4.34 8.11
CA ALA A 12 1.19 5.08 9.31
C ALA A 12 -0.07 5.90 9.05
N PRO A 13 0.02 6.83 8.08
CA PRO A 13 -1.11 7.70 7.72
C PRO A 13 -2.23 6.93 7.02
N CYS A 14 -1.97 5.67 6.71
CA CYS A 14 -2.95 4.84 6.03
C CYS A 14 -3.63 3.90 7.02
N VAL A 15 -3.16 3.90 8.26
CA VAL A 15 -3.72 3.05 9.30
C VAL A 15 -5.16 3.45 9.62
N THR A 16 -5.36 4.71 9.97
CA THR A 16 -6.69 5.21 10.29
C THR A 16 -7.69 4.85 9.21
N TYR A 17 -7.30 5.04 7.95
CA TYR A 17 -8.16 4.73 6.82
C TYR A 17 -8.44 3.23 6.74
N LEU A 18 -7.39 2.43 6.91
CA LEU A 18 -7.51 0.98 6.86
C LEU A 18 -8.43 0.47 7.96
N GLN A 19 -8.53 1.23 9.05
CA GLN A 19 -9.37 0.86 10.18
C GLN A 19 -10.76 1.46 10.04
N ALA A 20 -10.88 2.45 9.17
CA ALA A 20 -12.16 3.12 8.93
C ALA A 20 -13.00 2.36 7.92
N PRO A 21 -14.31 2.66 7.88
CA PRO A 21 -15.24 2.02 6.96
C PRO A 21 -15.02 2.44 5.52
N ASN A 22 -15.73 1.80 4.59
CA ASN A 22 -15.60 2.11 3.18
C ASN A 22 -16.07 3.53 2.88
N ASN A 23 -16.79 4.11 3.83
CA ASN A 23 -17.32 5.46 3.68
C ASN A 23 -16.21 6.50 3.90
N ALA A 24 -15.19 6.11 4.65
CA ALA A 24 -14.07 7.00 4.93
C ALA A 24 -13.08 7.02 3.77
N SER A 25 -12.24 8.06 3.73
CA SER A 25 -11.26 8.20 2.67
C SER A 25 -9.85 8.36 3.25
N PRO A 26 -8.83 8.11 2.41
CA PRO A 26 -7.42 8.21 2.82
C PRO A 26 -6.93 9.65 2.82
N PRO A 27 -5.94 9.93 3.69
CA PRO A 27 -5.36 11.28 3.81
C PRO A 27 -4.34 11.56 2.71
N PRO A 28 -4.26 12.83 2.29
CA PRO A 28 -3.33 13.27 1.24
C PRO A 28 -1.95 12.65 1.41
N PRO A 29 -1.37 12.80 2.61
CA PRO A 29 -0.05 12.25 2.91
C PRO A 29 0.04 10.75 2.66
N CYS A 30 -1.06 10.05 2.91
CA CYS A 30 -1.11 8.61 2.71
C CYS A 30 -1.13 8.26 1.23
N CYS A 31 -2.04 8.89 0.49
CA CYS A 31 -2.17 8.65 -0.95
C CYS A 31 -0.83 8.89 -1.65
N ALA A 32 -0.16 9.97 -1.28
CA ALA A 32 1.13 10.31 -1.87
C ALA A 32 2.08 9.12 -1.83
N GLY A 33 2.12 8.43 -0.69
CA GLY A 33 2.99 7.28 -0.55
C GLY A 33 2.86 6.29 -1.70
N VAL A 34 1.61 5.99 -2.07
CA VAL A 34 1.35 5.06 -3.16
C VAL A 34 2.13 5.44 -4.41
N LYS A 35 2.09 6.72 -4.76
CA LYS A 35 2.79 7.21 -5.93
C LYS A 35 4.30 7.24 -5.70
N LYS A 36 4.69 7.26 -4.43
CA LYS A 36 6.10 7.29 -4.07
C LYS A 36 6.80 6.00 -4.49
N LEU A 37 6.00 4.96 -4.74
CA LEU A 37 6.56 3.67 -5.16
C LEU A 37 7.51 3.85 -6.33
N LEU A 38 7.26 4.84 -7.17
CA LEU A 38 8.10 5.11 -8.32
C LEU A 38 9.54 5.36 -7.90
N ALA A 39 9.72 6.28 -6.96
CA ALA A 39 11.06 6.60 -6.45
C ALA A 39 11.47 5.65 -5.34
N ALA A 40 10.56 4.76 -4.96
CA ALA A 40 10.83 3.79 -3.90
C ALA A 40 11.92 2.82 -4.32
N ALA A 41 11.58 1.90 -5.21
CA ALA A 41 12.54 0.91 -5.68
C ALA A 41 13.50 1.52 -6.69
N THR A 42 14.45 0.71 -7.17
CA THR A 42 15.42 1.17 -8.15
C THR A 42 15.41 0.30 -9.40
N THR A 43 15.24 -1.01 -9.20
CA THR A 43 15.21 -1.96 -10.31
C THR A 43 13.78 -2.37 -10.63
N THR A 44 13.63 -3.26 -11.61
CA THR A 44 12.32 -3.74 -12.02
C THR A 44 11.70 -4.62 -10.94
N PRO A 45 12.42 -5.69 -10.57
CA PRO A 45 11.96 -6.63 -9.54
C PRO A 45 11.97 -6.01 -8.14
N ASP A 46 12.78 -4.98 -7.96
CA ASP A 46 12.88 -4.30 -6.68
C ASP A 46 11.56 -3.66 -6.30
N ARG A 47 10.80 -3.22 -7.31
CA ARG A 47 9.51 -2.58 -7.07
C ARG A 47 8.55 -3.54 -6.37
N GLN A 48 8.64 -4.82 -6.74
CA GLN A 48 7.77 -5.84 -6.14
C GLN A 48 7.96 -5.91 -4.63
N ALA A 49 9.21 -5.72 -4.20
CA ALA A 49 9.53 -5.76 -2.78
C ALA A 49 8.58 -4.89 -1.97
N ALA A 50 8.23 -3.73 -2.53
CA ALA A 50 7.32 -2.81 -1.87
C ALA A 50 5.95 -3.44 -1.65
N CYS A 51 5.41 -4.03 -2.72
CA CYS A 51 4.09 -4.67 -2.65
C CYS A 51 4.12 -5.86 -1.71
N ASN A 52 5.32 -6.31 -1.36
CA ASN A 52 5.48 -7.45 -0.46
C ASN A 52 5.44 -7.00 1.00
N CYS A 53 5.95 -5.82 1.26
CA CYS A 53 5.97 -5.27 2.61
C CYS A 53 4.55 -4.99 3.10
N LEU A 54 3.73 -4.43 2.23
CA LEU A 54 2.35 -4.12 2.59
C LEU A 54 1.63 -5.35 3.12
N LYS A 55 2.09 -6.52 2.71
CA LYS A 55 1.50 -7.77 3.15
C LYS A 55 1.90 -8.10 4.58
N SER A 56 3.18 -7.92 4.89
CA SER A 56 3.69 -8.20 6.22
C SER A 56 2.96 -7.36 7.26
N ALA A 57 3.14 -6.05 7.19
CA ALA A 57 2.49 -5.14 8.13
C ALA A 57 0.98 -5.38 8.18
N ALA A 58 0.41 -5.72 7.03
CA ALA A 58 -1.02 -5.98 6.95
C ALA A 58 -1.45 -7.05 7.95
N GLY A 59 -0.56 -8.00 8.21
CA GLY A 59 -0.86 -9.07 9.14
C GLY A 59 -0.67 -8.64 10.59
N SER A 60 -0.48 -7.34 10.80
CA SER A 60 -0.28 -6.81 12.13
C SER A 60 -1.17 -5.60 12.38
N ILE A 61 -2.15 -5.41 11.50
CA ILE A 61 -3.09 -4.29 11.62
C ILE A 61 -4.40 -4.74 12.24
N PRO A 62 -4.79 -4.08 13.35
CA PRO A 62 -6.03 -4.39 14.05
C PRO A 62 -7.28 -4.00 13.25
N LYS A 63 -8.14 -4.96 13.00
CA LYS A 63 -9.36 -4.72 12.24
C LYS A 63 -9.05 -4.27 10.82
N LEU A 64 -7.91 -4.70 10.31
CA LEU A 64 -7.49 -4.34 8.95
C LEU A 64 -8.62 -4.53 7.96
N ASN A 65 -8.89 -3.51 7.16
CA ASN A 65 -9.96 -3.57 6.16
C ASN A 65 -9.38 -3.63 4.75
N THR A 66 -9.07 -4.84 4.30
CA THR A 66 -8.50 -5.04 2.97
C THR A 66 -9.35 -4.35 1.91
N ASN A 67 -10.65 -4.26 2.17
CA ASN A 67 -11.56 -3.62 1.23
C ASN A 67 -11.21 -2.15 1.03
N ASN A 68 -10.88 -1.47 2.13
CA ASN A 68 -10.51 -0.06 2.06
C ASN A 68 -9.22 0.14 1.29
N ALA A 69 -8.37 -0.88 1.29
CA ALA A 69 -7.10 -0.82 0.58
C ALA A 69 -7.32 -0.65 -0.92
N ALA A 70 -8.41 -1.22 -1.42
CA ALA A 70 -8.73 -1.13 -2.85
C ALA A 70 -9.29 0.24 -3.19
N ALA A 71 -9.90 0.89 -2.21
CA ALA A 71 -10.48 2.21 -2.42
C ALA A 71 -9.43 3.30 -2.21
N LEU A 72 -8.31 2.93 -1.61
CA LEU A 72 -7.23 3.88 -1.36
C LEU A 72 -6.82 4.59 -2.64
N PRO A 73 -6.50 3.80 -3.68
CA PRO A 73 -6.09 4.33 -4.99
C PRO A 73 -7.24 5.02 -5.72
N GLY A 74 -8.36 4.33 -5.83
CA GLY A 74 -9.51 4.90 -6.51
C GLY A 74 -9.95 6.22 -5.91
N LYS A 75 -9.97 6.28 -4.59
CA LYS A 75 -10.37 7.50 -3.88
C LYS A 75 -9.54 8.70 -4.35
N CYS A 76 -8.27 8.45 -4.63
CA CYS A 76 -7.38 9.51 -5.09
C CYS A 76 -7.24 9.50 -6.61
N GLY A 77 -8.12 8.74 -7.27
CA GLY A 77 -8.09 8.66 -8.71
C GLY A 77 -6.72 8.32 -9.25
N VAL A 78 -6.00 7.44 -8.54
CA VAL A 78 -4.67 7.03 -8.95
C VAL A 78 -4.64 5.56 -9.36
N SER A 79 -3.80 5.23 -10.34
CA SER A 79 -3.68 3.86 -10.81
C SER A 79 -2.31 3.29 -10.49
N ILE A 80 -2.29 2.09 -9.94
CA ILE A 80 -1.03 1.43 -9.59
C ILE A 80 -0.97 0.02 -10.18
N PRO A 81 0.26 -0.51 -10.29
CA PRO A 81 0.49 -1.85 -10.83
C PRO A 81 -0.01 -2.95 -9.89
N TYR A 82 -0.29 -2.57 -8.65
CA TYR A 82 -0.77 -3.52 -7.65
C TYR A 82 -1.55 -2.81 -6.56
N LYS A 83 -2.60 -3.46 -6.07
CA LYS A 83 -3.43 -2.90 -5.02
C LYS A 83 -2.83 -3.17 -3.64
N ILE A 84 -3.47 -2.65 -2.60
CA ILE A 84 -3.00 -2.84 -1.23
C ILE A 84 -3.87 -3.85 -0.50
N SER A 85 -4.49 -4.75 -1.25
CA SER A 85 -5.35 -5.78 -0.67
C SER A 85 -4.62 -7.11 -0.56
N THR A 86 -4.97 -7.89 0.47
CA THR A 86 -4.34 -9.18 0.68
C THR A 86 -4.78 -10.20 -0.37
N SER A 87 -5.97 -9.99 -0.91
CA SER A 87 -6.52 -10.89 -1.93
C SER A 87 -6.01 -10.51 -3.32
N THR A 88 -5.18 -9.47 -3.37
CA THR A 88 -4.62 -9.00 -4.64
C THR A 88 -3.67 -10.03 -5.23
N ASN A 89 -3.63 -10.10 -6.56
CA ASN A 89 -2.75 -11.04 -7.25
C ASN A 89 -1.40 -10.39 -7.56
N CYS A 90 -0.89 -9.61 -6.63
CA CYS A 90 0.39 -8.94 -6.81
C CYS A 90 1.54 -9.94 -6.77
N ASN A 91 1.31 -11.08 -6.12
CA ASN A 91 2.32 -12.13 -6.01
C ASN A 91 2.66 -12.70 -7.39
N THR A 92 1.78 -12.46 -8.35
CA THR A 92 1.99 -12.96 -9.70
C THR A 92 2.64 -11.91 -10.59
N VAL A 93 2.49 -10.65 -10.20
CA VAL A 93 3.07 -9.54 -10.96
C VAL A 93 4.57 -9.74 -11.16
N ARG A 94 4.94 -10.19 -12.36
CA ARG A 94 6.34 -10.43 -12.69
C ARG A 94 6.99 -9.16 -13.26
N PHE A 95 8.19 -8.85 -12.78
CA PHE A 95 8.90 -7.67 -13.24
C PHE A 95 8.01 -6.44 -13.21
N ALA A 1 18.46 2.43 -0.63
CA ALA A 1 17.85 1.12 -0.85
C ALA A 1 16.46 1.07 -0.22
N LEU A 2 15.60 0.23 -0.78
CA LEU A 2 14.24 0.08 -0.28
C LEU A 2 14.19 -0.93 0.86
N SER A 3 13.68 -0.51 2.01
CA SER A 3 13.57 -1.38 3.17
C SER A 3 12.23 -1.20 3.86
N CYS A 4 11.64 -2.32 4.28
CA CYS A 4 10.34 -2.30 4.96
C CYS A 4 10.36 -1.31 6.12
N GLY A 5 11.52 -1.15 6.74
CA GLY A 5 11.65 -0.24 7.86
C GLY A 5 11.14 1.15 7.54
N THR A 6 11.17 1.51 6.26
CA THR A 6 10.72 2.83 5.81
C THR A 6 9.31 2.75 5.25
N VAL A 7 8.94 1.58 4.73
CA VAL A 7 7.62 1.38 4.16
C VAL A 7 6.53 1.64 5.19
N SER A 8 6.69 1.06 6.38
CA SER A 8 5.72 1.24 7.45
C SER A 8 5.58 2.72 7.83
N ALA A 9 6.63 3.49 7.56
CA ALA A 9 6.64 4.91 7.88
C ALA A 9 5.45 5.62 7.24
N ASP A 10 5.27 5.39 5.94
CA ASP A 10 4.16 6.01 5.20
C ASP A 10 2.85 5.32 5.54
N LEU A 11 2.93 4.11 6.08
CA LEU A 11 1.73 3.36 6.44
C LEU A 11 1.10 3.92 7.70
N ALA A 12 1.90 4.59 8.53
CA ALA A 12 1.41 5.19 9.76
C ALA A 12 0.16 6.02 9.52
N PRO A 13 0.28 7.05 8.66
CA PRO A 13 -0.82 7.95 8.32
C PRO A 13 -1.88 7.25 7.47
N CYS A 14 -1.58 6.02 7.05
CA CYS A 14 -2.51 5.26 6.22
C CYS A 14 -3.28 4.25 7.07
N VAL A 15 -2.86 4.08 8.32
CA VAL A 15 -3.51 3.16 9.23
C VAL A 15 -4.93 3.61 9.54
N THR A 16 -5.09 4.90 9.85
CA THR A 16 -6.39 5.45 10.18
C THR A 16 -7.43 5.07 9.13
N TYR A 17 -7.05 5.21 7.86
CA TYR A 17 -7.95 4.89 6.75
C TYR A 17 -8.20 3.38 6.67
N LEU A 18 -7.13 2.61 6.87
CA LEU A 18 -7.23 1.16 6.83
C LEU A 18 -8.14 0.64 7.93
N GLN A 19 -8.28 1.42 8.99
CA GLN A 19 -9.14 1.03 10.11
C GLN A 19 -10.55 1.58 9.94
N ALA A 20 -10.70 2.55 9.06
CA ALA A 20 -12.00 3.16 8.79
C ALA A 20 -12.78 2.36 7.76
N PRO A 21 -14.10 2.59 7.69
CA PRO A 21 -14.98 1.90 6.74
C PRO A 21 -14.74 2.33 5.30
N ASN A 22 -15.36 1.63 4.37
CA ASN A 22 -15.21 1.94 2.94
C ASN A 22 -15.79 3.32 2.63
N ASN A 23 -16.58 3.85 3.56
CA ASN A 23 -17.19 5.17 3.37
C ASN A 23 -16.19 6.28 3.66
N ALA A 24 -15.13 5.95 4.39
CA ALA A 24 -14.10 6.91 4.73
C ALA A 24 -13.13 7.12 3.58
N SER A 25 -12.38 8.21 3.62
CA SER A 25 -11.42 8.53 2.57
C SER A 25 -10.00 8.59 3.14
N PRO A 26 -9.00 8.42 2.26
CA PRO A 26 -7.59 8.45 2.64
C PRO A 26 -7.07 9.88 2.79
N PRO A 27 -5.99 10.04 3.58
CA PRO A 27 -5.37 11.34 3.82
C PRO A 27 -4.41 11.73 2.70
N PRO A 28 -4.48 13.00 2.27
CA PRO A 28 -3.62 13.53 1.20
C PRO A 28 -2.15 13.21 1.44
N PRO A 29 -1.69 13.40 2.68
CA PRO A 29 -0.30 13.14 3.06
C PRO A 29 0.05 11.65 3.01
N CYS A 30 -0.95 10.81 3.24
CA CYS A 30 -0.76 9.37 3.21
C CYS A 30 -0.57 8.86 1.80
N CYS A 31 -1.54 9.13 0.93
CA CYS A 31 -1.48 8.72 -0.46
C CYS A 31 -0.15 9.11 -1.09
N ALA A 32 0.26 10.36 -0.87
CA ALA A 32 1.51 10.86 -1.41
C ALA A 32 2.67 9.92 -1.08
N GLY A 33 2.76 9.52 0.18
CA GLY A 33 3.82 8.64 0.61
C GLY A 33 3.94 7.41 -0.29
N VAL A 34 2.81 6.83 -0.64
CA VAL A 34 2.79 5.65 -1.50
C VAL A 34 3.50 5.92 -2.82
N LYS A 35 3.17 7.04 -3.44
CA LYS A 35 3.78 7.41 -4.71
C LYS A 35 5.27 7.72 -4.53
N LYS A 36 5.64 8.13 -3.32
CA LYS A 36 7.03 8.45 -3.01
C LYS A 36 7.89 7.20 -2.99
N LEU A 37 7.27 6.07 -2.64
CA LEU A 37 7.99 4.80 -2.58
C LEU A 37 8.53 4.42 -3.96
N LEU A 38 8.01 5.04 -4.99
CA LEU A 38 8.45 4.76 -6.36
C LEU A 38 9.95 4.96 -6.50
N ALA A 39 10.49 5.91 -5.74
CA ALA A 39 11.92 6.19 -5.78
C ALA A 39 12.69 5.26 -4.84
N ALA A 40 11.96 4.60 -3.95
CA ALA A 40 12.57 3.68 -2.99
C ALA A 40 13.18 2.48 -3.70
N ALA A 41 12.49 1.98 -4.72
CA ALA A 41 12.97 0.83 -5.48
C ALA A 41 14.10 1.24 -6.42
N THR A 42 14.83 0.24 -6.92
CA THR A 42 15.94 0.48 -7.83
C THR A 42 15.78 -0.29 -9.13
N THR A 43 15.49 -1.59 -9.00
CA THR A 43 15.31 -2.43 -10.18
C THR A 43 13.83 -2.59 -10.52
N THR A 44 13.55 -3.37 -11.56
CA THR A 44 12.17 -3.60 -12.00
C THR A 44 11.41 -4.40 -10.96
N PRO A 45 11.91 -5.60 -10.63
CA PRO A 45 11.29 -6.49 -9.65
C PRO A 45 11.40 -5.95 -8.23
N ASP A 46 12.37 -5.09 -8.00
CA ASP A 46 12.57 -4.49 -6.69
C ASP A 46 11.37 -3.65 -6.27
N ARG A 47 10.70 -3.06 -7.27
CA ARG A 47 9.53 -2.22 -7.01
C ARG A 47 8.40 -3.04 -6.40
N GLN A 48 8.27 -4.29 -6.84
CA GLN A 48 7.24 -5.17 -6.34
C GLN A 48 7.38 -5.40 -4.84
N ALA A 49 8.63 -5.39 -4.37
CA ALA A 49 8.91 -5.59 -2.95
C ALA A 49 8.04 -4.69 -2.08
N ALA A 50 7.82 -3.46 -2.54
CA ALA A 50 7.00 -2.49 -1.81
C ALA A 50 5.60 -3.05 -1.57
N CYS A 51 4.97 -3.54 -2.62
CA CYS A 51 3.62 -4.09 -2.52
C CYS A 51 3.60 -5.31 -1.59
N ASN A 52 4.74 -5.97 -1.47
CA ASN A 52 4.86 -7.15 -0.62
C ASN A 52 4.93 -6.75 0.86
N CYS A 53 5.55 -5.60 1.12
CA CYS A 53 5.66 -5.11 2.49
C CYS A 53 4.31 -4.72 3.05
N LEU A 54 3.46 -4.13 2.21
CA LEU A 54 2.13 -3.72 2.62
C LEU A 54 1.33 -4.91 3.15
N LYS A 55 1.72 -6.10 2.74
CA LYS A 55 1.05 -7.32 3.18
C LYS A 55 1.41 -7.66 4.62
N SER A 56 2.68 -7.48 4.96
CA SER A 56 3.16 -7.77 6.31
C SER A 56 2.54 -6.81 7.32
N ALA A 57 2.85 -5.53 7.17
CA ALA A 57 2.32 -4.50 8.07
C ALA A 57 0.80 -4.59 8.17
N ALA A 58 0.17 -5.07 7.10
CA ALA A 58 -1.28 -5.19 7.07
C ALA A 58 -1.77 -6.20 8.11
N GLY A 59 -0.98 -7.25 8.32
CA GLY A 59 -1.34 -8.28 9.28
C GLY A 59 -1.02 -7.87 10.70
N SER A 60 -0.68 -6.60 10.90
CA SER A 60 -0.35 -6.08 12.22
C SER A 60 -1.18 -4.85 12.55
N ILE A 61 -2.22 -4.62 11.75
CA ILE A 61 -3.10 -3.47 11.95
C ILE A 61 -4.38 -3.89 12.66
N PRO A 62 -4.72 -3.17 13.73
CA PRO A 62 -5.93 -3.44 14.52
C PRO A 62 -7.21 -3.09 13.76
N LYS A 63 -8.07 -4.09 13.57
CA LYS A 63 -9.33 -3.89 12.87
C LYS A 63 -9.08 -3.55 11.39
N LEU A 64 -7.97 -4.04 10.86
CA LEU A 64 -7.61 -3.81 9.47
C LEU A 64 -8.80 -4.08 8.55
N ASN A 65 -9.01 -3.19 7.59
CA ASN A 65 -10.11 -3.33 6.64
C ASN A 65 -9.59 -3.65 5.24
N THR A 66 -9.44 -4.95 4.94
CA THR A 66 -8.94 -5.38 3.65
C THR A 66 -9.74 -4.72 2.52
N ASN A 67 -11.01 -4.46 2.76
CA ASN A 67 -11.87 -3.84 1.76
C ASN A 67 -11.36 -2.45 1.39
N ASN A 68 -10.93 -1.70 2.40
CA ASN A 68 -10.41 -0.36 2.18
C ASN A 68 -9.10 -0.39 1.41
N ALA A 69 -8.36 -1.48 1.54
CA ALA A 69 -7.09 -1.64 0.86
C ALA A 69 -7.28 -1.63 -0.65
N ALA A 70 -8.46 -2.06 -1.10
CA ALA A 70 -8.76 -2.09 -2.53
C ALA A 70 -9.06 -0.69 -3.06
N ALA A 71 -9.63 0.15 -2.21
CA ALA A 71 -9.96 1.51 -2.59
C ALA A 71 -8.77 2.45 -2.38
N LEU A 72 -7.73 1.94 -1.72
CA LEU A 72 -6.53 2.72 -1.46
C LEU A 72 -6.04 3.43 -2.73
N PRO A 73 -5.87 2.65 -3.80
CA PRO A 73 -5.41 3.19 -5.09
C PRO A 73 -6.47 4.06 -5.76
N GLY A 74 -7.69 3.53 -5.86
CA GLY A 74 -8.77 4.27 -6.48
C GLY A 74 -8.94 5.65 -5.88
N LYS A 75 -8.95 5.73 -4.55
CA LYS A 75 -9.11 6.99 -3.85
C LYS A 75 -7.89 7.89 -4.06
N CYS A 76 -6.73 7.27 -4.23
CA CYS A 76 -5.49 8.00 -4.44
C CYS A 76 -5.46 8.64 -5.83
N GLY A 77 -6.32 8.15 -6.72
CA GLY A 77 -6.37 8.67 -8.07
C GLY A 77 -5.26 8.14 -8.94
N VAL A 78 -4.79 6.94 -8.63
CA VAL A 78 -3.70 6.32 -9.40
C VAL A 78 -4.18 5.05 -10.08
N SER A 79 -3.26 4.38 -10.77
CA SER A 79 -3.59 3.14 -11.47
C SER A 79 -2.41 2.18 -11.46
N ILE A 80 -2.70 0.89 -11.32
CA ILE A 80 -1.67 -0.13 -11.29
C ILE A 80 -2.12 -1.40 -12.00
N PRO A 81 -1.16 -2.20 -12.47
CA PRO A 81 -1.43 -3.45 -13.17
C PRO A 81 -2.00 -4.53 -12.24
N TYR A 82 -1.99 -4.24 -10.94
CA TYR A 82 -2.50 -5.18 -9.95
C TYR A 82 -3.43 -4.48 -8.97
N LYS A 83 -3.81 -5.18 -7.91
CA LYS A 83 -4.69 -4.63 -6.90
C LYS A 83 -4.13 -4.85 -5.50
N ILE A 84 -4.39 -3.91 -4.59
CA ILE A 84 -3.91 -4.00 -3.23
C ILE A 84 -4.91 -4.71 -2.33
N SER A 85 -4.78 -6.03 -2.25
CA SER A 85 -5.69 -6.84 -1.43
C SER A 85 -4.97 -8.09 -0.90
N THR A 86 -5.45 -8.60 0.23
CA THR A 86 -4.86 -9.78 0.84
C THR A 86 -5.07 -11.01 -0.03
N SER A 87 -6.10 -10.97 -0.86
CA SER A 87 -6.41 -12.08 -1.75
C SER A 87 -5.71 -11.93 -3.10
N THR A 88 -5.24 -10.71 -3.37
CA THR A 88 -4.56 -10.43 -4.63
C THR A 88 -3.10 -10.88 -4.58
N ASN A 89 -2.68 -11.62 -5.60
CA ASN A 89 -1.31 -12.10 -5.67
C ASN A 89 -0.40 -11.10 -6.37
N CYS A 90 0.13 -10.15 -5.61
CA CYS A 90 1.01 -9.14 -6.16
C CYS A 90 2.27 -9.77 -6.77
N ASN A 91 2.53 -11.02 -6.39
CA ASN A 91 3.69 -11.74 -6.89
C ASN A 91 3.53 -12.06 -8.38
N THR A 92 2.32 -11.86 -8.89
CA THR A 92 2.03 -12.13 -10.29
C THR A 92 2.40 -10.94 -11.17
N VAL A 93 2.61 -9.80 -10.53
CA VAL A 93 2.96 -8.58 -11.26
C VAL A 93 4.20 -8.79 -12.12
N ARG A 94 4.01 -8.79 -13.43
CA ARG A 94 5.11 -8.98 -14.37
C ARG A 94 5.98 -7.74 -14.47
N PHE A 95 7.24 -7.85 -14.05
CA PHE A 95 8.16 -6.74 -14.09
C PHE A 95 7.54 -5.49 -13.45
N ALA A 1 18.13 -0.19 -2.51
CA ALA A 1 18.30 -0.28 -1.06
C ALA A 1 17.00 0.04 -0.34
N LEU A 2 15.88 -0.40 -0.91
CA LEU A 2 14.57 -0.16 -0.32
C LEU A 2 14.24 -1.23 0.70
N SER A 3 13.94 -0.81 1.92
CA SER A 3 13.60 -1.74 2.99
C SER A 3 12.19 -1.47 3.52
N CYS A 4 11.44 -2.55 3.78
CA CYS A 4 10.08 -2.43 4.30
C CYS A 4 10.04 -1.51 5.52
N GLY A 5 11.13 -1.50 6.29
CA GLY A 5 11.19 -0.67 7.47
C GLY A 5 10.86 0.77 7.19
N THR A 6 11.11 1.20 5.95
CA THR A 6 10.84 2.57 5.55
C THR A 6 9.47 2.69 4.88
N VAL A 7 9.02 1.61 4.25
CA VAL A 7 7.73 1.59 3.58
C VAL A 7 6.60 1.84 4.56
N SER A 8 6.68 1.19 5.72
CA SER A 8 5.65 1.33 6.75
C SER A 8 5.41 2.80 7.08
N ALA A 9 6.44 3.62 6.91
CA ALA A 9 6.35 5.05 7.18
C ALA A 9 5.20 5.68 6.40
N ASP A 10 4.96 5.17 5.20
CA ASP A 10 3.89 5.68 4.36
C ASP A 10 2.54 5.11 4.78
N LEU A 11 2.57 3.93 5.40
CA LEU A 11 1.35 3.28 5.85
C LEU A 11 0.85 3.91 7.16
N ALA A 12 1.72 4.65 7.82
CA ALA A 12 1.35 5.32 9.06
C ALA A 12 0.06 6.12 8.91
N PRO A 13 0.09 7.10 8.00
CA PRO A 13 -1.07 7.96 7.72
C PRO A 13 -2.20 7.21 7.04
N CYS A 14 -1.93 5.97 6.64
CA CYS A 14 -2.93 5.15 5.96
C CYS A 14 -3.62 4.23 6.95
N VAL A 15 -2.99 4.01 8.10
CA VAL A 15 -3.56 3.15 9.13
C VAL A 15 -4.94 3.62 9.55
N THR A 16 -5.03 4.88 9.95
CA THR A 16 -6.31 5.46 10.37
C THR A 16 -7.39 5.23 9.33
N TYR A 17 -7.03 5.42 8.06
CA TYR A 17 -7.97 5.23 6.97
C TYR A 17 -8.35 3.76 6.81
N LEU A 18 -7.35 2.89 6.92
CA LEU A 18 -7.58 1.46 6.79
C LEU A 18 -8.47 0.94 7.92
N GLN A 19 -8.50 1.68 9.02
CA GLN A 19 -9.31 1.31 10.18
C GLN A 19 -10.71 1.94 10.09
N ALA A 20 -10.84 2.97 9.25
CA ALA A 20 -12.12 3.64 9.08
C ALA A 20 -12.98 2.93 8.04
N PRO A 21 -14.29 3.25 8.04
CA PRO A 21 -15.24 2.66 7.11
C PRO A 21 -15.03 3.13 5.68
N ASN A 22 -15.77 2.55 4.74
CA ASN A 22 -15.66 2.92 3.34
C ASN A 22 -16.07 4.38 3.13
N ASN A 23 -16.79 4.93 4.10
CA ASN A 23 -17.25 6.31 4.01
C ASN A 23 -16.07 7.28 4.13
N ALA A 24 -15.00 6.83 4.79
CA ALA A 24 -13.81 7.65 4.96
C ALA A 24 -12.94 7.62 3.71
N SER A 25 -12.04 8.59 3.60
CA SER A 25 -11.14 8.68 2.46
C SER A 25 -9.69 8.79 2.91
N PRO A 26 -8.76 8.52 1.98
CA PRO A 26 -7.32 8.58 2.25
C PRO A 26 -6.81 10.01 2.32
N PRO A 27 -5.96 10.28 3.32
CA PRO A 27 -5.36 11.61 3.52
C PRO A 27 -4.24 11.90 2.55
N PRO A 28 -4.06 13.19 2.19
CA PRO A 28 -3.01 13.62 1.28
C PRO A 28 -1.68 12.93 1.55
N PRO A 29 -1.22 13.00 2.80
CA PRO A 29 0.05 12.39 3.22
C PRO A 29 0.09 10.89 2.92
N CYS A 30 -1.07 10.24 3.03
CA CYS A 30 -1.16 8.81 2.79
C CYS A 30 -1.06 8.50 1.29
N CYS A 31 -1.82 9.24 0.49
CA CYS A 31 -1.83 9.05 -0.95
C CYS A 31 -0.41 9.22 -1.52
N ALA A 32 0.31 10.22 -1.00
CA ALA A 32 1.66 10.49 -1.46
C ALA A 32 2.53 9.24 -1.37
N GLY A 33 2.37 8.48 -0.28
CA GLY A 33 3.15 7.27 -0.10
C GLY A 33 3.11 6.37 -1.31
N VAL A 34 1.91 6.19 -1.88
CA VAL A 34 1.75 5.34 -3.05
C VAL A 34 2.64 5.80 -4.20
N LYS A 35 2.68 7.11 -4.42
CA LYS A 35 3.49 7.68 -5.48
C LYS A 35 4.98 7.58 -5.15
N LYS A 36 5.29 7.57 -3.86
CA LYS A 36 6.67 7.47 -3.40
C LYS A 36 7.28 6.14 -3.83
N LEU A 37 6.44 5.14 -4.02
CA LEU A 37 6.91 3.82 -4.43
C LEU A 37 7.87 3.92 -5.60
N LEU A 38 7.67 4.91 -6.47
CA LEU A 38 8.53 5.12 -7.62
C LEU A 38 9.97 5.35 -7.18
N ALA A 39 10.17 6.31 -6.29
CA ALA A 39 11.49 6.63 -5.79
C ALA A 39 11.88 5.72 -4.62
N ALA A 40 10.99 4.79 -4.28
CA ALA A 40 11.24 3.87 -3.20
C ALA A 40 12.40 2.93 -3.52
N ALA A 41 12.16 1.99 -4.43
CA ALA A 41 13.19 1.04 -4.82
C ALA A 41 14.22 1.70 -5.75
N THR A 42 15.21 0.92 -6.16
CA THR A 42 16.26 1.42 -7.04
C THR A 42 16.40 0.56 -8.29
N THR A 43 16.26 -0.75 -8.11
CA THR A 43 16.36 -1.69 -9.22
C THR A 43 14.99 -2.07 -9.75
N THR A 44 14.98 -2.95 -10.75
CA THR A 44 13.73 -3.41 -11.34
C THR A 44 12.92 -4.26 -10.36
N PRO A 45 13.54 -5.35 -9.88
CA PRO A 45 12.90 -6.26 -8.93
C PRO A 45 12.73 -5.64 -7.55
N ASP A 46 13.54 -4.63 -7.26
CA ASP A 46 13.48 -3.95 -5.97
C ASP A 46 12.13 -3.25 -5.80
N ARG A 47 11.55 -2.80 -6.90
CA ARG A 47 10.25 -2.13 -6.87
C ARG A 47 9.15 -3.07 -6.39
N GLN A 48 9.27 -4.34 -6.75
CA GLN A 48 8.29 -5.35 -6.36
C GLN A 48 8.24 -5.50 -4.85
N ALA A 49 9.39 -5.30 -4.20
CA ALA A 49 9.48 -5.42 -2.75
C ALA A 49 8.39 -4.61 -2.06
N ALA A 50 8.04 -3.47 -2.66
CA ALA A 50 7.00 -2.60 -2.10
C ALA A 50 5.69 -3.36 -1.94
N CYS A 51 5.25 -4.00 -3.01
CA CYS A 51 4.00 -4.76 -2.99
C CYS A 51 4.06 -5.88 -1.97
N ASN A 52 5.28 -6.35 -1.68
CA ASN A 52 5.48 -7.43 -0.72
C ASN A 52 5.34 -6.91 0.71
N CYS A 53 5.78 -5.67 0.93
CA CYS A 53 5.70 -5.06 2.25
C CYS A 53 4.24 -4.89 2.69
N LEU A 54 3.42 -4.41 1.77
CA LEU A 54 2.00 -4.19 2.06
C LEU A 54 1.35 -5.48 2.56
N LYS A 55 1.94 -6.61 2.21
CA LYS A 55 1.41 -7.90 2.63
C LYS A 55 1.74 -8.17 4.09
N SER A 56 2.96 -7.86 4.50
CA SER A 56 3.39 -8.06 5.87
C SER A 56 2.77 -7.04 6.80
N ALA A 57 2.89 -5.77 6.43
CA ALA A 57 2.33 -4.67 7.22
C ALA A 57 0.83 -4.84 7.39
N ALA A 58 0.19 -5.50 6.43
CA ALA A 58 -1.24 -5.72 6.48
C ALA A 58 -1.62 -6.72 7.57
N GLY A 59 -0.76 -7.73 7.75
CA GLY A 59 -1.02 -8.74 8.76
C GLY A 59 -0.74 -8.24 10.16
N SER A 60 -0.38 -6.97 10.28
CA SER A 60 -0.09 -6.37 11.57
C SER A 60 -1.09 -5.26 11.90
N ILE A 61 -2.11 -5.13 11.07
CA ILE A 61 -3.13 -4.12 11.27
C ILE A 61 -4.39 -4.71 11.92
N PRO A 62 -4.69 -4.28 13.14
CA PRO A 62 -5.86 -4.75 13.89
C PRO A 62 -7.17 -4.27 13.28
N LYS A 63 -8.03 -5.22 12.90
CA LYS A 63 -9.32 -4.90 12.31
C LYS A 63 -9.14 -4.25 10.93
N LEU A 64 -8.05 -4.61 10.26
CA LEU A 64 -7.77 -4.07 8.93
C LEU A 64 -8.98 -4.17 8.03
N ASN A 65 -9.33 -3.06 7.40
CA ASN A 65 -10.48 -3.02 6.49
C ASN A 65 -10.05 -3.26 5.05
N THR A 66 -9.96 -4.53 4.67
CA THR A 66 -9.55 -4.89 3.31
C THR A 66 -10.40 -4.15 2.28
N ASN A 67 -11.64 -3.86 2.63
CA ASN A 67 -12.55 -3.17 1.72
C ASN A 67 -12.02 -1.77 1.40
N ASN A 68 -11.49 -1.09 2.41
CA ASN A 68 -10.94 0.25 2.23
C ASN A 68 -9.69 0.22 1.36
N ALA A 69 -8.98 -0.90 1.39
CA ALA A 69 -7.77 -1.06 0.60
C ALA A 69 -8.07 -0.97 -0.88
N ALA A 70 -9.29 -1.31 -1.27
CA ALA A 70 -9.71 -1.26 -2.67
C ALA A 70 -9.95 0.17 -3.12
N ALA A 71 -10.42 1.01 -2.20
CA ALA A 71 -10.70 2.41 -2.50
C ALA A 71 -9.44 3.26 -2.33
N LEU A 72 -8.43 2.69 -1.71
CA LEU A 72 -7.16 3.40 -1.48
C LEU A 72 -6.64 3.99 -2.79
N PRO A 73 -6.52 3.14 -3.81
CA PRO A 73 -6.04 3.56 -5.13
C PRO A 73 -7.02 4.47 -5.86
N GLY A 74 -8.28 4.03 -5.93
CA GLY A 74 -9.30 4.81 -6.60
C GLY A 74 -9.42 6.20 -6.04
N LYS A 75 -9.65 6.31 -4.74
CA LYS A 75 -9.79 7.60 -4.08
C LYS A 75 -8.53 8.44 -4.26
N CYS A 76 -7.41 7.76 -4.51
CA CYS A 76 -6.14 8.45 -4.70
C CYS A 76 -5.97 8.89 -6.15
N GLY A 77 -6.66 8.20 -7.06
CA GLY A 77 -6.58 8.53 -8.46
C GLY A 77 -5.45 7.80 -9.16
N VAL A 78 -4.80 6.89 -8.45
CA VAL A 78 -3.69 6.13 -9.00
C VAL A 78 -4.17 4.76 -9.50
N SER A 79 -3.60 4.31 -10.61
CA SER A 79 -3.98 3.02 -11.19
C SER A 79 -2.77 2.09 -11.25
N ILE A 80 -2.86 0.96 -10.57
CA ILE A 80 -1.78 -0.02 -10.54
C ILE A 80 -2.24 -1.37 -11.07
N PRO A 81 -1.29 -2.17 -11.56
CA PRO A 81 -1.57 -3.50 -12.10
C PRO A 81 -1.99 -4.49 -11.02
N TYR A 82 -1.80 -4.10 -9.76
CA TYR A 82 -2.15 -4.95 -8.64
C TYR A 82 -2.97 -4.18 -7.60
N LYS A 83 -3.30 -4.85 -6.50
CA LYS A 83 -4.07 -4.23 -5.43
C LYS A 83 -3.46 -4.53 -4.07
N ILE A 84 -4.18 -4.18 -3.01
CA ILE A 84 -3.72 -4.42 -1.66
C ILE A 84 -4.66 -5.35 -0.90
N SER A 85 -4.48 -6.65 -1.12
CA SER A 85 -5.32 -7.66 -0.46
C SER A 85 -4.53 -8.93 -0.19
N THR A 86 -4.88 -9.63 0.88
CA THR A 86 -4.21 -10.86 1.26
C THR A 86 -4.53 -11.98 0.28
N SER A 87 -5.65 -11.85 -0.41
CA SER A 87 -6.08 -12.86 -1.39
C SER A 87 -5.42 -12.63 -2.74
N THR A 88 -4.84 -11.43 -2.91
CA THR A 88 -4.18 -11.09 -4.16
C THR A 88 -2.81 -11.76 -4.26
N ASN A 89 -2.49 -12.27 -5.45
CA ASN A 89 -1.22 -12.94 -5.68
C ASN A 89 -0.16 -11.94 -6.14
N CYS A 90 0.42 -11.22 -5.18
CA CYS A 90 1.45 -10.24 -5.49
C CYS A 90 2.64 -10.88 -6.20
N ASN A 91 2.77 -12.19 -6.02
CA ASN A 91 3.86 -12.94 -6.64
C ASN A 91 3.69 -12.99 -8.16
N THR A 92 2.45 -12.85 -8.61
CA THR A 92 2.15 -12.88 -10.04
C THR A 92 2.13 -11.47 -10.62
N VAL A 93 2.78 -10.54 -9.94
CA VAL A 93 2.84 -9.16 -10.40
C VAL A 93 4.11 -8.89 -11.20
N ARG A 94 3.99 -8.06 -12.23
CA ARG A 94 5.13 -7.73 -13.08
C ARG A 94 6.02 -6.68 -12.42
N PHE A 95 7.01 -6.20 -13.16
CA PHE A 95 7.93 -5.19 -12.64
C PHE A 95 7.33 -3.80 -12.77
N ALA A 1 19.28 1.06 -2.42
CA ALA A 1 18.58 -0.06 -1.82
C ALA A 1 17.22 0.36 -1.29
N LEU A 2 16.57 -0.54 -0.56
CA LEU A 2 15.26 -0.25 0.01
C LEU A 2 15.01 -1.11 1.25
N SER A 3 14.26 -0.56 2.20
CA SER A 3 13.95 -1.26 3.44
C SER A 3 12.45 -1.18 3.76
N CYS A 4 11.85 -2.32 4.07
CA CYS A 4 10.43 -2.37 4.39
C CYS A 4 10.10 -1.41 5.52
N GLY A 5 11.04 -1.22 6.44
CA GLY A 5 10.83 -0.33 7.56
C GLY A 5 10.37 1.05 7.11
N THR A 6 10.76 1.44 5.90
CA THR A 6 10.39 2.74 5.36
C THR A 6 9.05 2.68 4.65
N VAL A 7 8.78 1.55 4.00
CA VAL A 7 7.53 1.36 3.28
C VAL A 7 6.33 1.43 4.23
N SER A 8 6.44 0.76 5.37
CA SER A 8 5.38 0.74 6.36
C SER A 8 5.02 2.16 6.80
N ALA A 9 5.97 3.08 6.65
CA ALA A 9 5.76 4.47 7.02
C ALA A 9 4.63 5.09 6.21
N ASP A 10 4.28 4.45 5.10
CA ASP A 10 3.22 4.94 4.23
C ASP A 10 1.85 4.56 4.78
N LEU A 11 1.76 3.37 5.38
CA LEU A 11 0.51 2.89 5.94
C LEU A 11 0.23 3.56 7.29
N ALA A 12 1.28 4.02 7.95
CA ALA A 12 1.15 4.69 9.24
C ALA A 12 0.07 5.76 9.19
N PRO A 13 0.26 6.74 8.30
CA PRO A 13 -0.69 7.85 8.13
C PRO A 13 -2.01 7.41 7.51
N CYS A 14 -2.06 6.14 7.11
CA CYS A 14 -3.26 5.59 6.50
C CYS A 14 -3.84 4.46 7.36
N VAL A 15 -3.40 4.40 8.61
CA VAL A 15 -3.88 3.35 9.52
C VAL A 15 -5.36 3.52 9.82
N THR A 16 -5.73 4.68 10.37
CA THR A 16 -7.11 4.97 10.70
C THR A 16 -8.03 4.71 9.51
N TYR A 17 -7.60 5.16 8.33
CA TYR A 17 -8.38 4.99 7.11
C TYR A 17 -8.59 3.51 6.81
N LEU A 18 -7.52 2.73 6.94
CA LEU A 18 -7.58 1.30 6.68
C LEU A 18 -8.64 0.63 7.54
N GLN A 19 -8.78 1.10 8.77
CA GLN A 19 -9.76 0.55 9.71
C GLN A 19 -11.08 1.31 9.61
N ALA A 20 -11.10 2.34 8.77
CA ALA A 20 -12.31 3.15 8.59
C ALA A 20 -13.24 2.52 7.56
N PRO A 21 -14.50 2.96 7.55
CA PRO A 21 -15.52 2.46 6.61
C PRO A 21 -15.25 2.89 5.18
N ASN A 22 -16.01 2.34 4.25
CA ASN A 22 -15.86 2.67 2.84
C ASN A 22 -16.23 4.13 2.58
N ASN A 23 -16.95 4.72 3.52
CA ASN A 23 -17.37 6.12 3.40
C ASN A 23 -16.24 7.06 3.75
N ALA A 24 -15.23 6.54 4.45
CA ALA A 24 -14.08 7.33 4.85
C ALA A 24 -13.08 7.47 3.71
N SER A 25 -12.29 8.55 3.74
CA SER A 25 -11.31 8.80 2.70
C SER A 25 -9.91 8.91 3.29
N PRO A 26 -8.89 8.69 2.45
CA PRO A 26 -7.49 8.77 2.87
C PRO A 26 -6.97 10.20 2.93
N PRO A 27 -5.87 10.40 3.66
CA PRO A 27 -5.24 11.73 3.81
C PRO A 27 -4.33 12.07 2.63
N PRO A 28 -4.46 13.30 2.12
CA PRO A 28 -3.66 13.78 0.99
C PRO A 28 -2.17 13.52 1.20
N PRO A 29 -1.67 13.81 2.41
CA PRO A 29 -0.26 13.63 2.76
C PRO A 29 0.14 12.15 2.74
N CYS A 30 -0.81 11.28 3.05
CA CYS A 30 -0.55 9.85 3.07
C CYS A 30 -0.41 9.29 1.65
N CYS A 31 -1.40 9.58 0.81
CA CYS A 31 -1.39 9.13 -0.57
C CYS A 31 -0.07 9.49 -1.25
N ALA A 32 0.41 10.70 -0.99
CA ALA A 32 1.66 11.16 -1.59
C ALA A 32 2.78 10.15 -1.36
N GLY A 33 2.92 9.70 -0.12
CA GLY A 33 3.96 8.74 0.21
C GLY A 33 3.93 7.53 -0.71
N VAL A 34 2.74 7.03 -1.00
CA VAL A 34 2.59 5.87 -1.87
C VAL A 34 3.30 6.09 -3.21
N LYS A 35 3.11 7.26 -3.79
CA LYS A 35 3.72 7.59 -5.06
C LYS A 35 5.23 7.79 -4.90
N LYS A 36 5.67 8.03 -3.67
CA LYS A 36 7.08 8.22 -3.38
C LYS A 36 7.87 6.94 -3.65
N LEU A 37 7.19 5.81 -3.59
CA LEU A 37 7.83 4.52 -3.84
C LEU A 37 8.62 4.54 -5.15
N LEU A 38 8.16 5.35 -6.09
CA LEU A 38 8.82 5.47 -7.39
C LEU A 38 10.31 5.76 -7.21
N ALA A 39 10.61 6.81 -6.45
CA ALA A 39 12.01 7.19 -6.20
C ALA A 39 12.58 6.41 -5.03
N ALA A 40 11.81 5.46 -4.51
CA ALA A 40 12.25 4.63 -3.39
C ALA A 40 13.01 3.40 -3.88
N ALA A 41 12.51 2.79 -4.95
CA ALA A 41 13.14 1.60 -5.52
C ALA A 41 14.41 1.97 -6.28
N THR A 42 15.43 1.13 -6.16
CA THR A 42 16.70 1.36 -6.84
C THR A 42 16.76 0.59 -8.15
N THR A 43 16.57 -0.72 -8.07
CA THR A 43 16.62 -1.57 -9.27
C THR A 43 15.20 -1.81 -9.81
N THR A 44 15.13 -2.58 -10.89
CA THR A 44 13.85 -2.90 -11.51
C THR A 44 13.00 -3.78 -10.60
N PRO A 45 13.55 -4.94 -10.23
CA PRO A 45 12.85 -5.90 -9.36
C PRO A 45 12.72 -5.39 -7.92
N ASP A 46 13.51 -4.38 -7.59
CA ASP A 46 13.48 -3.80 -6.26
C ASP A 46 12.11 -3.17 -5.97
N ARG A 47 11.47 -2.65 -7.01
CA ARG A 47 10.17 -2.03 -6.86
C ARG A 47 9.15 -3.03 -6.34
N GLN A 48 9.29 -4.29 -6.73
CA GLN A 48 8.38 -5.33 -6.30
C GLN A 48 8.43 -5.51 -4.78
N ALA A 49 9.63 -5.39 -4.22
CA ALA A 49 9.81 -5.52 -2.78
C ALA A 49 8.78 -4.71 -2.00
N ALA A 50 8.40 -3.57 -2.56
CA ALA A 50 7.42 -2.70 -1.92
C ALA A 50 6.09 -3.43 -1.72
N CYS A 51 5.54 -3.96 -2.81
CA CYS A 51 4.27 -4.68 -2.77
C CYS A 51 4.34 -5.83 -1.77
N ASN A 52 5.56 -6.32 -1.52
CA ASN A 52 5.76 -7.41 -0.58
C ASN A 52 5.65 -6.93 0.86
N CYS A 53 6.30 -5.81 1.15
CA CYS A 53 6.27 -5.24 2.49
C CYS A 53 4.84 -4.98 2.95
N LEU A 54 4.02 -4.44 2.04
CA LEU A 54 2.63 -4.14 2.35
C LEU A 54 1.91 -5.38 2.87
N LYS A 55 2.19 -6.52 2.25
CA LYS A 55 1.57 -7.78 2.67
C LYS A 55 1.85 -8.07 4.13
N SER A 56 3.10 -7.85 4.54
CA SER A 56 3.50 -8.09 5.92
C SER A 56 2.97 -7.00 6.84
N ALA A 57 3.33 -5.76 6.54
CA ALA A 57 2.90 -4.62 7.35
C ALA A 57 1.38 -4.61 7.49
N ALA A 58 0.69 -5.18 6.52
CA ALA A 58 -0.77 -5.24 6.54
C ALA A 58 -1.27 -5.93 7.79
N GLY A 59 -0.51 -6.90 8.27
CA GLY A 59 -0.89 -7.63 9.47
C GLY A 59 -0.59 -6.87 10.75
N SER A 60 -0.21 -5.60 10.59
CA SER A 60 0.12 -4.77 11.74
C SER A 60 -0.91 -3.67 11.94
N ILE A 61 -1.98 -3.73 11.15
CA ILE A 61 -3.05 -2.75 11.24
C ILE A 61 -4.25 -3.30 12.02
N PRO A 62 -4.61 -2.60 13.09
CA PRO A 62 -5.74 -3.01 13.95
C PRO A 62 -7.08 -2.82 13.25
N LYS A 63 -7.82 -3.92 13.10
CA LYS A 63 -9.12 -3.89 12.46
C LYS A 63 -8.99 -3.55 10.98
N LEU A 64 -7.85 -3.91 10.39
CA LEU A 64 -7.61 -3.64 8.98
C LEU A 64 -8.80 -4.05 8.12
N ASN A 65 -9.30 -3.11 7.32
CA ASN A 65 -10.45 -3.37 6.46
C ASN A 65 -9.99 -3.61 5.02
N THR A 66 -9.92 -4.87 4.63
CA THR A 66 -9.50 -5.24 3.28
C THR A 66 -10.29 -4.47 2.23
N ASN A 67 -11.56 -4.19 2.54
CA ASN A 67 -12.42 -3.45 1.62
C ASN A 67 -11.87 -2.05 1.36
N ASN A 68 -11.39 -1.40 2.42
CA ASN A 68 -10.83 -0.06 2.30
C ASN A 68 -9.52 -0.08 1.52
N ALA A 69 -8.83 -1.21 1.57
CA ALA A 69 -7.56 -1.36 0.86
C ALA A 69 -7.75 -1.23 -0.65
N ALA A 70 -8.96 -1.54 -1.11
CA ALA A 70 -9.28 -1.46 -2.54
C ALA A 70 -9.46 -0.01 -2.97
N ALA A 71 -9.97 0.82 -2.07
CA ALA A 71 -10.20 2.22 -2.37
C ALA A 71 -8.93 3.05 -2.11
N LEU A 72 -7.98 2.46 -1.42
CA LEU A 72 -6.73 3.13 -1.10
C LEU A 72 -6.10 3.73 -2.36
N PRO A 73 -5.84 2.86 -3.36
CA PRO A 73 -5.24 3.28 -4.62
C PRO A 73 -6.20 4.12 -5.47
N GLY A 74 -7.41 3.61 -5.65
CA GLY A 74 -8.40 4.31 -6.43
C GLY A 74 -8.60 5.74 -5.98
N LYS A 75 -8.70 5.94 -4.67
CA LYS A 75 -8.89 7.26 -4.10
C LYS A 75 -7.63 8.11 -4.27
N CYS A 76 -6.48 7.45 -4.25
CA CYS A 76 -5.20 8.14 -4.39
C CYS A 76 -5.00 8.61 -5.83
N GLY A 77 -5.84 8.12 -6.74
CA GLY A 77 -5.73 8.50 -8.13
C GLY A 77 -4.74 7.65 -8.89
N VAL A 78 -4.20 6.63 -8.23
CA VAL A 78 -3.23 5.75 -8.86
C VAL A 78 -3.88 4.42 -9.26
N SER A 79 -3.54 3.94 -10.45
CA SER A 79 -4.09 2.70 -10.96
C SER A 79 -3.00 1.64 -11.09
N ILE A 80 -3.26 0.46 -10.53
CA ILE A 80 -2.30 -0.64 -10.58
C ILE A 80 -2.89 -1.85 -11.30
N PRO A 81 -2.01 -2.70 -11.86
CA PRO A 81 -2.41 -3.91 -12.57
C PRO A 81 -3.02 -4.96 -11.65
N TYR A 82 -2.92 -4.72 -10.35
CA TYR A 82 -3.44 -5.65 -9.36
C TYR A 82 -4.16 -4.91 -8.24
N LYS A 83 -4.50 -5.63 -7.17
CA LYS A 83 -5.19 -5.05 -6.04
C LYS A 83 -4.44 -5.35 -4.74
N ILE A 84 -4.77 -4.61 -3.69
CA ILE A 84 -4.14 -4.80 -2.38
C ILE A 84 -4.99 -5.69 -1.48
N SER A 85 -4.68 -6.99 -1.50
CA SER A 85 -5.42 -7.95 -0.69
C SER A 85 -4.52 -9.12 -0.29
N THR A 86 -4.81 -9.72 0.87
CA THR A 86 -4.02 -10.84 1.37
C THR A 86 -4.16 -12.05 0.44
N SER A 87 -5.20 -12.06 -0.37
CA SER A 87 -5.44 -13.15 -1.30
C SER A 87 -4.79 -12.89 -2.65
N THR A 88 -4.57 -11.60 -2.95
CA THR A 88 -3.94 -11.21 -4.20
C THR A 88 -2.52 -11.76 -4.31
N ASN A 89 -2.24 -12.43 -5.42
CA ASN A 89 -0.91 -13.00 -5.64
C ASN A 89 -0.01 -12.00 -6.36
N CYS A 90 0.64 -11.12 -5.60
CA CYS A 90 1.53 -10.13 -6.17
C CYS A 90 2.65 -10.79 -6.96
N ASN A 91 2.91 -12.06 -6.67
CA ASN A 91 3.96 -12.81 -7.36
C ASN A 91 3.61 -12.97 -8.84
N THR A 92 2.32 -13.02 -9.13
CA THR A 92 1.87 -13.18 -10.51
C THR A 92 1.80 -11.84 -11.23
N VAL A 93 1.79 -10.76 -10.46
CA VAL A 93 1.72 -9.41 -11.02
C VAL A 93 3.09 -8.96 -11.50
N ARG A 94 3.11 -8.02 -12.44
CA ARG A 94 4.35 -7.49 -12.98
C ARG A 94 5.04 -6.57 -11.99
N PHE A 95 6.13 -5.95 -12.42
CA PHE A 95 6.87 -5.04 -11.55
C PHE A 95 6.24 -3.64 -11.55
N ALA A 1 18.24 3.03 -0.19
CA ALA A 1 17.62 1.78 -0.59
C ALA A 1 16.24 1.63 0.05
N LEU A 2 15.39 0.83 -0.58
CA LEU A 2 14.04 0.60 -0.08
C LEU A 2 14.03 -0.53 0.96
N SER A 3 13.53 -0.21 2.16
CA SER A 3 13.47 -1.20 3.23
C SER A 3 12.08 -1.23 3.85
N CYS A 4 11.57 -2.43 4.08
CA CYS A 4 10.24 -2.62 4.67
C CYS A 4 10.11 -1.81 5.96
N GLY A 5 11.18 -1.78 6.74
CA GLY A 5 11.17 -1.05 7.99
C GLY A 5 10.74 0.40 7.81
N THR A 6 10.96 0.94 6.62
CA THR A 6 10.61 2.32 6.32
C THR A 6 9.25 2.39 5.63
N VAL A 7 8.89 1.32 4.93
CA VAL A 7 7.61 1.26 4.22
C VAL A 7 6.45 1.48 5.17
N SER A 8 6.56 0.92 6.37
CA SER A 8 5.51 1.05 7.37
C SER A 8 5.21 2.51 7.66
N ALA A 9 6.25 3.33 7.69
CA ALA A 9 6.10 4.76 7.95
C ALA A 9 5.16 5.40 6.94
N ASP A 10 5.06 4.80 5.76
CA ASP A 10 4.19 5.31 4.71
C ASP A 10 2.74 4.90 4.96
N LEU A 11 2.54 3.73 5.53
CA LEU A 11 1.21 3.22 5.82
C LEU A 11 0.66 3.83 7.10
N ALA A 12 1.53 4.48 7.85
CA ALA A 12 1.14 5.11 9.11
C ALA A 12 -0.10 5.98 8.93
N PRO A 13 0.00 6.99 8.05
CA PRO A 13 -1.10 7.90 7.77
C PRO A 13 -2.23 7.22 6.99
N CYS A 14 -1.99 5.99 6.57
CA CYS A 14 -2.98 5.23 5.82
C CYS A 14 -3.72 4.25 6.73
N VAL A 15 -3.19 4.07 7.94
CA VAL A 15 -3.80 3.15 8.90
C VAL A 15 -5.18 3.64 9.34
N THR A 16 -5.23 4.88 9.81
CA THR A 16 -6.49 5.46 10.26
C THR A 16 -7.58 5.30 9.21
N TYR A 17 -7.22 5.52 7.95
CA TYR A 17 -8.16 5.40 6.85
C TYR A 17 -8.56 3.94 6.63
N LEU A 18 -7.56 3.06 6.65
CA LEU A 18 -7.80 1.63 6.45
C LEU A 18 -8.52 1.02 7.66
N GLN A 19 -8.60 1.81 8.73
CA GLN A 19 -9.26 1.34 9.95
C GLN A 19 -10.73 1.75 9.97
N ALA A 20 -11.06 2.80 9.22
CA ALA A 20 -12.42 3.29 9.14
C ALA A 20 -13.22 2.55 8.08
N PRO A 21 -14.55 2.64 8.15
CA PRO A 21 -15.45 1.98 7.21
C PRO A 21 -15.39 2.60 5.82
N ASN A 22 -16.34 2.23 4.96
CA ASN A 22 -16.39 2.76 3.61
C ASN A 22 -16.50 4.28 3.60
N ASN A 23 -16.92 4.83 4.73
CA ASN A 23 -17.06 6.27 4.87
C ASN A 23 -15.71 6.95 5.03
N ALA A 24 -14.67 6.15 5.10
CA ALA A 24 -13.30 6.66 5.26
C ALA A 24 -12.76 7.17 3.92
N SER A 25 -11.70 7.96 3.98
CA SER A 25 -11.08 8.52 2.79
C SER A 25 -9.57 8.63 2.96
N PRO A 26 -8.84 8.58 1.83
CA PRO A 26 -7.38 8.68 1.82
C PRO A 26 -6.89 10.12 1.94
N PRO A 27 -6.25 10.44 3.08
CA PRO A 27 -5.72 11.78 3.34
C PRO A 27 -4.51 12.11 2.46
N PRO A 28 -4.29 13.41 2.23
CA PRO A 28 -3.16 13.89 1.41
C PRO A 28 -1.88 13.11 1.70
N PRO A 29 -1.48 13.08 2.98
CA PRO A 29 -0.26 12.38 3.41
C PRO A 29 -0.29 10.91 3.04
N CYS A 30 -1.46 10.30 3.08
CA CYS A 30 -1.62 8.89 2.74
C CYS A 30 -1.47 8.66 1.24
N CYS A 31 -2.18 9.48 0.46
CA CYS A 31 -2.13 9.36 -1.00
C CYS A 31 -0.70 9.50 -1.51
N ALA A 32 0.03 10.47 -0.96
CA ALA A 32 1.41 10.69 -1.35
C ALA A 32 2.22 9.40 -1.29
N GLY A 33 1.98 8.60 -0.25
CA GLY A 33 2.69 7.35 -0.10
C GLY A 33 2.71 6.53 -1.38
N VAL A 34 1.55 6.36 -1.99
CA VAL A 34 1.44 5.61 -3.23
C VAL A 34 2.44 6.09 -4.27
N LYS A 35 2.50 7.40 -4.46
CA LYS A 35 3.43 7.99 -5.42
C LYS A 35 4.87 7.83 -4.96
N LYS A 36 5.06 7.76 -3.65
CA LYS A 36 6.40 7.62 -3.08
C LYS A 36 7.10 6.39 -3.67
N LEU A 37 6.31 5.41 -4.12
CA LEU A 37 6.86 4.20 -4.70
C LEU A 37 7.87 4.52 -5.79
N LEU A 38 7.59 5.57 -6.56
CA LEU A 38 8.48 5.99 -7.64
C LEU A 38 9.91 6.15 -7.14
N ALA A 39 10.06 6.88 -6.05
CA ALA A 39 11.39 7.11 -5.47
C ALA A 39 11.77 5.97 -4.53
N ALA A 40 10.79 5.16 -4.15
CA ALA A 40 11.03 4.04 -3.26
C ALA A 40 11.76 2.92 -3.97
N ALA A 41 11.13 2.36 -5.01
CA ALA A 41 11.73 1.28 -5.78
C ALA A 41 12.84 1.81 -6.69
N THR A 42 13.90 1.03 -6.84
CA THR A 42 15.03 1.41 -7.67
C THR A 42 14.95 0.73 -9.03
N THR A 43 14.87 -0.59 -9.04
CA THR A 43 14.80 -1.36 -10.27
C THR A 43 13.35 -1.71 -10.61
N THR A 44 13.16 -2.42 -11.73
CA THR A 44 11.83 -2.82 -12.15
C THR A 44 11.22 -3.82 -11.20
N PRO A 45 11.91 -4.95 -10.99
CA PRO A 45 11.45 -6.02 -10.10
C PRO A 45 11.52 -5.61 -8.63
N ASP A 46 12.34 -4.60 -8.33
CA ASP A 46 12.48 -4.12 -6.97
C ASP A 46 11.18 -3.52 -6.47
N ARG A 47 10.35 -3.03 -7.39
CA ARG A 47 9.07 -2.44 -7.04
C ARG A 47 8.19 -3.45 -6.30
N GLN A 48 8.30 -4.71 -6.67
CA GLN A 48 7.51 -5.77 -6.05
C GLN A 48 7.83 -5.88 -4.56
N ALA A 49 9.09 -5.69 -4.21
CA ALA A 49 9.53 -5.76 -2.83
C ALA A 49 8.61 -4.94 -1.92
N ALA A 50 8.16 -3.79 -2.42
CA ALA A 50 7.28 -2.93 -1.66
C ALA A 50 5.95 -3.61 -1.36
N CYS A 51 5.34 -4.18 -2.39
CA CYS A 51 4.07 -4.87 -2.25
C CYS A 51 4.21 -6.08 -1.34
N ASN A 52 5.45 -6.51 -1.12
CA ASN A 52 5.72 -7.67 -0.28
C ASN A 52 5.77 -7.26 1.20
N CYS A 53 6.27 -6.07 1.47
CA CYS A 53 6.38 -5.57 2.83
C CYS A 53 4.99 -5.40 3.45
N LEU A 54 4.10 -4.73 2.73
CA LEU A 54 2.74 -4.50 3.21
C LEU A 54 2.02 -5.83 3.45
N LYS A 55 2.54 -6.89 2.85
CA LYS A 55 1.95 -8.22 3.00
C LYS A 55 2.28 -8.80 4.37
N SER A 56 3.52 -8.61 4.82
CA SER A 56 3.96 -9.13 6.11
C SER A 56 3.40 -8.28 7.25
N ALA A 57 3.62 -6.97 7.18
CA ALA A 57 3.13 -6.06 8.21
C ALA A 57 1.61 -6.03 8.23
N ALA A 58 0.99 -6.55 7.18
CA ALA A 58 -0.46 -6.59 7.08
C ALA A 58 -1.07 -7.29 8.30
N GLY A 59 -0.36 -8.26 8.84
CA GLY A 59 -0.84 -8.99 10.00
C GLY A 59 -0.60 -8.24 11.29
N SER A 60 -0.22 -6.97 11.18
CA SER A 60 0.05 -6.15 12.36
C SER A 60 -1.00 -5.06 12.50
N ILE A 61 -1.98 -5.05 11.58
CA ILE A 61 -3.04 -4.05 11.61
C ILE A 61 -4.32 -4.63 12.22
N PRO A 62 -4.75 -4.03 13.34
CA PRO A 62 -5.96 -4.46 14.06
C PRO A 62 -7.23 -4.14 13.27
N LYS A 63 -7.95 -5.19 12.88
CA LYS A 63 -9.19 -5.02 12.13
C LYS A 63 -8.91 -4.48 10.73
N LEU A 64 -7.76 -4.84 10.18
CA LEU A 64 -7.38 -4.38 8.85
C LEU A 64 -8.54 -4.49 7.88
N ASN A 65 -8.79 -3.41 7.14
CA ASN A 65 -9.88 -3.39 6.17
C ASN A 65 -9.35 -3.44 4.74
N THR A 66 -8.91 -4.64 4.34
CA THR A 66 -8.37 -4.84 3.00
C THR A 66 -9.30 -4.26 1.94
N ASN A 67 -10.59 -4.22 2.26
CA ASN A 67 -11.59 -3.69 1.33
C ASN A 67 -11.31 -2.22 1.02
N ASN A 68 -10.91 -1.46 2.03
CA ASN A 68 -10.62 -0.05 1.85
C ASN A 68 -9.37 0.14 0.99
N ALA A 69 -8.48 -0.84 1.03
CA ALA A 69 -7.24 -0.78 0.24
C ALA A 69 -7.54 -0.70 -1.25
N ALA A 70 -8.70 -1.24 -1.64
CA ALA A 70 -9.11 -1.23 -3.04
C ALA A 70 -9.50 0.16 -3.50
N ALA A 71 -10.11 0.92 -2.59
CA ALA A 71 -10.55 2.28 -2.90
C ALA A 71 -9.42 3.28 -2.67
N LEU A 72 -8.36 2.83 -2.00
CA LEU A 72 -7.21 3.69 -1.71
C LEU A 72 -6.72 4.36 -2.99
N PRO A 73 -6.46 3.56 -4.03
CA PRO A 73 -5.98 4.06 -5.31
C PRO A 73 -7.04 4.85 -6.07
N GLY A 74 -8.23 4.27 -6.19
CA GLY A 74 -9.32 4.94 -6.88
C GLY A 74 -9.60 6.32 -6.32
N LYS A 75 -9.81 6.39 -5.01
CA LYS A 75 -10.09 7.65 -4.34
C LYS A 75 -8.93 8.63 -4.50
N CYS A 76 -7.74 8.09 -4.68
CA CYS A 76 -6.54 8.91 -4.85
C CYS A 76 -6.41 9.40 -6.28
N GLY A 77 -7.01 8.65 -7.21
CA GLY A 77 -6.95 9.04 -8.61
C GLY A 77 -5.68 8.55 -9.29
N VAL A 78 -5.02 7.58 -8.68
CA VAL A 78 -3.79 7.02 -9.23
C VAL A 78 -4.03 5.66 -9.86
N SER A 79 -3.12 5.24 -10.73
CA SER A 79 -3.24 3.96 -11.41
C SER A 79 -2.04 3.07 -11.10
N ILE A 80 -2.31 1.93 -10.46
CA ILE A 80 -1.26 1.00 -10.11
C ILE A 80 -1.43 -0.34 -10.85
N PRO A 81 -0.32 -1.07 -11.01
CA PRO A 81 -0.32 -2.36 -11.69
C PRO A 81 -1.05 -3.44 -10.89
N TYR A 82 -1.12 -3.25 -9.57
CA TYR A 82 -1.78 -4.20 -8.69
C TYR A 82 -2.28 -3.52 -7.43
N LYS A 83 -3.24 -4.16 -6.77
CA LYS A 83 -3.81 -3.62 -5.53
C LYS A 83 -2.96 -4.00 -4.33
N ILE A 84 -3.49 -3.74 -3.13
CA ILE A 84 -2.78 -4.07 -1.90
C ILE A 84 -3.71 -4.73 -0.89
N SER A 85 -3.76 -6.06 -0.93
CA SER A 85 -4.60 -6.82 -0.03
C SER A 85 -4.00 -8.19 0.27
N THR A 86 -4.49 -8.84 1.31
CA THR A 86 -3.99 -10.15 1.70
C THR A 86 -4.43 -11.22 0.69
N SER A 87 -5.55 -10.99 0.03
CA SER A 87 -6.07 -11.92 -0.96
C SER A 87 -5.69 -11.47 -2.37
N THR A 88 -4.79 -10.51 -2.46
CA THR A 88 -4.35 -9.99 -3.75
C THR A 88 -3.30 -10.90 -4.38
N ASN A 89 -3.32 -10.99 -5.70
CA ASN A 89 -2.37 -11.84 -6.42
C ASN A 89 -1.14 -11.04 -6.84
N CYS A 90 -0.73 -10.11 -5.98
CA CYS A 90 0.44 -9.28 -6.25
C CYS A 90 1.73 -10.09 -6.18
N ASN A 91 1.69 -11.18 -5.42
CA ASN A 91 2.85 -12.04 -5.26
C ASN A 91 3.19 -12.75 -6.56
N THR A 92 2.27 -12.70 -7.52
CA THR A 92 2.46 -13.32 -8.82
C THR A 92 2.96 -12.32 -9.84
N VAL A 93 2.81 -11.04 -9.54
CA VAL A 93 3.25 -9.98 -10.43
C VAL A 93 4.72 -10.14 -10.80
N ARG A 94 5.04 -9.90 -12.07
CA ARG A 94 6.41 -10.02 -12.55
C ARG A 94 6.98 -8.65 -12.91
N PHE A 95 8.29 -8.51 -12.78
CA PHE A 95 8.96 -7.25 -13.10
C PHE A 95 8.28 -6.09 -12.39
N ALA A 1 19.44 -1.45 -0.05
CA ALA A 1 18.22 -2.10 -0.52
C ALA A 1 17.00 -1.58 0.23
N LEU A 2 15.82 -1.82 -0.34
CA LEU A 2 14.57 -1.37 0.28
C LEU A 2 14.07 -2.39 1.30
N SER A 3 13.87 -1.94 2.52
CA SER A 3 13.39 -2.81 3.59
C SER A 3 11.96 -2.46 3.99
N CYS A 4 11.14 -3.48 4.20
CA CYS A 4 9.75 -3.28 4.59
C CYS A 4 9.65 -2.35 5.79
N GLY A 5 10.65 -2.41 6.68
CA GLY A 5 10.64 -1.57 7.85
C GLY A 5 10.45 -0.10 7.52
N THR A 6 10.87 0.29 6.32
CA THR A 6 10.74 1.68 5.88
C THR A 6 9.45 1.89 5.12
N VAL A 7 8.99 0.85 4.42
CA VAL A 7 7.76 0.92 3.65
C VAL A 7 6.56 1.20 4.54
N SER A 8 6.62 0.73 5.78
CA SER A 8 5.55 0.92 6.73
C SER A 8 5.37 2.40 7.05
N ALA A 9 6.47 3.14 7.04
CA ALA A 9 6.44 4.57 7.32
C ALA A 9 5.48 5.29 6.39
N ASP A 10 5.24 4.71 5.22
CA ASP A 10 4.33 5.30 4.24
C ASP A 10 2.88 5.00 4.60
N LEU A 11 2.62 3.80 5.09
CA LEU A 11 1.27 3.39 5.47
C LEU A 11 0.92 3.93 6.85
N ALA A 12 1.91 4.44 7.57
CA ALA A 12 1.69 4.99 8.90
C ALA A 12 0.55 6.01 8.89
N PRO A 13 0.70 7.07 8.09
CA PRO A 13 -0.31 8.13 7.98
C PRO A 13 -1.57 7.65 7.27
N CYS A 14 -1.50 6.43 6.72
CA CYS A 14 -2.64 5.86 6.00
C CYS A 14 -3.47 4.97 6.92
N VAL A 15 -2.92 4.66 8.10
CA VAL A 15 -3.60 3.82 9.07
C VAL A 15 -5.03 4.30 9.31
N THR A 16 -5.20 5.62 9.41
CA THR A 16 -6.51 6.21 9.63
C THR A 16 -7.52 5.73 8.59
N TYR A 17 -7.10 5.73 7.33
CA TYR A 17 -7.96 5.29 6.24
C TYR A 17 -8.14 3.78 6.25
N LEU A 18 -7.08 3.07 6.64
CA LEU A 18 -7.12 1.62 6.69
C LEU A 18 -8.01 1.13 7.83
N GLN A 19 -8.33 2.04 8.75
CA GLN A 19 -9.19 1.70 9.88
C GLN A 19 -10.59 2.29 9.71
N ALA A 20 -10.75 3.11 8.68
CA ALA A 20 -12.04 3.75 8.39
C ALA A 20 -12.93 2.84 7.57
N PRO A 21 -14.24 3.13 7.57
CA PRO A 21 -15.22 2.34 6.83
C PRO A 21 -15.08 2.51 5.33
N ASN A 22 -16.03 1.93 4.58
CA ASN A 22 -16.00 2.01 3.13
C ASN A 22 -16.15 3.45 2.66
N ASN A 23 -16.62 4.32 3.56
CA ASN A 23 -16.80 5.72 3.25
C ASN A 23 -15.59 6.55 3.68
N ALA A 24 -14.43 5.91 3.70
CA ALA A 24 -13.20 6.57 4.09
C ALA A 24 -12.82 7.66 3.09
N SER A 25 -11.86 8.50 3.47
CA SER A 25 -11.42 9.59 2.60
C SER A 25 -9.91 9.76 2.69
N PRO A 26 -9.17 8.95 1.89
CA PRO A 26 -7.70 9.00 1.86
C PRO A 26 -7.17 10.43 1.86
N PRO A 27 -6.68 10.88 3.03
CA PRO A 27 -6.13 12.22 3.18
C PRO A 27 -4.91 12.46 2.29
N PRO A 28 -4.72 13.72 1.88
CA PRO A 28 -3.59 14.12 1.02
C PRO A 28 -2.29 13.45 1.44
N PRO A 29 -1.93 13.61 2.72
CA PRO A 29 -0.70 13.04 3.28
C PRO A 29 -0.63 11.53 3.09
N CYS A 30 -1.78 10.86 3.16
CA CYS A 30 -1.85 9.42 2.99
C CYS A 30 -1.63 9.03 1.53
N CYS A 31 -2.39 9.65 0.64
CA CYS A 31 -2.29 9.37 -0.79
C CYS A 31 -0.86 9.58 -1.28
N ALA A 32 -0.24 10.67 -0.83
CA ALA A 32 1.13 10.99 -1.22
C ALA A 32 2.06 9.81 -0.95
N GLY A 33 1.87 9.16 0.19
CA GLY A 33 2.71 8.03 0.55
C GLY A 33 2.83 7.02 -0.59
N VAL A 34 1.69 6.70 -1.21
CA VAL A 34 1.67 5.74 -2.31
C VAL A 34 2.63 6.16 -3.42
N LYS A 35 2.57 7.44 -3.80
CA LYS A 35 3.43 7.97 -4.85
C LYS A 35 4.89 7.98 -4.40
N LYS A 36 5.11 8.09 -3.10
CA LYS A 36 6.45 8.11 -2.54
C LYS A 36 7.12 6.75 -2.71
N LEU A 37 6.33 5.69 -2.68
CA LEU A 37 6.85 4.34 -2.83
C LEU A 37 7.60 4.19 -4.15
N LEU A 38 7.28 5.05 -5.11
CA LEU A 38 7.94 5.01 -6.42
C LEU A 38 9.46 5.10 -6.27
N ALA A 39 9.92 6.04 -5.45
CA ALA A 39 11.34 6.22 -5.23
C ALA A 39 11.84 5.29 -4.12
N ALA A 40 10.92 4.70 -3.38
CA ALA A 40 11.27 3.78 -2.30
C ALA A 40 11.95 2.54 -2.84
N ALA A 41 11.54 2.11 -4.03
CA ALA A 41 12.11 0.92 -4.66
C ALA A 41 13.51 1.22 -5.21
N THR A 42 14.37 0.22 -5.17
CA THR A 42 15.74 0.37 -5.67
C THR A 42 15.85 -0.12 -7.11
N THR A 43 15.44 -1.36 -7.33
CA THR A 43 15.49 -1.94 -8.67
C THR A 43 14.11 -1.99 -9.32
N THR A 44 14.05 -2.53 -10.53
CA THR A 44 12.79 -2.64 -11.25
C THR A 44 11.85 -3.63 -10.58
N PRO A 45 12.32 -4.88 -10.45
CA PRO A 45 11.54 -5.96 -9.83
C PRO A 45 11.35 -5.75 -8.32
N ASP A 46 12.25 -4.98 -7.73
CA ASP A 46 12.20 -4.70 -6.30
C ASP A 46 10.93 -3.93 -5.95
N ARG A 47 10.35 -3.27 -6.95
CA ARG A 47 9.14 -2.48 -6.74
C ARG A 47 8.02 -3.34 -6.17
N GLN A 48 7.97 -4.60 -6.62
CA GLN A 48 6.94 -5.52 -6.16
C GLN A 48 7.03 -5.73 -4.65
N ALA A 49 8.26 -5.80 -4.14
CA ALA A 49 8.48 -5.99 -2.71
C ALA A 49 7.63 -5.03 -1.89
N ALA A 50 7.49 -3.81 -2.37
CA ALA A 50 6.70 -2.80 -1.68
C ALA A 50 5.26 -3.26 -1.48
N CYS A 51 4.63 -3.70 -2.57
CA CYS A 51 3.26 -4.18 -2.51
C CYS A 51 3.13 -5.38 -1.57
N ASN A 52 4.24 -6.09 -1.38
CA ASN A 52 4.25 -7.26 -0.50
C ASN A 52 4.32 -6.83 0.96
N CYS A 53 5.04 -5.75 1.23
CA CYS A 53 5.18 -5.25 2.60
C CYS A 53 3.84 -4.77 3.14
N LEU A 54 3.07 -4.10 2.29
CA LEU A 54 1.75 -3.59 2.68
C LEU A 54 0.89 -4.71 3.25
N LYS A 55 1.14 -5.93 2.82
CA LYS A 55 0.39 -7.09 3.29
C LYS A 55 0.83 -7.48 4.69
N SER A 56 2.13 -7.47 4.93
CA SER A 56 2.68 -7.83 6.24
C SER A 56 2.45 -6.71 7.25
N ALA A 57 2.94 -5.52 6.92
CA ALA A 57 2.79 -4.36 7.80
C ALA A 57 1.34 -4.17 8.21
N ALA A 58 0.42 -4.51 7.32
CA ALA A 58 -1.00 -4.38 7.59
C ALA A 58 -1.40 -5.18 8.83
N GLY A 59 -0.89 -6.40 8.92
CA GLY A 59 -1.21 -7.25 10.05
C GLY A 59 -0.76 -6.64 11.37
N SER A 60 0.05 -5.60 11.29
CA SER A 60 0.55 -4.93 12.50
C SER A 60 -0.53 -4.04 13.11
N ILE A 61 -1.47 -3.61 12.27
CA ILE A 61 -2.56 -2.74 12.73
C ILE A 61 -3.68 -3.56 13.35
N PRO A 62 -4.16 -3.11 14.52
CA PRO A 62 -5.24 -3.78 15.24
C PRO A 62 -6.58 -3.65 14.53
N LYS A 63 -7.14 -4.79 14.10
CA LYS A 63 -8.42 -4.79 13.41
C LYS A 63 -8.28 -4.18 12.02
N LEU A 64 -7.10 -4.28 11.44
CA LEU A 64 -6.84 -3.73 10.11
C LEU A 64 -7.89 -4.22 9.11
N ASN A 65 -8.12 -3.42 8.07
CA ASN A 65 -9.10 -3.77 7.04
C ASN A 65 -8.45 -3.86 5.68
N THR A 66 -8.08 -5.08 5.28
CA THR A 66 -7.44 -5.31 3.99
C THR A 66 -8.34 -4.86 2.85
N ASN A 67 -9.65 -4.88 3.09
CA ASN A 67 -10.62 -4.47 2.08
C ASN A 67 -10.42 -3.01 1.68
N ASN A 68 -10.13 -2.17 2.67
CA ASN A 68 -9.92 -0.75 2.42
C ASN A 68 -8.65 -0.52 1.62
N ALA A 69 -7.69 -1.43 1.76
CA ALA A 69 -6.43 -1.33 1.05
C ALA A 69 -6.63 -1.38 -0.46
N ALA A 70 -7.73 -2.01 -0.88
CA ALA A 70 -8.05 -2.13 -2.30
C ALA A 70 -8.55 -0.80 -2.85
N ALA A 71 -9.28 -0.06 -2.03
CA ALA A 71 -9.81 1.24 -2.44
C ALA A 71 -8.79 2.35 -2.22
N LEU A 72 -7.73 2.04 -1.50
CA LEU A 72 -6.68 3.01 -1.23
C LEU A 72 -6.21 3.69 -2.51
N PRO A 73 -5.85 2.87 -3.52
CA PRO A 73 -5.38 3.36 -4.81
C PRO A 73 -6.49 4.02 -5.62
N GLY A 74 -7.61 3.32 -5.75
CA GLY A 74 -8.73 3.85 -6.49
C GLY A 74 -9.18 5.20 -5.98
N LYS A 75 -9.53 5.26 -4.70
CA LYS A 75 -9.98 6.51 -4.09
C LYS A 75 -8.92 7.61 -4.24
N CYS A 76 -7.67 7.19 -4.41
CA CYS A 76 -6.57 8.13 -4.56
C CYS A 76 -6.48 8.63 -6.00
N GLY A 77 -6.92 7.80 -6.94
CA GLY A 77 -6.88 8.18 -8.34
C GLY A 77 -5.66 7.63 -9.05
N VAL A 78 -4.88 6.82 -8.34
CA VAL A 78 -3.67 6.23 -8.91
C VAL A 78 -3.98 4.90 -9.60
N SER A 79 -3.36 4.68 -10.76
CA SER A 79 -3.57 3.46 -11.51
C SER A 79 -2.39 2.51 -11.35
N ILE A 80 -2.65 1.21 -11.50
CA ILE A 80 -1.60 0.21 -11.37
C ILE A 80 -1.96 -1.05 -12.14
N PRO A 81 -0.94 -1.84 -12.50
CA PRO A 81 -1.11 -3.09 -13.24
C PRO A 81 -1.78 -4.17 -12.40
N TYR A 82 -1.74 -4.01 -11.09
CA TYR A 82 -2.35 -4.98 -10.18
C TYR A 82 -3.30 -4.29 -9.22
N LYS A 83 -3.79 -5.05 -8.24
CA LYS A 83 -4.72 -4.51 -7.25
C LYS A 83 -4.29 -4.91 -5.84
N ILE A 84 -4.60 -4.06 -4.86
CA ILE A 84 -4.25 -4.31 -3.47
C ILE A 84 -5.30 -5.19 -2.80
N SER A 85 -5.01 -6.48 -2.70
CA SER A 85 -5.93 -7.43 -2.08
C SER A 85 -5.16 -8.59 -1.45
N THR A 86 -5.60 -8.99 -0.25
CA THR A 86 -4.95 -10.08 0.47
C THR A 86 -5.10 -11.40 -0.29
N SER A 87 -6.07 -11.45 -1.19
CA SER A 87 -6.32 -12.65 -1.99
C SER A 87 -5.56 -12.60 -3.31
N THR A 88 -5.25 -11.39 -3.75
CA THR A 88 -4.52 -11.20 -5.01
C THR A 88 -3.03 -11.44 -4.81
N ASN A 89 -2.42 -12.15 -5.75
CA ASN A 89 -0.99 -12.45 -5.68
C ASN A 89 -0.19 -11.36 -6.38
N CYS A 90 0.26 -10.37 -5.62
CA CYS A 90 1.04 -9.26 -6.17
C CYS A 90 2.37 -9.77 -6.72
N ASN A 91 2.73 -10.99 -6.35
CA ASN A 91 3.98 -11.59 -6.81
C ASN A 91 3.89 -11.99 -8.28
N THR A 92 2.68 -11.90 -8.83
CA THR A 92 2.45 -12.24 -10.23
C THR A 92 2.77 -11.08 -11.16
N VAL A 93 2.94 -9.90 -10.57
CA VAL A 93 3.25 -8.70 -11.33
C VAL A 93 4.48 -8.90 -12.20
N ARG A 94 4.48 -8.30 -13.39
CA ARG A 94 5.59 -8.42 -14.31
C ARG A 94 6.78 -7.57 -13.85
N PHE A 95 7.98 -8.11 -14.00
CA PHE A 95 9.19 -7.39 -13.60
C PHE A 95 9.04 -6.83 -12.19
#